data_5BZE
# 
_entry.id   5BZE 
# 
_audit_conform.dict_name       mmcif_pdbx.dic 
_audit_conform.dict_version    5.397 
_audit_conform.dict_location   http://mmcif.pdb.org/dictionaries/ascii/mmcif_pdbx.dic 
# 
loop_
_database_2.database_id 
_database_2.database_code 
_database_2.pdbx_database_accession 
_database_2.pdbx_DOI 
PDB   5BZE         pdb_00005bze 10.2210/pdb5bze/pdb 
WWPDB D_1000210178 ?            ?                   
# 
loop_
_pdbx_audit_revision_history.ordinal 
_pdbx_audit_revision_history.data_content_type 
_pdbx_audit_revision_history.major_revision 
_pdbx_audit_revision_history.minor_revision 
_pdbx_audit_revision_history.revision_date 
1 'Structure model' 1 0 2016-06-29 
2 'Structure model' 1 1 2024-10-16 
# 
_pdbx_audit_revision_details.ordinal             1 
_pdbx_audit_revision_details.revision_ordinal    1 
_pdbx_audit_revision_details.data_content_type   'Structure model' 
_pdbx_audit_revision_details.provider            repository 
_pdbx_audit_revision_details.type                'Initial release' 
_pdbx_audit_revision_details.description         ? 
_pdbx_audit_revision_details.details             ? 
# 
loop_
_pdbx_audit_revision_group.ordinal 
_pdbx_audit_revision_group.revision_ordinal 
_pdbx_audit_revision_group.data_content_type 
_pdbx_audit_revision_group.group 
1 2 'Structure model' 'Data collection'      
2 2 'Structure model' 'Database references'  
3 2 'Structure model' 'Derived calculations' 
4 2 'Structure model' 'Structure summary'    
# 
loop_
_pdbx_audit_revision_category.ordinal 
_pdbx_audit_revision_category.revision_ordinal 
_pdbx_audit_revision_category.data_content_type 
_pdbx_audit_revision_category.category 
1 2 'Structure model' chem_comp_atom            
2 2 'Structure model' chem_comp_bond            
3 2 'Structure model' citation                  
4 2 'Structure model' database_2                
5 2 'Structure model' pdbx_entry_details        
6 2 'Structure model' pdbx_modification_feature 
7 2 'Structure model' pdbx_struct_oper_list     
# 
loop_
_pdbx_audit_revision_item.ordinal 
_pdbx_audit_revision_item.revision_ordinal 
_pdbx_audit_revision_item.data_content_type 
_pdbx_audit_revision_item.item 
1 2 'Structure model' '_citation.journal_id_CSD'                  
2 2 'Structure model' '_database_2.pdbx_DOI'                      
3 2 'Structure model' '_database_2.pdbx_database_accession'       
4 2 'Structure model' '_pdbx_struct_oper_list.symmetry_operation' 
# 
_pdbx_database_status.status_code                     REL 
_pdbx_database_status.status_code_sf                  REL 
_pdbx_database_status.status_code_mr                  ? 
_pdbx_database_status.entry_id                        5BZE 
_pdbx_database_status.recvd_initial_deposition_date   2015-06-11 
_pdbx_database_status.SG_entry                        N 
_pdbx_database_status.deposit_site                    RCSB 
_pdbx_database_status.process_site                    RCSB 
_pdbx_database_status.status_code_cs                  ? 
_pdbx_database_status.methods_development_category    ? 
_pdbx_database_status.pdb_format_compatible           Y 
_pdbx_database_status.status_code_nmr_data            ? 
# 
loop_
_pdbx_database_related.db_name 
_pdbx_database_related.details 
_pdbx_database_related.db_id 
_pdbx_database_related.content_type 
PDB . 5BZC unspecified 
PDB . 5BZF unspecified 
PDB . 5BZG unspecified 
PDB . 5BZH unspecified 
PDB . 5BZI unspecified 
PDB . 5BZJ unspecified 
PDB . 5BZM unspecified 
PDB . 5BZN unspecified 
PDB . 5BZO unspecified 
PDB . 5BZQ unspecified 
PDB . 5BZP unspecified 
PDB . 5BZR unspecified 
PDB . 5BZS unspecified 
PDB . 5BZT unspecified 
# 
loop_
_audit_author.name 
_audit_author.pdbx_ordinal 
'Liu, L.K.'    1 
'Finzel, B.C.' 2 
# 
_citation.abstract                  ? 
_citation.abstract_id_CAS           ? 
_citation.book_id_ISBN              ? 
_citation.book_publisher            ? 
_citation.book_publisher_city       ? 
_citation.book_title                ? 
_citation.coordinate_linkage        ? 
_citation.country                   ? 
_citation.database_id_Medline       ? 
_citation.details                   ? 
_citation.id                        primary 
_citation.journal_abbrev            'To Be Published' 
_citation.journal_id_ASTM           ? 
_citation.journal_id_CSD            0353 
_citation.journal_id_ISSN           ? 
_citation.journal_full              ? 
_citation.journal_issue             ? 
_citation.journal_volume            ? 
_citation.language                  ? 
_citation.page_first                ? 
_citation.page_last                 ? 
_citation.title                     'Crystal structure of the murine cd44 hyaluronan binding domain complex with a small molecule' 
_citation.year                      ? 
_citation.database_id_CSD           ? 
_citation.pdbx_database_id_DOI      ? 
_citation.pdbx_database_id_PubMed   ? 
_citation.unpublished_flag          ? 
# 
loop_
_citation_author.citation_id 
_citation_author.name 
_citation_author.ordinal 
_citation_author.identifier_ORCID 
primary 'Liu, L.K.'    1 ? 
primary 'Finzel, B.C.' 2 ? 
# 
loop_
_entity.id 
_entity.type 
_entity.src_method 
_entity.pdbx_description 
_entity.formula_weight 
_entity.pdbx_number_of_molecules 
_entity.pdbx_ec 
_entity.pdbx_mutation 
_entity.pdbx_fragment 
_entity.details 
1 polymer     man 'CD44 antigen'                                      16855.803 1   ? 'H23M; Q24N' 
'HYALURONAN BINDING DOMAIN, RESIDUES 21-171' ? 
2 non-polymer syn 'DIMETHYL SULFOXIDE'                                78.133    1   ? ?            ? ? 
3 non-polymer syn 'SULFATE ION'                                       96.063    1   ? ?            ? ? 
4 non-polymer syn '[(1S)-1,2,3,4-tetrahydroisoquinolin-1-yl]methanol' 163.216   1   ? ?            ? ? 
5 non-polymer syn '[(1R)-1,2,3,4-tetrahydroisoquinolin-1-yl]methanol' 163.216   1   ? ?            ? ? 
6 water       nat water                                               18.015    106 ? ?            ? ? 
# 
_entity_name_com.entity_id   1 
_entity_name_com.name        
;Extracellular matrix receptor III,ECMR-III,GP90 lymphocyte homing/adhesion receptor,HUTCH-I,Hermes antigen,Hyaluronate receptor,Lymphocyte antigen 24,Ly-24,Phagocytic glycoprotein 1,PGP-1,Phagocytic glycoprotein I,PGP-I
;
# 
_entity_poly.entity_id                      1 
_entity_poly.type                           'polypeptide(L)' 
_entity_poly.nstd_linkage                   no 
_entity_poly.nstd_monomer                   no 
_entity_poly.pdbx_seq_one_letter_code       
;MNQIDLNVTCRYAGVFHVEKNGRYSISRTEAADLCQAFNSTLPTMDQMKLALSKGFETCRYGFIEGNVVIPRIHPNAICA
ANHTGVYILVTSNTSHYDTYCFNASAPPEEDCTSVTDLPNSFDGPVTITIVNRDGTRYSKKGEYRTHQEDI
;
_entity_poly.pdbx_seq_one_letter_code_can   
;MNQIDLNVTCRYAGVFHVEKNGRYSISRTEAADLCQAFNSTLPTMDQMKLALSKGFETCRYGFIEGNVVIPRIHPNAICA
ANHTGVYILVTSNTSHYDTYCFNASAPPEEDCTSVTDLPNSFDGPVTITIVNRDGTRYSKKGEYRTHQEDI
;
_entity_poly.pdbx_strand_id                 A 
_entity_poly.pdbx_target_identifier         ? 
# 
loop_
_pdbx_entity_nonpoly.entity_id 
_pdbx_entity_nonpoly.name 
_pdbx_entity_nonpoly.comp_id 
2 'DIMETHYL SULFOXIDE'                                DMS 
3 'SULFATE ION'                                       SO4 
4 '[(1S)-1,2,3,4-tetrahydroisoquinolin-1-yl]methanol' 68N 
5 '[(1R)-1,2,3,4-tetrahydroisoquinolin-1-yl]methanol' 6BT 
6 water                                               HOH 
# 
loop_
_entity_poly_seq.entity_id 
_entity_poly_seq.num 
_entity_poly_seq.mon_id 
_entity_poly_seq.hetero 
1 1   MET n 
1 2   ASN n 
1 3   GLN n 
1 4   ILE n 
1 5   ASP n 
1 6   LEU n 
1 7   ASN n 
1 8   VAL n 
1 9   THR n 
1 10  CYS n 
1 11  ARG n 
1 12  TYR n 
1 13  ALA n 
1 14  GLY n 
1 15  VAL n 
1 16  PHE n 
1 17  HIS n 
1 18  VAL n 
1 19  GLU n 
1 20  LYS n 
1 21  ASN n 
1 22  GLY n 
1 23  ARG n 
1 24  TYR n 
1 25  SER n 
1 26  ILE n 
1 27  SER n 
1 28  ARG n 
1 29  THR n 
1 30  GLU n 
1 31  ALA n 
1 32  ALA n 
1 33  ASP n 
1 34  LEU n 
1 35  CYS n 
1 36  GLN n 
1 37  ALA n 
1 38  PHE n 
1 39  ASN n 
1 40  SER n 
1 41  THR n 
1 42  LEU n 
1 43  PRO n 
1 44  THR n 
1 45  MET n 
1 46  ASP n 
1 47  GLN n 
1 48  MET n 
1 49  LYS n 
1 50  LEU n 
1 51  ALA n 
1 52  LEU n 
1 53  SER n 
1 54  LYS n 
1 55  GLY n 
1 56  PHE n 
1 57  GLU n 
1 58  THR n 
1 59  CYS n 
1 60  ARG n 
1 61  TYR n 
1 62  GLY n 
1 63  PHE n 
1 64  ILE n 
1 65  GLU n 
1 66  GLY n 
1 67  ASN n 
1 68  VAL n 
1 69  VAL n 
1 70  ILE n 
1 71  PRO n 
1 72  ARG n 
1 73  ILE n 
1 74  HIS n 
1 75  PRO n 
1 76  ASN n 
1 77  ALA n 
1 78  ILE n 
1 79  CYS n 
1 80  ALA n 
1 81  ALA n 
1 82  ASN n 
1 83  HIS n 
1 84  THR n 
1 85  GLY n 
1 86  VAL n 
1 87  TYR n 
1 88  ILE n 
1 89  LEU n 
1 90  VAL n 
1 91  THR n 
1 92  SER n 
1 93  ASN n 
1 94  THR n 
1 95  SER n 
1 96  HIS n 
1 97  TYR n 
1 98  ASP n 
1 99  THR n 
1 100 TYR n 
1 101 CYS n 
1 102 PHE n 
1 103 ASN n 
1 104 ALA n 
1 105 SER n 
1 106 ALA n 
1 107 PRO n 
1 108 PRO n 
1 109 GLU n 
1 110 GLU n 
1 111 ASP n 
1 112 CYS n 
1 113 THR n 
1 114 SER n 
1 115 VAL n 
1 116 THR n 
1 117 ASP n 
1 118 LEU n 
1 119 PRO n 
1 120 ASN n 
1 121 SER n 
1 122 PHE n 
1 123 ASP n 
1 124 GLY n 
1 125 PRO n 
1 126 VAL n 
1 127 THR n 
1 128 ILE n 
1 129 THR n 
1 130 ILE n 
1 131 VAL n 
1 132 ASN n 
1 133 ARG n 
1 134 ASP n 
1 135 GLY n 
1 136 THR n 
1 137 ARG n 
1 138 TYR n 
1 139 SER n 
1 140 LYS n 
1 141 LYS n 
1 142 GLY n 
1 143 GLU n 
1 144 TYR n 
1 145 ARG n 
1 146 THR n 
1 147 HIS n 
1 148 GLN n 
1 149 GLU n 
1 150 ASP n 
1 151 ILE n 
# 
_entity_src_gen.entity_id                          1 
_entity_src_gen.pdbx_src_id                        1 
_entity_src_gen.pdbx_alt_source_flag               sample 
_entity_src_gen.pdbx_seq_type                      'Biological sequence' 
_entity_src_gen.pdbx_beg_seq_num                   1 
_entity_src_gen.pdbx_end_seq_num                   151 
_entity_src_gen.gene_src_common_name               Mouse 
_entity_src_gen.gene_src_genus                     ? 
_entity_src_gen.pdbx_gene_src_gene                 'Cd44, Ly-24' 
_entity_src_gen.gene_src_species                   ? 
_entity_src_gen.gene_src_strain                    ? 
_entity_src_gen.gene_src_tissue                    ? 
_entity_src_gen.gene_src_tissue_fraction           ? 
_entity_src_gen.gene_src_details                   ? 
_entity_src_gen.pdbx_gene_src_fragment             ? 
_entity_src_gen.pdbx_gene_src_scientific_name      'Mus musculus' 
_entity_src_gen.pdbx_gene_src_ncbi_taxonomy_id     10090 
_entity_src_gen.pdbx_gene_src_variant              ? 
_entity_src_gen.pdbx_gene_src_cell_line            ? 
_entity_src_gen.pdbx_gene_src_atcc                 ? 
_entity_src_gen.pdbx_gene_src_organ                ? 
_entity_src_gen.pdbx_gene_src_organelle            ? 
_entity_src_gen.pdbx_gene_src_cell                 ? 
_entity_src_gen.pdbx_gene_src_cellular_location    ? 
_entity_src_gen.host_org_common_name               ? 
_entity_src_gen.pdbx_host_org_scientific_name      'Escherichia coli' 
_entity_src_gen.pdbx_host_org_ncbi_taxonomy_id     469008 
_entity_src_gen.host_org_genus                     ? 
_entity_src_gen.pdbx_host_org_gene                 ? 
_entity_src_gen.pdbx_host_org_organ                ? 
_entity_src_gen.host_org_species                   ? 
_entity_src_gen.pdbx_host_org_tissue               ? 
_entity_src_gen.pdbx_host_org_tissue_fraction      ? 
_entity_src_gen.pdbx_host_org_strain               'BL21(DE3)' 
_entity_src_gen.pdbx_host_org_variant              ? 
_entity_src_gen.pdbx_host_org_cell_line            ? 
_entity_src_gen.pdbx_host_org_atcc                 ? 
_entity_src_gen.pdbx_host_org_culture_collection   ? 
_entity_src_gen.pdbx_host_org_cell                 ? 
_entity_src_gen.pdbx_host_org_organelle            ? 
_entity_src_gen.pdbx_host_org_cellular_location    ? 
_entity_src_gen.pdbx_host_org_vector_type          plasmid 
_entity_src_gen.pdbx_host_org_vector               ? 
_entity_src_gen.host_org_details                   ? 
_entity_src_gen.expression_system_id               ? 
_entity_src_gen.plasmid_name                       pMCSG7 
_entity_src_gen.plasmid_details                    ? 
_entity_src_gen.pdbx_description                   ? 
# 
loop_
_chem_comp.id 
_chem_comp.type 
_chem_comp.mon_nstd_flag 
_chem_comp.name 
_chem_comp.pdbx_synonyms 
_chem_comp.formula 
_chem_comp.formula_weight 
68N non-polymer         . '[(1S)-1,2,3,4-tetrahydroisoquinolin-1-yl]methanol' ? 'C10 H13 N O'    163.216 
6BT non-polymer         . '[(1R)-1,2,3,4-tetrahydroisoquinolin-1-yl]methanol' ? 'C10 H13 N O'    163.216 
ALA 'L-peptide linking' y ALANINE                                             ? 'C3 H7 N O2'     89.093  
ARG 'L-peptide linking' y ARGININE                                            ? 'C6 H15 N4 O2 1' 175.209 
ASN 'L-peptide linking' y ASPARAGINE                                          ? 'C4 H8 N2 O3'    132.118 
ASP 'L-peptide linking' y 'ASPARTIC ACID'                                     ? 'C4 H7 N O4'     133.103 
CYS 'L-peptide linking' y CYSTEINE                                            ? 'C3 H7 N O2 S'   121.158 
DMS non-polymer         . 'DIMETHYL SULFOXIDE'                                ? 'C2 H6 O S'      78.133  
GLN 'L-peptide linking' y GLUTAMINE                                           ? 'C5 H10 N2 O3'   146.144 
GLU 'L-peptide linking' y 'GLUTAMIC ACID'                                     ? 'C5 H9 N O4'     147.129 
GLY 'peptide linking'   y GLYCINE                                             ? 'C2 H5 N O2'     75.067  
HIS 'L-peptide linking' y HISTIDINE                                           ? 'C6 H10 N3 O2 1' 156.162 
HOH non-polymer         . WATER                                               ? 'H2 O'           18.015  
ILE 'L-peptide linking' y ISOLEUCINE                                          ? 'C6 H13 N O2'    131.173 
LEU 'L-peptide linking' y LEUCINE                                             ? 'C6 H13 N O2'    131.173 
LYS 'L-peptide linking' y LYSINE                                              ? 'C6 H15 N2 O2 1' 147.195 
MET 'L-peptide linking' y METHIONINE                                          ? 'C5 H11 N O2 S'  149.211 
PHE 'L-peptide linking' y PHENYLALANINE                                       ? 'C9 H11 N O2'    165.189 
PRO 'L-peptide linking' y PROLINE                                             ? 'C5 H9 N O2'     115.130 
SER 'L-peptide linking' y SERINE                                              ? 'C3 H7 N O3'     105.093 
SO4 non-polymer         . 'SULFATE ION'                                       ? 'O4 S -2'        96.063  
THR 'L-peptide linking' y THREONINE                                           ? 'C4 H9 N O3'     119.119 
TYR 'L-peptide linking' y TYROSINE                                            ? 'C9 H11 N O3'    181.189 
VAL 'L-peptide linking' y VALINE                                              ? 'C5 H11 N O2'    117.146 
# 
loop_
_pdbx_poly_seq_scheme.asym_id 
_pdbx_poly_seq_scheme.entity_id 
_pdbx_poly_seq_scheme.seq_id 
_pdbx_poly_seq_scheme.mon_id 
_pdbx_poly_seq_scheme.ndb_seq_num 
_pdbx_poly_seq_scheme.pdb_seq_num 
_pdbx_poly_seq_scheme.auth_seq_num 
_pdbx_poly_seq_scheme.pdb_mon_id 
_pdbx_poly_seq_scheme.auth_mon_id 
_pdbx_poly_seq_scheme.pdb_strand_id 
_pdbx_poly_seq_scheme.pdb_ins_code 
_pdbx_poly_seq_scheme.hetero 
A 1 1   MET 1   23  ?   ?   ?   A . n 
A 1 2   ASN 2   24  24  ASN ASN A . n 
A 1 3   GLN 3   25  25  GLN GLN A . n 
A 1 4   ILE 4   26  26  ILE ILE A . n 
A 1 5   ASP 5   27  27  ASP ASP A . n 
A 1 6   LEU 6   28  28  LEU LEU A . n 
A 1 7   ASN 7   29  29  ASN ASN A . n 
A 1 8   VAL 8   30  30  VAL VAL A . n 
A 1 9   THR 9   31  31  THR THR A . n 
A 1 10  CYS 10  32  32  CYS CYS A . n 
A 1 11  ARG 11  33  33  ARG ARG A . n 
A 1 12  TYR 12  34  34  TYR TYR A . n 
A 1 13  ALA 13  35  35  ALA ALA A . n 
A 1 14  GLY 14  36  36  GLY GLY A . n 
A 1 15  VAL 15  37  37  VAL VAL A . n 
A 1 16  PHE 16  38  38  PHE PHE A . n 
A 1 17  HIS 17  39  39  HIS HIS A . n 
A 1 18  VAL 18  40  40  VAL VAL A . n 
A 1 19  GLU 19  41  41  GLU GLU A . n 
A 1 20  LYS 20  42  42  LYS LYS A . n 
A 1 21  ASN 21  43  43  ASN ASN A . n 
A 1 22  GLY 22  44  44  GLY GLY A . n 
A 1 23  ARG 23  45  45  ARG ARG A . n 
A 1 24  TYR 24  46  46  TYR TYR A . n 
A 1 25  SER 25  47  47  SER SER A . n 
A 1 26  ILE 26  48  48  ILE ILE A . n 
A 1 27  SER 27  49  49  SER SER A . n 
A 1 28  ARG 28  50  50  ARG ARG A . n 
A 1 29  THR 29  51  51  THR THR A . n 
A 1 30  GLU 30  52  52  GLU GLU A . n 
A 1 31  ALA 31  53  53  ALA ALA A . n 
A 1 32  ALA 32  54  54  ALA ALA A . n 
A 1 33  ASP 33  55  55  ASP ASP A . n 
A 1 34  LEU 34  56  56  LEU LEU A . n 
A 1 35  CYS 35  57  57  CYS CYS A . n 
A 1 36  GLN 36  58  58  GLN GLN A . n 
A 1 37  ALA 37  59  59  ALA ALA A . n 
A 1 38  PHE 38  60  60  PHE PHE A . n 
A 1 39  ASN 39  61  61  ASN ASN A . n 
A 1 40  SER 40  62  62  SER SER A . n 
A 1 41  THR 41  63  63  THR THR A . n 
A 1 42  LEU 42  64  64  LEU LEU A . n 
A 1 43  PRO 43  65  65  PRO PRO A . n 
A 1 44  THR 44  66  66  THR THR A . n 
A 1 45  MET 45  67  67  MET MET A . n 
A 1 46  ASP 46  68  68  ASP ASP A . n 
A 1 47  GLN 47  69  69  GLN GLN A . n 
A 1 48  MET 48  70  70  MET MET A . n 
A 1 49  LYS 49  71  71  LYS LYS A . n 
A 1 50  LEU 50  72  72  LEU LEU A . n 
A 1 51  ALA 51  73  73  ALA ALA A . n 
A 1 52  LEU 52  74  74  LEU LEU A . n 
A 1 53  SER 53  75  75  SER SER A . n 
A 1 54  LYS 54  76  76  LYS LYS A . n 
A 1 55  GLY 55  77  77  GLY GLY A . n 
A 1 56  PHE 56  78  78  PHE PHE A . n 
A 1 57  GLU 57  79  79  GLU GLU A . n 
A 1 58  THR 58  80  80  THR THR A . n 
A 1 59  CYS 59  81  81  CYS CYS A . n 
A 1 60  ARG 60  82  82  ARG ARG A . n 
A 1 61  TYR 61  83  83  TYR TYR A . n 
A 1 62  GLY 62  84  84  GLY GLY A . n 
A 1 63  PHE 63  85  85  PHE PHE A . n 
A 1 64  ILE 64  86  86  ILE ILE A . n 
A 1 65  GLU 65  87  87  GLU GLU A . n 
A 1 66  GLY 66  88  88  GLY GLY A . n 
A 1 67  ASN 67  89  89  ASN ASN A . n 
A 1 68  VAL 68  90  90  VAL VAL A . n 
A 1 69  VAL 69  91  91  VAL VAL A . n 
A 1 70  ILE 70  92  92  ILE ILE A . n 
A 1 71  PRO 71  93  93  PRO PRO A . n 
A 1 72  ARG 72  94  94  ARG ARG A . n 
A 1 73  ILE 73  95  95  ILE ILE A . n 
A 1 74  HIS 74  96  96  HIS HIS A . n 
A 1 75  PRO 75  97  97  PRO PRO A . n 
A 1 76  ASN 76  98  98  ASN ASN A . n 
A 1 77  ALA 77  99  99  ALA ALA A . n 
A 1 78  ILE 78  100 100 ILE ILE A . n 
A 1 79  CYS 79  101 101 CYS CYS A . n 
A 1 80  ALA 80  102 102 ALA ALA A . n 
A 1 81  ALA 81  103 103 ALA ALA A . n 
A 1 82  ASN 82  104 104 ASN ASN A . n 
A 1 83  HIS 83  105 105 HIS HIS A . n 
A 1 84  THR 84  106 106 THR THR A . n 
A 1 85  GLY 85  107 107 GLY GLY A . n 
A 1 86  VAL 86  108 108 VAL VAL A . n 
A 1 87  TYR 87  109 109 TYR TYR A . n 
A 1 88  ILE 88  110 110 ILE ILE A . n 
A 1 89  LEU 89  111 111 LEU LEU A . n 
A 1 90  VAL 90  112 112 VAL VAL A . n 
A 1 91  THR 91  113 113 THR THR A . n 
A 1 92  SER 92  114 114 SER SER A . n 
A 1 93  ASN 93  115 115 ASN ASN A . n 
A 1 94  THR 94  116 116 THR THR A . n 
A 1 95  SER 95  117 117 SER SER A . n 
A 1 96  HIS 96  118 118 HIS HIS A . n 
A 1 97  TYR 97  119 119 TYR TYR A . n 
A 1 98  ASP 98  120 120 ASP ASP A . n 
A 1 99  THR 99  121 121 THR THR A . n 
A 1 100 TYR 100 122 122 TYR TYR A . n 
A 1 101 CYS 101 123 123 CYS CYS A . n 
A 1 102 PHE 102 124 124 PHE PHE A . n 
A 1 103 ASN 103 125 125 ASN ASN A . n 
A 1 104 ALA 104 126 126 ALA ALA A . n 
A 1 105 SER 105 127 127 SER SER A . n 
A 1 106 ALA 106 128 128 ALA ALA A . n 
A 1 107 PRO 107 129 129 PRO PRO A . n 
A 1 108 PRO 108 130 130 PRO PRO A . n 
A 1 109 GLU 109 131 131 GLU GLU A . n 
A 1 110 GLU 110 132 132 GLU GLU A . n 
A 1 111 ASP 111 133 133 ASP ASP A . n 
A 1 112 CYS 112 134 134 CYS CYS A . n 
A 1 113 THR 113 135 135 THR THR A . n 
A 1 114 SER 114 136 136 SER SER A . n 
A 1 115 VAL 115 137 137 VAL VAL A . n 
A 1 116 THR 116 138 138 THR THR A . n 
A 1 117 ASP 117 139 139 ASP ASP A . n 
A 1 118 LEU 118 140 140 LEU LEU A . n 
A 1 119 PRO 119 141 141 PRO PRO A . n 
A 1 120 ASN 120 142 142 ASN ASN A . n 
A 1 121 SER 121 143 143 SER SER A . n 
A 1 122 PHE 122 144 144 PHE PHE A . n 
A 1 123 ASP 123 145 145 ASP ASP A . n 
A 1 124 GLY 124 146 146 GLY GLY A . n 
A 1 125 PRO 125 147 147 PRO PRO A . n 
A 1 126 VAL 126 148 148 VAL VAL A . n 
A 1 127 THR 127 149 149 THR THR A . n 
A 1 128 ILE 128 150 150 ILE ILE A . n 
A 1 129 THR 129 151 151 THR THR A . n 
A 1 130 ILE 130 152 152 ILE ILE A . n 
A 1 131 VAL 131 153 153 VAL VAL A . n 
A 1 132 ASN 132 154 154 ASN ASN A . n 
A 1 133 ARG 133 155 155 ARG ARG A . n 
A 1 134 ASP 134 156 156 ASP ASP A . n 
A 1 135 GLY 135 157 157 GLY GLY A . n 
A 1 136 THR 136 158 158 THR THR A . n 
A 1 137 ARG 137 159 159 ARG ARG A . n 
A 1 138 TYR 138 160 160 TYR TYR A . n 
A 1 139 SER 139 161 161 SER SER A . n 
A 1 140 LYS 140 162 162 LYS LYS A . n 
A 1 141 LYS 141 163 163 LYS LYS A . n 
A 1 142 GLY 142 164 164 GLY GLY A . n 
A 1 143 GLU 143 165 165 GLU GLU A . n 
A 1 144 TYR 144 166 166 TYR TYR A . n 
A 1 145 ARG 145 167 167 ARG ARG A . n 
A 1 146 THR 146 168 168 THR THR A . n 
A 1 147 HIS 147 169 169 HIS HIS A . n 
A 1 148 GLN 148 170 170 GLN GLN A . n 
A 1 149 GLU 149 171 171 GLU GLU A . n 
A 1 150 ASP 150 172 172 ASP ASP A . n 
A 1 151 ILE 151 173 173 ILE ILE A . n 
# 
loop_
_pdbx_nonpoly_scheme.asym_id 
_pdbx_nonpoly_scheme.entity_id 
_pdbx_nonpoly_scheme.mon_id 
_pdbx_nonpoly_scheme.ndb_seq_num 
_pdbx_nonpoly_scheme.pdb_seq_num 
_pdbx_nonpoly_scheme.auth_seq_num 
_pdbx_nonpoly_scheme.pdb_mon_id 
_pdbx_nonpoly_scheme.auth_mon_id 
_pdbx_nonpoly_scheme.pdb_strand_id 
_pdbx_nonpoly_scheme.pdb_ins_code 
B 2 DMS 1   201 1   DMS DMS A . 
C 3 SO4 1   202 1   SO4 SO4 A . 
D 4 68N 1   203 1   68N ZZZ A . 
E 5 6BT 1   204 1   6BT 65N A . 
F 6 HOH 1   301 89  HOH HOH A . 
F 6 HOH 2   302 100 HOH HOH A . 
F 6 HOH 3   303 91  HOH HOH A . 
F 6 HOH 4   304 98  HOH HOH A . 
F 6 HOH 5   305 93  HOH HOH A . 
F 6 HOH 6   306 92  HOH HOH A . 
F 6 HOH 7   307 39  HOH HOH A . 
F 6 HOH 8   308 59  HOH HOH A . 
F 6 HOH 9   309 10  HOH HOH A . 
F 6 HOH 10  310 55  HOH HOH A . 
F 6 HOH 11  311 14  HOH HOH A . 
F 6 HOH 12  312 104 HOH HOH A . 
F 6 HOH 13  313 17  HOH HOH A . 
F 6 HOH 14  314 31  HOH HOH A . 
F 6 HOH 15  315 74  HOH HOH A . 
F 6 HOH 16  316 60  HOH HOH A . 
F 6 HOH 17  317 83  HOH HOH A . 
F 6 HOH 18  318 13  HOH HOH A . 
F 6 HOH 19  319 18  HOH HOH A . 
F 6 HOH 20  320 26  HOH HOH A . 
F 6 HOH 21  321 79  HOH HOH A . 
F 6 HOH 22  322 11  HOH HOH A . 
F 6 HOH 23  323 3   HOH HOH A . 
F 6 HOH 24  324 75  HOH HOH A . 
F 6 HOH 25  325 72  HOH HOH A . 
F 6 HOH 26  326 61  HOH HOH A . 
F 6 HOH 27  327 6   HOH HOH A . 
F 6 HOH 28  328 85  HOH HOH A . 
F 6 HOH 29  329 7   HOH HOH A . 
F 6 HOH 30  330 38  HOH HOH A . 
F 6 HOH 31  331 32  HOH HOH A . 
F 6 HOH 32  332 105 HOH HOH A . 
F 6 HOH 33  333 8   HOH HOH A . 
F 6 HOH 34  334 27  HOH HOH A . 
F 6 HOH 35  335 2   HOH HOH A . 
F 6 HOH 36  336 1   HOH HOH A . 
F 6 HOH 37  337 49  HOH HOH A . 
F 6 HOH 38  338 86  HOH HOH A . 
F 6 HOH 39  339 35  HOH HOH A . 
F 6 HOH 40  340 19  HOH HOH A . 
F 6 HOH 41  341 21  HOH HOH A . 
F 6 HOH 42  342 40  HOH HOH A . 
F 6 HOH 43  343 16  HOH HOH A . 
F 6 HOH 44  344 5   HOH HOH A . 
F 6 HOH 45  345 90  HOH HOH A . 
F 6 HOH 46  346 41  HOH HOH A . 
F 6 HOH 47  347 65  HOH HOH A . 
F 6 HOH 48  348 70  HOH HOH A . 
F 6 HOH 49  349 45  HOH HOH A . 
F 6 HOH 50  350 96  HOH HOH A . 
F 6 HOH 51  351 51  HOH HOH A . 
F 6 HOH 52  352 34  HOH HOH A . 
F 6 HOH 53  353 77  HOH HOH A . 
F 6 HOH 54  354 69  HOH HOH A . 
F 6 HOH 55  355 63  HOH HOH A . 
F 6 HOH 56  356 36  HOH HOH A . 
F 6 HOH 57  357 81  HOH HOH A . 
F 6 HOH 58  358 23  HOH HOH A . 
F 6 HOH 59  359 20  HOH HOH A . 
F 6 HOH 60  360 97  HOH HOH A . 
F 6 HOH 61  361 94  HOH HOH A . 
F 6 HOH 62  362 57  HOH HOH A . 
F 6 HOH 63  363 50  HOH HOH A . 
F 6 HOH 64  364 73  HOH HOH A . 
F 6 HOH 65  365 67  HOH HOH A . 
F 6 HOH 66  366 37  HOH HOH A . 
F 6 HOH 67  367 30  HOH HOH A . 
F 6 HOH 68  368 88  HOH HOH A . 
F 6 HOH 69  369 43  HOH HOH A . 
F 6 HOH 70  370 29  HOH HOH A . 
F 6 HOH 71  371 62  HOH HOH A . 
F 6 HOH 72  372 102 HOH HOH A . 
F 6 HOH 73  373 56  HOH HOH A . 
F 6 HOH 74  374 64  HOH HOH A . 
F 6 HOH 75  375 33  HOH HOH A . 
F 6 HOH 76  376 42  HOH HOH A . 
F 6 HOH 77  377 66  HOH HOH A . 
F 6 HOH 78  378 103 HOH HOH A . 
F 6 HOH 79  379 46  HOH HOH A . 
F 6 HOH 80  380 25  HOH HOH A . 
F 6 HOH 81  381 106 HOH HOH A . 
F 6 HOH 82  382 24  HOH HOH A . 
F 6 HOH 83  383 9   HOH HOH A . 
F 6 HOH 84  384 80  HOH HOH A . 
F 6 HOH 85  385 71  HOH HOH A . 
F 6 HOH 86  386 12  HOH HOH A . 
F 6 HOH 87  387 95  HOH HOH A . 
F 6 HOH 88  388 76  HOH HOH A . 
F 6 HOH 89  389 82  HOH HOH A . 
F 6 HOH 90  390 15  HOH HOH A . 
F 6 HOH 91  391 4   HOH HOH A . 
F 6 HOH 92  392 22  HOH HOH A . 
F 6 HOH 93  393 47  HOH HOH A . 
F 6 HOH 94  394 53  HOH HOH A . 
F 6 HOH 95  395 54  HOH HOH A . 
F 6 HOH 96  396 101 HOH HOH A . 
F 6 HOH 97  397 84  HOH HOH A . 
F 6 HOH 98  398 68  HOH HOH A . 
F 6 HOH 99  399 58  HOH HOH A . 
F 6 HOH 100 400 52  HOH HOH A . 
F 6 HOH 101 401 48  HOH HOH A . 
F 6 HOH 102 402 28  HOH HOH A . 
F 6 HOH 103 403 99  HOH HOH A . 
F 6 HOH 104 404 78  HOH HOH A . 
F 6 HOH 105 405 44  HOH HOH A . 
F 6 HOH 106 406 87  HOH HOH A . 
# 
loop_
_software.citation_id 
_software.classification 
_software.compiler_name 
_software.compiler_version 
_software.contact_author 
_software.contact_author_email 
_software.date 
_software.description 
_software.dependencies 
_software.hardware 
_software.language 
_software.location 
_software.mods 
_software.name 
_software.os 
_software.os_version 
_software.type 
_software.version 
_software.pdbx_ordinal 
? refinement        ? ? ? ? ? ? ? ? ? ? ? REFMAC      ? ? ? 5.5.0109 1 
? 'data scaling'    ? ? ? ? ? ? ? ? ? ? ? XSCALE      ? ? ? .        2 
? phasing           ? ? ? ? ? ? ? ? ? ? ? PHASER      ? ? ? 2.1.4    3 
? 'data extraction' ? ? ? ? ? ? ? ? ? ? ? PDB_EXTRACT ? ? ? 3.15     4 
# 
_cell.entry_id           5BZE 
_cell.length_a           30.940 
_cell.length_b           81.901 
_cell.length_c           32.209 
_cell.angle_alpha        90.00 
_cell.angle_beta         117.81 
_cell.angle_gamma        90.00 
_cell.Z_PDB              2 
_cell.pdbx_unique_axis   ? 
# 
_symmetry.entry_id                         5BZE 
_symmetry.space_group_name_H-M             'P 1 21 1' 
_symmetry.pdbx_full_space_group_name_H-M   ? 
_symmetry.cell_setting                     ? 
_symmetry.Int_Tables_number                4 
# 
_exptl.absorpt_coefficient_mu     ? 
_exptl.absorpt_correction_T_max   ? 
_exptl.absorpt_correction_T_min   ? 
_exptl.absorpt_correction_type    ? 
_exptl.absorpt_process_details    ? 
_exptl.entry_id                   5BZE 
_exptl.crystals_number            1 
_exptl.details                    ? 
_exptl.method                     'X-RAY DIFFRACTION' 
_exptl.method_details             ? 
# 
_exptl_crystal.colour                      ? 
_exptl_crystal.density_diffrn              ? 
_exptl_crystal.density_Matthews            2.16 
_exptl_crystal.density_method              ? 
_exptl_crystal.density_percent_sol         43.01 
_exptl_crystal.description                 ? 
_exptl_crystal.F_000                       ? 
_exptl_crystal.id                          1 
_exptl_crystal.preparation                 ? 
_exptl_crystal.size_max                    ? 
_exptl_crystal.size_mid                    ? 
_exptl_crystal.size_min                    ? 
_exptl_crystal.size_rad                    ? 
_exptl_crystal.colour_lustre               ? 
_exptl_crystal.colour_modifier             ? 
_exptl_crystal.colour_primary              ? 
_exptl_crystal.density_meas                ? 
_exptl_crystal.density_meas_esd            ? 
_exptl_crystal.density_meas_gt             ? 
_exptl_crystal.density_meas_lt             ? 
_exptl_crystal.density_meas_temp           ? 
_exptl_crystal.density_meas_temp_esd       ? 
_exptl_crystal.density_meas_temp_gt        ? 
_exptl_crystal.density_meas_temp_lt        ? 
_exptl_crystal.pdbx_crystal_image_url      ? 
_exptl_crystal.pdbx_crystal_image_format   ? 
_exptl_crystal.pdbx_mosaicity              ? 
_exptl_crystal.pdbx_mosaicity_esd          ? 
# 
_exptl_crystal_grow.apparatus       ? 
_exptl_crystal_grow.atmosphere      ? 
_exptl_crystal_grow.crystal_id      1 
_exptl_crystal_grow.details         ? 
_exptl_crystal_grow.method          'VAPOR DIFFUSION, HANGING DROP' 
_exptl_crystal_grow.method_ref      ? 
_exptl_crystal_grow.pH              6.5 
_exptl_crystal_grow.pressure        ? 
_exptl_crystal_grow.pressure_esd    ? 
_exptl_crystal_grow.seeding         ? 
_exptl_crystal_grow.seeding_ref     ? 
_exptl_crystal_grow.temp            298 
_exptl_crystal_grow.temp_details    ? 
_exptl_crystal_grow.temp_esd        ? 
_exptl_crystal_grow.time            ? 
_exptl_crystal_grow.pdbx_details    'PEG MME 5000, MES, (NH4)2SO4' 
_exptl_crystal_grow.pdbx_pH_range   ? 
# 
_diffrn.ambient_environment    ? 
_diffrn.ambient_temp           100 
_diffrn.ambient_temp_details   ? 
_diffrn.ambient_temp_esd       ? 
_diffrn.crystal_id             1 
_diffrn.crystal_support        ? 
_diffrn.crystal_treatment      ? 
_diffrn.details                ? 
_diffrn.id                     1 
_diffrn.ambient_pressure       ? 
_diffrn.ambient_pressure_esd   ? 
_diffrn.ambient_pressure_gt    ? 
_diffrn.ambient_pressure_lt    ? 
_diffrn.ambient_temp_gt        ? 
_diffrn.ambient_temp_lt        ? 
# 
_diffrn_detector.details                      ? 
_diffrn_detector.detector                     PIXEL 
_diffrn_detector.diffrn_id                    1 
_diffrn_detector.type                         'DECTRIS PILATUS 6M' 
_diffrn_detector.area_resol_mean              ? 
_diffrn_detector.dtime                        ? 
_diffrn_detector.pdbx_frames_total            ? 
_diffrn_detector.pdbx_collection_time_total   ? 
_diffrn_detector.pdbx_collection_date         2013-12-15 
# 
_diffrn_radiation.collimation                      ? 
_diffrn_radiation.diffrn_id                        1 
_diffrn_radiation.filter_edge                      ? 
_diffrn_radiation.inhomogeneity                    ? 
_diffrn_radiation.monochromator                    'Si(111)' 
_diffrn_radiation.polarisn_norm                    ? 
_diffrn_radiation.polarisn_ratio                   ? 
_diffrn_radiation.probe                            ? 
_diffrn_radiation.type                             ? 
_diffrn_radiation.xray_symbol                      ? 
_diffrn_radiation.wavelength_id                    1 
_diffrn_radiation.pdbx_monochromatic_or_laue_m_l   M 
_diffrn_radiation.pdbx_wavelength_list             ? 
_diffrn_radiation.pdbx_wavelength                  ? 
_diffrn_radiation.pdbx_diffrn_protocol             'SINGLE WAVELENGTH' 
_diffrn_radiation.pdbx_analyzer                    ? 
_diffrn_radiation.pdbx_scattering_type             x-ray 
# 
_diffrn_radiation_wavelength.id           1 
_diffrn_radiation_wavelength.wavelength   1.000 
_diffrn_radiation_wavelength.wt           1.0 
# 
_diffrn_source.current                     ? 
_diffrn_source.details                     ? 
_diffrn_source.diffrn_id                   1 
_diffrn_source.power                       ? 
_diffrn_source.size                        ? 
_diffrn_source.source                      SYNCHROTRON 
_diffrn_source.target                      ? 
_diffrn_source.type                        'APS BEAMLINE 17-ID' 
_diffrn_source.voltage                     ? 
_diffrn_source.take-off_angle              ? 
_diffrn_source.pdbx_wavelength_list        1.000 
_diffrn_source.pdbx_wavelength             ? 
_diffrn_source.pdbx_synchrotron_beamline   17-ID 
_diffrn_source.pdbx_synchrotron_site       APS 
# 
_reflns.B_iso_Wilson_estimate            ? 
_reflns.entry_id                         5BZE 
_reflns.data_reduction_details           ? 
_reflns.data_reduction_method            ? 
_reflns.d_resolution_high                1.312 
_reflns.d_resolution_low                 81.901 
_reflns.details                          ? 
_reflns.limit_h_max                      ? 
_reflns.limit_h_min                      ? 
_reflns.limit_k_max                      ? 
_reflns.limit_k_min                      ? 
_reflns.limit_l_max                      ? 
_reflns.limit_l_min                      ? 
_reflns.number_all                       ? 
_reflns.number_obs                       33652 
_reflns.observed_criterion               ? 
_reflns.observed_criterion_F_max         ? 
_reflns.observed_criterion_F_min         ? 
_reflns.observed_criterion_I_max         ? 
_reflns.observed_criterion_I_min         ? 
_reflns.observed_criterion_sigma_F       ? 
_reflns.observed_criterion_sigma_I       ? 
_reflns.percent_possible_obs             99.300 
_reflns.R_free_details                   ? 
_reflns.Rmerge_F_all                     ? 
_reflns.Rmerge_F_obs                     ? 
_reflns.Friedel_coverage                 ? 
_reflns.number_gt                        ? 
_reflns.threshold_expression             ? 
_reflns.pdbx_redundancy                  3.200 
_reflns.pdbx_Rmerge_I_obs                0.044 
_reflns.pdbx_Rmerge_I_all                ? 
_reflns.pdbx_Rsym_value                  ? 
_reflns.pdbx_netI_over_av_sigmaI         ? 
_reflns.pdbx_netI_over_sigmaI            17.100 
_reflns.pdbx_res_netI_over_av_sigmaI_2   ? 
_reflns.pdbx_res_netI_over_sigmaI_2      ? 
_reflns.pdbx_chi_squared                 ? 
_reflns.pdbx_scaling_rejects             ? 
_reflns.pdbx_d_res_high_opt              ? 
_reflns.pdbx_d_res_low_opt               ? 
_reflns.pdbx_d_res_opt_method            ? 
_reflns.phase_calculation_details        ? 
_reflns.pdbx_Rrim_I_all                  0.053 
_reflns.pdbx_Rpim_I_all                  0.029 
_reflns.pdbx_d_opt                       ? 
_reflns.pdbx_number_measured_all         109201 
_reflns.pdbx_diffrn_id                   1 
_reflns.pdbx_ordinal                     1 
_reflns.pdbx_CC_half                     ? 
_reflns.pdbx_R_split                     ? 
# 
loop_
_reflns_shell.d_res_high 
_reflns_shell.d_res_low 
_reflns_shell.meanI_over_sigI_all 
_reflns_shell.meanI_over_sigI_obs 
_reflns_shell.number_measured_all 
_reflns_shell.number_measured_obs 
_reflns_shell.number_possible 
_reflns_shell.number_unique_all 
_reflns_shell.number_unique_obs 
_reflns_shell.percent_possible_all 
_reflns_shell.percent_possible_obs 
_reflns_shell.Rmerge_F_all 
_reflns_shell.Rmerge_F_obs 
_reflns_shell.Rmerge_I_all 
_reflns_shell.Rmerge_I_obs 
_reflns_shell.meanI_over_sigI_gt 
_reflns_shell.meanI_over_uI_all 
_reflns_shell.meanI_over_uI_gt 
_reflns_shell.number_measured_gt 
_reflns_shell.number_unique_gt 
_reflns_shell.percent_possible_gt 
_reflns_shell.Rmerge_F_gt 
_reflns_shell.Rmerge_I_gt 
_reflns_shell.pdbx_redundancy 
_reflns_shell.pdbx_Rsym_value 
_reflns_shell.pdbx_chi_squared 
_reflns_shell.pdbx_netI_over_sigmaI_all 
_reflns_shell.pdbx_netI_over_sigmaI_obs 
_reflns_shell.pdbx_Rrim_I_all 
_reflns_shell.pdbx_Rpim_I_all 
_reflns_shell.pdbx_rejects 
_reflns_shell.pdbx_ordinal 
_reflns_shell.pdbx_diffrn_id 
_reflns_shell.pdbx_CC_half 
_reflns_shell.pdbx_R_split 
1.312 1.317  ? ? 1164 ? ? 356 ? 100.000 ? ? ? ? 0.222 ? ? ? ? ? ? ? ? 3.300 ? ? ? 5.900  0.265 0.144 0 1 1 ? ? 
6.090 81.901 ? ? 1147 ? ? 349 ? 98.300  ? ? ? ? 0.031 ? ? ? ? ? ? ? ? 3.300 ? ? ? 25.100 0.037 0.020 0 2 1 ? ? 
# 
_refine.pdbx_refine_id                           'X-RAY DIFFRACTION' 
_refine.entry_id                                 5BZE 
_refine.pdbx_diffrn_id                           1 
_refine.pdbx_TLS_residual_ADP_flag               ? 
_refine.ls_number_reflns_obs                     31846 
_refine.ls_number_reflns_all                     ? 
_refine.pdbx_ls_sigma_I                          ? 
_refine.pdbx_ls_sigma_F                          ? 
_refine.pdbx_data_cutoff_high_absF               ? 
_refine.pdbx_data_cutoff_low_absF                ? 
_refine.pdbx_data_cutoff_high_rms_absF           ? 
_refine.ls_d_res_low                             40.95 
_refine.ls_d_res_high                            1.31 
_refine.ls_percent_reflns_obs                    99.03 
_refine.ls_R_factor_obs                          0.17793 
_refine.ls_R_factor_all                          ? 
_refine.ls_R_factor_R_work                       0.17699 
_refine.ls_R_factor_R_free                       0.19529 
_refine.ls_R_factor_R_free_error                 ? 
_refine.ls_R_factor_R_free_error_details         ? 
_refine.ls_percent_reflns_R_free                 5.1 
_refine.ls_number_reflns_R_free                  1710 
_refine.ls_number_parameters                     ? 
_refine.ls_number_restraints                     ? 
_refine.occupancy_min                            ? 
_refine.occupancy_max                            ? 
_refine.correlation_coeff_Fo_to_Fc               0.961 
_refine.correlation_coeff_Fo_to_Fc_free          0.948 
_refine.B_iso_mean                               11.884 
_refine.aniso_B[1][1]                            -0.03 
_refine.aniso_B[2][2]                            -0.02 
_refine.aniso_B[3][3]                            -0.13 
_refine.aniso_B[1][2]                            -0.00 
_refine.aniso_B[1][3]                            -0.19 
_refine.aniso_B[2][3]                            -0.00 
_refine.solvent_model_details                    MASK 
_refine.solvent_model_param_ksol                 ? 
_refine.solvent_model_param_bsol                 ? 
_refine.pdbx_solvent_vdw_probe_radii             1.40 
_refine.pdbx_solvent_ion_probe_radii             0.80 
_refine.pdbx_solvent_shrinkage_radii             0.80 
_refine.pdbx_ls_cross_valid_method               THROUGHOUT 
_refine.details                                  'HYDROGENS HAVE BEEN ADDED IN THE RIDING POSITIONS' 
_refine.pdbx_starting_model                      ? 
_refine.pdbx_method_to_determine_struct          'MOLECULAR REPLACEMENT' 
_refine.pdbx_isotropic_thermal_model             ? 
_refine.pdbx_stereochemistry_target_values       'MAXIMUM LIKELIHOOD' 
_refine.pdbx_stereochem_target_val_spec_case     ? 
_refine.pdbx_R_Free_selection_details            RANDOM 
_refine.pdbx_overall_ESU_R                       0.053 
_refine.pdbx_overall_ESU_R_Free                  0.054 
_refine.overall_SU_ML                            0.030 
_refine.pdbx_overall_phase_error                 ? 
_refine.overall_SU_B                             0.691 
_refine.overall_SU_R_Cruickshank_DPI             ? 
_refine.pdbx_overall_SU_R_free_Cruickshank_DPI   ? 
_refine.pdbx_overall_SU_R_Blow_DPI               ? 
_refine.pdbx_overall_SU_R_free_Blow_DPI          ? 
# 
_refine_hist.pdbx_refine_id                   'X-RAY DIFFRACTION' 
_refine_hist.cycle_id                         LAST 
_refine_hist.pdbx_number_atoms_protein        1171 
_refine_hist.pdbx_number_atoms_nucleic_acid   0 
_refine_hist.pdbx_number_atoms_ligand         33 
_refine_hist.number_atoms_solvent             106 
_refine_hist.number_atoms_total               1310 
_refine_hist.d_res_high                       1.31 
_refine_hist.d_res_low                        40.95 
# 
loop_
_refine_ls_restr.type 
_refine_ls_restr.dev_ideal 
_refine_ls_restr.dev_ideal_target 
_refine_ls_restr.weight 
_refine_ls_restr.number 
_refine_ls_restr.pdbx_refine_id 
_refine_ls_restr.pdbx_restraint_function 
r_bond_refined_d             0.008  0.021  ? 1298 'X-RAY DIFFRACTION' ? 
r_bond_other_d               ?      ?      ? ?    'X-RAY DIFFRACTION' ? 
r_angle_refined_deg          1.253  1.938  ? 1782 'X-RAY DIFFRACTION' ? 
r_angle_other_deg            ?      ?      ? ?    'X-RAY DIFFRACTION' ? 
r_dihedral_angle_1_deg       6.823  5.000  ? 169  'X-RAY DIFFRACTION' ? 
r_dihedral_angle_2_deg       36.168 24.219 ? 64   'X-RAY DIFFRACTION' ? 
r_dihedral_angle_3_deg       10.654 15.000 ? 205  'X-RAY DIFFRACTION' ? 
r_dihedral_angle_4_deg       19.160 15.000 ? 9    'X-RAY DIFFRACTION' ? 
r_chiral_restr               0.083  0.200  ? 199  'X-RAY DIFFRACTION' ? 
r_gen_planes_refined         0.006  0.021  ? 1033 'X-RAY DIFFRACTION' ? 
r_gen_planes_other           ?      ?      ? ?    'X-RAY DIFFRACTION' ? 
r_nbd_refined                ?      ?      ? ?    'X-RAY DIFFRACTION' ? 
r_nbd_other                  ?      ?      ? ?    'X-RAY DIFFRACTION' ? 
r_nbtor_refined              ?      ?      ? ?    'X-RAY DIFFRACTION' ? 
r_nbtor_other                ?      ?      ? ?    'X-RAY DIFFRACTION' ? 
r_xyhbond_nbd_refined        ?      ?      ? ?    'X-RAY DIFFRACTION' ? 
r_xyhbond_nbd_other          ?      ?      ? ?    'X-RAY DIFFRACTION' ? 
r_metal_ion_refined          ?      ?      ? ?    'X-RAY DIFFRACTION' ? 
r_metal_ion_other            ?      ?      ? ?    'X-RAY DIFFRACTION' ? 
r_symmetry_vdw_refined       ?      ?      ? ?    'X-RAY DIFFRACTION' ? 
r_symmetry_vdw_other         ?      ?      ? ?    'X-RAY DIFFRACTION' ? 
r_symmetry_hbond_refined     ?      ?      ? ?    'X-RAY DIFFRACTION' ? 
r_symmetry_hbond_other       ?      ?      ? ?    'X-RAY DIFFRACTION' ? 
r_symmetry_metal_ion_refined ?      ?      ? ?    'X-RAY DIFFRACTION' ? 
r_symmetry_metal_ion_other   ?      ?      ? ?    'X-RAY DIFFRACTION' ? 
r_mcbond_it                  0.652  1.500  ? 812  'X-RAY DIFFRACTION' ? 
r_mcbond_other               ?      ?      ? ?    'X-RAY DIFFRACTION' ? 
r_mcangle_it                 1.250  2.000  ? 1337 'X-RAY DIFFRACTION' ? 
r_mcangle_other              ?      ?      ? ?    'X-RAY DIFFRACTION' ? 
r_scbond_it                  1.907  3.000  ? 486  'X-RAY DIFFRACTION' ? 
r_scbond_other               ?      ?      ? ?    'X-RAY DIFFRACTION' ? 
r_scangle_it                 3.082  4.500  ? 445  'X-RAY DIFFRACTION' ? 
r_scangle_other              ?      ?      ? ?    'X-RAY DIFFRACTION' ? 
r_long_range_B_refined       ?      ?      ? ?    'X-RAY DIFFRACTION' ? 
r_long_range_B_other         ?      ?      ? ?    'X-RAY DIFFRACTION' ? 
r_rigid_bond_restr           ?      ?      ? ?    'X-RAY DIFFRACTION' ? 
r_sphericity_free            ?      ?      ? ?    'X-RAY DIFFRACTION' ? 
r_sphericity_bonded          ?      ?      ? ?    'X-RAY DIFFRACTION' ? 
# 
_refine_ls_shell.pdbx_refine_id                   'X-RAY DIFFRACTION' 
_refine_ls_shell.pdbx_total_number_of_bins_used   20 
_refine_ls_shell.d_res_high                       1.310 
_refine_ls_shell.d_res_low                        1.344 
_refine_ls_shell.number_reflns_R_work             2168 
_refine_ls_shell.R_factor_R_work                  0.211 
_refine_ls_shell.percent_reflns_obs               96.52 
_refine_ls_shell.R_factor_R_free                  0.233 
_refine_ls_shell.R_factor_R_free_error            ? 
_refine_ls_shell.percent_reflns_R_free            ? 
_refine_ls_shell.number_reflns_R_free             134 
_refine_ls_shell.number_reflns_all                ? 
_refine_ls_shell.R_factor_all                     ? 
# 
_struct.entry_id                     5BZE 
_struct.title                        'Crystal structure of the murine CD44 hyaluronan binding domain complex with a small molecule' 
_struct.pdbx_model_details           ? 
_struct.pdbx_formula_weight          ? 
_struct.pdbx_formula_weight_method   ? 
_struct.pdbx_model_type_details      ? 
_struct.pdbx_CASP_flag               ? 
# 
_struct_keywords.entry_id        5BZE 
_struct_keywords.text            'Link module, PROTEIN BINDING' 
_struct_keywords.pdbx_keywords   'PROTEIN BINDING' 
# 
loop_
_struct_asym.id 
_struct_asym.pdbx_blank_PDB_chainid_flag 
_struct_asym.pdbx_modified 
_struct_asym.entity_id 
_struct_asym.details 
A N N 1 ? 
B N N 2 ? 
C N N 3 ? 
D N N 4 ? 
E N N 5 ? 
F N N 6 ? 
# 
_struct_ref.id                         1 
_struct_ref.db_name                    UNP 
_struct_ref.db_code                    CD44_MOUSE 
_struct_ref.pdbx_db_accession          P15379 
_struct_ref.pdbx_db_isoform            ? 
_struct_ref.entity_id                  1 
_struct_ref.pdbx_seq_one_letter_code   
;QIDLNVTCRYAGVFHVEKNGRYSISRTEAADLCQAFNSTLPTMDQMKLALSKGFETCRYGFIEGNVVIPRIHPNAICAAN
HTGVYILVTSNTSHYDTYCFNASAPPEEDCTSVTDLPNSFDGPVTITIVNRDGTRYSKKGEYRTHQEDI
;
_struct_ref.pdbx_align_begin           23 
# 
_struct_ref_seq.align_id                      1 
_struct_ref_seq.ref_id                        1 
_struct_ref_seq.pdbx_PDB_id_code              5BZE 
_struct_ref_seq.pdbx_strand_id                A 
_struct_ref_seq.seq_align_beg                 3 
_struct_ref_seq.pdbx_seq_align_beg_ins_code   ? 
_struct_ref_seq.seq_align_end                 151 
_struct_ref_seq.pdbx_seq_align_end_ins_code   ? 
_struct_ref_seq.pdbx_db_accession             P15379 
_struct_ref_seq.db_align_beg                  23 
_struct_ref_seq.pdbx_db_align_beg_ins_code    ? 
_struct_ref_seq.db_align_end                  171 
_struct_ref_seq.pdbx_db_align_end_ins_code    ? 
_struct_ref_seq.pdbx_auth_seq_align_beg       25 
_struct_ref_seq.pdbx_auth_seq_align_end       173 
# 
loop_
_struct_ref_seq_dif.align_id 
_struct_ref_seq_dif.pdbx_pdb_id_code 
_struct_ref_seq_dif.mon_id 
_struct_ref_seq_dif.pdbx_pdb_strand_id 
_struct_ref_seq_dif.seq_num 
_struct_ref_seq_dif.pdbx_pdb_ins_code 
_struct_ref_seq_dif.pdbx_seq_db_name 
_struct_ref_seq_dif.pdbx_seq_db_accession_code 
_struct_ref_seq_dif.db_mon_id 
_struct_ref_seq_dif.pdbx_seq_db_seq_num 
_struct_ref_seq_dif.details 
_struct_ref_seq_dif.pdbx_auth_seq_num 
_struct_ref_seq_dif.pdbx_ordinal 
1 5BZE MET A 1 ? UNP P15379 ? ? 'initiating methionine' 23 1 
1 5BZE ASN A 2 ? UNP P15379 ? ? 'expression tag'        24 2 
# 
_pdbx_struct_assembly.id                   1 
_pdbx_struct_assembly.details              author_and_software_defined_assembly 
_pdbx_struct_assembly.method_details       PISA 
_pdbx_struct_assembly.oligomeric_details   monomeric 
_pdbx_struct_assembly.oligomeric_count     1 
# 
_pdbx_struct_assembly_gen.assembly_id       1 
_pdbx_struct_assembly_gen.oper_expression   1 
_pdbx_struct_assembly_gen.asym_id_list      A,B,C,D,E,F 
# 
_pdbx_struct_oper_list.id                   1 
_pdbx_struct_oper_list.type                 'identity operation' 
_pdbx_struct_oper_list.name                 1_555 
_pdbx_struct_oper_list.symmetry_operation   x,y,z 
_pdbx_struct_oper_list.matrix[1][1]         1.0000000000 
_pdbx_struct_oper_list.matrix[1][2]         0.0000000000 
_pdbx_struct_oper_list.matrix[1][3]         0.0000000000 
_pdbx_struct_oper_list.vector[1]            0.0000000000 
_pdbx_struct_oper_list.matrix[2][1]         0.0000000000 
_pdbx_struct_oper_list.matrix[2][2]         1.0000000000 
_pdbx_struct_oper_list.matrix[2][3]         0.0000000000 
_pdbx_struct_oper_list.vector[2]            0.0000000000 
_pdbx_struct_oper_list.matrix[3][1]         0.0000000000 
_pdbx_struct_oper_list.matrix[3][2]         0.0000000000 
_pdbx_struct_oper_list.matrix[3][3]         1.0000000000 
_pdbx_struct_oper_list.vector[3]            0.0000000000 
# 
loop_
_struct_conf.conf_type_id 
_struct_conf.id 
_struct_conf.pdbx_PDB_helix_id 
_struct_conf.beg_label_comp_id 
_struct_conf.beg_label_asym_id 
_struct_conf.beg_label_seq_id 
_struct_conf.pdbx_beg_PDB_ins_code 
_struct_conf.end_label_comp_id 
_struct_conf.end_label_asym_id 
_struct_conf.end_label_seq_id 
_struct_conf.pdbx_end_PDB_ins_code 
_struct_conf.beg_auth_comp_id 
_struct_conf.beg_auth_asym_id 
_struct_conf.beg_auth_seq_id 
_struct_conf.end_auth_comp_id 
_struct_conf.end_auth_asym_id 
_struct_conf.end_auth_seq_id 
_struct_conf.pdbx_PDB_helix_class 
_struct_conf.details 
_struct_conf.pdbx_PDB_helix_length 
HELX_P HELX_P1 AA1 SER A 27  ? PHE A 38  ? SER A 49  PHE A 60  1 ? 12 
HELX_P HELX_P2 AA2 THR A 44  ? LYS A 54  ? THR A 66  LYS A 76  1 ? 11 
HELX_P HELX_P3 AA3 CYS A 79  ? HIS A 83  ? CYS A 101 HIS A 105 5 ? 5  
HELX_P HELX_P4 AA4 HIS A 147 ? ILE A 151 ? HIS A 169 ILE A 173 5 ? 5  
# 
_struct_conf_type.id          HELX_P 
_struct_conf_type.criteria    ? 
_struct_conf_type.reference   ? 
# 
loop_
_struct_conn.id 
_struct_conn.conn_type_id 
_struct_conn.pdbx_leaving_atom_flag 
_struct_conn.pdbx_PDB_id 
_struct_conn.ptnr1_label_asym_id 
_struct_conn.ptnr1_label_comp_id 
_struct_conn.ptnr1_label_seq_id 
_struct_conn.ptnr1_label_atom_id 
_struct_conn.pdbx_ptnr1_label_alt_id 
_struct_conn.pdbx_ptnr1_PDB_ins_code 
_struct_conn.pdbx_ptnr1_standard_comp_id 
_struct_conn.ptnr1_symmetry 
_struct_conn.ptnr2_label_asym_id 
_struct_conn.ptnr2_label_comp_id 
_struct_conn.ptnr2_label_seq_id 
_struct_conn.ptnr2_label_atom_id 
_struct_conn.pdbx_ptnr2_label_alt_id 
_struct_conn.pdbx_ptnr2_PDB_ins_code 
_struct_conn.ptnr1_auth_asym_id 
_struct_conn.ptnr1_auth_comp_id 
_struct_conn.ptnr1_auth_seq_id 
_struct_conn.ptnr2_auth_asym_id 
_struct_conn.ptnr2_auth_comp_id 
_struct_conn.ptnr2_auth_seq_id 
_struct_conn.ptnr2_symmetry 
_struct_conn.pdbx_ptnr3_label_atom_id 
_struct_conn.pdbx_ptnr3_label_seq_id 
_struct_conn.pdbx_ptnr3_label_comp_id 
_struct_conn.pdbx_ptnr3_label_asym_id 
_struct_conn.pdbx_ptnr3_label_alt_id 
_struct_conn.pdbx_ptnr3_PDB_ins_code 
_struct_conn.details 
_struct_conn.pdbx_dist_value 
_struct_conn.pdbx_value_order 
_struct_conn.pdbx_role 
disulf1  disulf ?    ? A CYS 10 SG  ? ? ? 1_555 A CYS 112 SG  ? ? A CYS 32  A CYS 134 1_555 ? ? ? ? ? ? ? 2.058 ? ? 
disulf2  disulf ?    ? A CYS 35 SG  ? ? ? 1_555 A CYS 101 SG  ? ? A CYS 57  A CYS 123 1_555 ? ? ? ? ? ? ? 2.087 ? ? 
disulf3  disulf ?    ? A CYS 59 SG  ? ? ? 1_555 A CYS 79  SG  ? ? A CYS 81  A CYS 101 1_555 ? ? ? ? ? ? ? 2.043 ? ? 
covale1  covale none ? D 68N .  CAD ? ? ? 1_555 E 6BT .   CAC ? ? A 68N 203 A 6BT 204 1_555 ? ? ? ? ? ? ? 1.390 ? ? 
covale2  covale none ? D 68N .  CAD ? ? ? 1_555 E 6BT .   CAL ? ? A 68N 203 A 6BT 204 1_555 ? ? ? ? ? ? ? 1.400 ? ? 
covale3  covale none ? D 68N .  CAB ? ? ? 1_555 E 6BT .   CAD ? ? A 68N 203 A 6BT 204 1_555 ? ? ? ? ? ? ? 1.368 ? ? 
covale4  covale none ? D 68N .  CAB ? ? ? 1_555 E 6BT .   CAE ? ? A 68N 203 A 6BT 204 1_555 ? ? ? ? ? ? ? 1.368 ? ? 
covale5  covale none ? D 68N .  CAC ? ? ? 1_555 E 6BT .   CAC ? ? A 68N 203 A 6BT 204 1_555 ? ? ? ? ? ? ? 1.320 ? ? 
covale6  covale none ? D 68N .  CAC ? ? ? 1_555 E 6BT .   CAF ? ? A 68N 203 A 6BT 204 1_555 ? ? ? ? ? ? ? 1.474 ? ? 
covale7  covale none ? D 68N .  CAE ? ? ? 1_555 E 6BT .   CAD ? ? A 68N 203 A 6BT 204 1_555 ? ? ? ? ? ? ? 1.374 ? ? 
covale8  covale none ? D 68N .  CAE ? ? ? 1_555 E 6BT .   CAM ? ? A 68N 203 A 6BT 204 1_555 ? ? ? ? ? ? ? 1.452 ? ? 
covale9  covale none ? D 68N .  CAK ? ? ? 1_555 E 6BT .   CAF ? ? A 68N 203 A 6BT 204 1_555 ? ? ? ? ? ? ? 1.335 ? ? 
covale10 covale none ? D 68N .  CAK ? ? ? 1_555 E 6BT .   CAL ? ? A 68N 203 A 6BT 204 1_555 ? ? ? ? ? ? ? 1.401 ? ? 
covale11 covale none ? D 68N .  CAK ? ? ? 1_555 E 6BT .   CAN ? ? A 68N 203 A 6BT 204 1_555 ? ? ? ? ? ? ? 1.576 ? ? 
covale12 covale none ? D 68N .  CAJ ? ? ? 1_555 E 6BT .   CAM ? ? A 68N 203 A 6BT 204 1_555 ? ? ? ? ? ? ? 1.370 ? ? 
covale13 covale none ? D 68N .  CAJ ? ? ? 1_555 E 6BT .   CAE ? ? A 68N 203 A 6BT 204 1_555 ? ? ? ? ? ? ? 1.400 ? ? 
covale14 covale none ? D 68N .  CAJ ? ? ? 1_555 E 6BT .   CAJ ? ? A 68N 203 A 6BT 204 1_555 ? ? ? ? ? ? ? 1.550 ? ? 
covale15 covale none ? D 68N .  CAH ? ? ? 1_555 E 6BT .   CAL ? ? A 68N 203 A 6BT 204 1_555 ? ? ? ? ? ? ? 1.516 ? ? 
covale16 covale none ? D 68N .  CAH ? ? ? 1_555 E 6BT .   CAI ? ? A 68N 203 A 6BT 204 1_555 ? ? ? ? ? ? ? 1.481 ? ? 
covale17 covale none ? D 68N .  CAG ? ? ? 1_555 E 6BT .   CAJ ? ? A 68N 203 A 6BT 204 1_555 ? ? ? ? ? ? ? 1.545 ? ? 
covale18 covale none ? D 68N .  CAG ? ? ? 1_555 E 6BT .   NAK ? ? A 68N 203 A 6BT 204 1_555 ? ? ? ? ? ? ? 1.354 ? ? 
covale19 covale none ? D 68N .  NAI ? ? ? 1_555 E 6BT .   CAI ? ? A 68N 203 A 6BT 204 1_555 ? ? ? ? ? ? ? 1.523 ? ? 
covale20 covale none ? D 68N .  NAI ? ? ? 1_555 E 6BT .   CAN ? ? A 68N 203 A 6BT 204 1_555 ? ? ? ? ? ? ? 1.258 ? ? 
covale21 covale none ? D 68N .  CAL ? ? ? 1_555 E 6BT .   CAM ? ? A 68N 203 A 6BT 204 1_555 ? ? ? ? ? ? ? 1.460 ? ? 
covale22 covale none ? D 68N .  CAL ? ? ? 1_555 E 6BT .   CAG ? ? A 68N 203 A 6BT 204 1_555 ? ? ? ? ? ? ? 1.476 ? ? 
covale23 covale none ? D 68N .  CAF ? ? ? 1_555 E 6BT .   CAN ? ? A 68N 203 A 6BT 204 1_555 ? ? ? ? ? ? ? 1.628 ? ? 
# 
loop_
_struct_conn_type.id 
_struct_conn_type.criteria 
_struct_conn_type.reference 
disulf ? ? 
covale ? ? 
# 
loop_
_pdbx_modification_feature.ordinal 
_pdbx_modification_feature.label_comp_id 
_pdbx_modification_feature.label_asym_id 
_pdbx_modification_feature.label_seq_id 
_pdbx_modification_feature.label_alt_id 
_pdbx_modification_feature.modified_residue_label_comp_id 
_pdbx_modification_feature.modified_residue_label_asym_id 
_pdbx_modification_feature.modified_residue_label_seq_id 
_pdbx_modification_feature.modified_residue_label_alt_id 
_pdbx_modification_feature.auth_comp_id 
_pdbx_modification_feature.auth_asym_id 
_pdbx_modification_feature.auth_seq_id 
_pdbx_modification_feature.PDB_ins_code 
_pdbx_modification_feature.symmetry 
_pdbx_modification_feature.modified_residue_auth_comp_id 
_pdbx_modification_feature.modified_residue_auth_asym_id 
_pdbx_modification_feature.modified_residue_auth_seq_id 
_pdbx_modification_feature.modified_residue_PDB_ins_code 
_pdbx_modification_feature.modified_residue_symmetry 
_pdbx_modification_feature.comp_id_linking_atom 
_pdbx_modification_feature.modified_residue_id_linking_atom 
_pdbx_modification_feature.modified_residue_id 
_pdbx_modification_feature.ref_pcm_id 
_pdbx_modification_feature.ref_comp_id 
_pdbx_modification_feature.type 
_pdbx_modification_feature.category 
1 CYS A 10 ? CYS A 112 ? CYS A 32 ? 1_555 CYS A 134 ? 1_555 SG SG . . . None 'Disulfide bridge' 
2 CYS A 35 ? CYS A 101 ? CYS A 57 ? 1_555 CYS A 123 ? 1_555 SG SG . . . None 'Disulfide bridge' 
3 CYS A 59 ? CYS A 79  ? CYS A 81 ? 1_555 CYS A 101 ? 1_555 SG SG . . . None 'Disulfide bridge' 
# 
loop_
_struct_sheet.id 
_struct_sheet.type 
_struct_sheet.number_strands 
_struct_sheet.details 
AA1 ? 8 ? 
AA2 ? 2 ? 
# 
loop_
_struct_sheet_order.sheet_id 
_struct_sheet_order.range_id_1 
_struct_sheet_order.range_id_2 
_struct_sheet_order.offset 
_struct_sheet_order.sense 
AA1 1 2 ? anti-parallel 
AA1 2 3 ? anti-parallel 
AA1 3 4 ? parallel      
AA1 4 5 ? anti-parallel 
AA1 5 6 ? anti-parallel 
AA1 6 7 ? parallel      
AA1 7 8 ? anti-parallel 
AA2 1 2 ? anti-parallel 
# 
loop_
_struct_sheet_range.sheet_id 
_struct_sheet_range.id 
_struct_sheet_range.beg_label_comp_id 
_struct_sheet_range.beg_label_asym_id 
_struct_sheet_range.beg_label_seq_id 
_struct_sheet_range.pdbx_beg_PDB_ins_code 
_struct_sheet_range.end_label_comp_id 
_struct_sheet_range.end_label_asym_id 
_struct_sheet_range.end_label_seq_id 
_struct_sheet_range.pdbx_end_PDB_ins_code 
_struct_sheet_range.beg_auth_comp_id 
_struct_sheet_range.beg_auth_asym_id 
_struct_sheet_range.beg_auth_seq_id 
_struct_sheet_range.end_auth_comp_id 
_struct_sheet_range.end_auth_asym_id 
_struct_sheet_range.end_auth_seq_id 
AA1 1 GLY A 85  ? ILE A 88  ? GLY A 107 ILE A 110 
AA1 2 VAL A 68  ? ARG A 72  ? VAL A 90  ARG A 94  
AA1 3 GLY A 62  ? PHE A 63  ? GLY A 84  PHE A 85  
AA1 4 ASP A 98  ? PHE A 102 ? ASP A 120 PHE A 124 
AA1 5 VAL A 15  ? LYS A 20  ? VAL A 37  LYS A 42  
AA1 6 GLN A 3   ? VAL A 8   ? GLN A 25  VAL A 30  
AA1 7 PHE A 122 ? ASN A 132 ? PHE A 144 ASN A 154 
AA1 8 ARG A 137 ? GLU A 143 ? ARG A 159 GLU A 165 
AA2 1 ARG A 11  ? TYR A 12  ? ARG A 33  TYR A 34  
AA2 2 GLU A 110 ? ASP A 111 ? GLU A 132 ASP A 133 
# 
loop_
_pdbx_struct_sheet_hbond.sheet_id 
_pdbx_struct_sheet_hbond.range_id_1 
_pdbx_struct_sheet_hbond.range_id_2 
_pdbx_struct_sheet_hbond.range_1_label_atom_id 
_pdbx_struct_sheet_hbond.range_1_label_comp_id 
_pdbx_struct_sheet_hbond.range_1_label_asym_id 
_pdbx_struct_sheet_hbond.range_1_label_seq_id 
_pdbx_struct_sheet_hbond.range_1_PDB_ins_code 
_pdbx_struct_sheet_hbond.range_1_auth_atom_id 
_pdbx_struct_sheet_hbond.range_1_auth_comp_id 
_pdbx_struct_sheet_hbond.range_1_auth_asym_id 
_pdbx_struct_sheet_hbond.range_1_auth_seq_id 
_pdbx_struct_sheet_hbond.range_2_label_atom_id 
_pdbx_struct_sheet_hbond.range_2_label_comp_id 
_pdbx_struct_sheet_hbond.range_2_label_asym_id 
_pdbx_struct_sheet_hbond.range_2_label_seq_id 
_pdbx_struct_sheet_hbond.range_2_PDB_ins_code 
_pdbx_struct_sheet_hbond.range_2_auth_atom_id 
_pdbx_struct_sheet_hbond.range_2_auth_comp_id 
_pdbx_struct_sheet_hbond.range_2_auth_asym_id 
_pdbx_struct_sheet_hbond.range_2_auth_seq_id 
AA1 1 2 O GLY A 85  ? O GLY A 107 N ARG A 72  ? N ARG A 94  
AA1 2 3 O VAL A 69  ? O VAL A 91  N GLY A 62  ? N GLY A 84  
AA1 3 4 N PHE A 63  ? N PHE A 85  O TYR A 100 ? O TYR A 122 
AA1 4 5 O THR A 99  ? O THR A 121 N VAL A 18  ? N VAL A 40  
AA1 5 6 O GLU A 19  ? O GLU A 41  N ASN A 7   ? N ASN A 29  
AA1 6 7 N LEU A 6   ? N LEU A 28  O THR A 129 ? O THR A 151 
AA1 7 8 N ILE A 130 ? N ILE A 152 O TYR A 138 ? O TYR A 160 
AA2 1 2 N ARG A 11  ? N ARG A 33  O ASP A 111 ? O ASP A 133 
# 
loop_
_struct_site.id 
_struct_site.pdbx_evidence_code 
_struct_site.pdbx_auth_asym_id 
_struct_site.pdbx_auth_comp_id 
_struct_site.pdbx_auth_seq_id 
_struct_site.pdbx_auth_ins_code 
_struct_site.pdbx_num_residues 
_struct_site.details 
AC1 Software A DMS 201 ? 9  'binding site for residue DMS A 201'                
AC2 Software A SO4 202 ? 4  'binding site for residue SO4 A 202'                
AC3 Software A 68N 203 ? 11 'binding site for residues 68N A 203 and 6BT A 204' 
AC4 Software A 68N 203 ? 11 'binding site for residues 68N A 203 and 6BT A 204' 
AC5 Software A 68N 203 ? 11 'binding site for residues 68N A 203 and 6BT A 204' 
AC6 Software A 68N 203 ? 11 'binding site for residues 68N A 203 and 6BT A 204' 
AC7 Software A 68N 203 ? 11 'binding site for residues 68N A 203 and 6BT A 204' 
AC8 Software A 68N 203 ? 11 'binding site for residues 68N A 203 and 6BT A 204' 
AC9 Software A 68N 203 ? 11 'binding site for residues 68N A 203 and 6BT A 204' 
AD1 Software A 68N 203 ? 11 'binding site for residues 68N A 203 and 6BT A 204' 
AD2 Software A 68N 203 ? 11 'binding site for residues 68N A 203 and 6BT A 204' 
AD3 Software A 68N 203 ? 11 'binding site for residues 68N A 203 and 6BT A 204' 
AD4 Software A 68N 203 ? 11 'binding site for residues 68N A 203 and 6BT A 204' 
AD5 Software A 68N 203 ? 11 'binding site for residues 68N A 203 and 6BT A 204' 
AD6 Software A 68N 203 ? 11 'binding site for residues 68N A 203 and 6BT A 204' 
AD7 Software A 68N 203 ? 11 'binding site for residues 68N A 203 and 6BT A 204' 
AD8 Software A 68N 203 ? 11 'binding site for residues 68N A 203 and 6BT A 204' 
AD9 Software A 68N 203 ? 11 'binding site for residues 68N A 203 and 6BT A 204' 
AE1 Software A 68N 203 ? 11 'binding site for residues 68N A 203 and 6BT A 204' 
AE2 Software A 68N 203 ? 11 'binding site for residues 68N A 203 and 6BT A 204' 
AE3 Software A 68N 203 ? 11 'binding site for residues 68N A 203 and 6BT A 204' 
AE4 Software A 68N 203 ? 11 'binding site for residues 68N A 203 and 6BT A 204' 
AE5 Software A 68N 203 ? 11 'binding site for residues 68N A 203 and 6BT A 204' 
AE6 Software A 68N 203 ? 11 'binding site for residues 68N A 203 and 6BT A 204' 
AE7 Software A 68N 203 ? 11 'binding site for residues 68N A 203 and 6BT A 204' 
# 
loop_
_struct_site_gen.id 
_struct_site_gen.site_id 
_struct_site_gen.pdbx_num_res 
_struct_site_gen.label_comp_id 
_struct_site_gen.label_asym_id 
_struct_site_gen.label_seq_id 
_struct_site_gen.pdbx_auth_ins_code 
_struct_site_gen.auth_comp_id 
_struct_site_gen.auth_asym_id 
_struct_site_gen.auth_seq_id 
_struct_site_gen.label_atom_id 
_struct_site_gen.label_alt_id 
_struct_site_gen.symmetry 
_struct_site_gen.details 
1   AC1 9  CYS A 10  ? CYS A 32  . ? 1_555 ? 
2   AC1 9  ASN A 67  ? ASN A 89  . ? 1_554 ? 
3   AC1 9  CYS A 112 ? CYS A 134 . ? 1_555 ? 
4   AC1 9  THR A 113 ? THR A 135 . ? 1_555 ? 
5   AC1 9  SER A 114 ? SER A 136 . ? 1_555 ? 
6   AC1 9  ARG A 133 ? ARG A 155 . ? 1_555 ? 
7   AC1 9  ASP A 134 ? ASP A 156 . ? 1_555 ? 
8   AC1 9  HOH F .   ? HOH A 311 . ? 1_555 ? 
9   AC1 9  HOH F .   ? HOH A 313 . ? 1_555 ? 
10  AC2 4  ARG A 11  ? ARG A 33  . ? 1_555 ? 
11  AC2 4  PHE A 16  ? PHE A 38  . ? 1_555 ? 
12  AC2 4  PHE A 38  ? PHE A 60  . ? 1_555 ? 
13  AC2 4  ASN A 103 ? ASN A 125 . ? 1_555 ? 
14  AC3 11 ASN A 7   ? ASN A 29  . ? 1_555 ? 
15  AC3 11 VAL A 8   ? VAL A 30  . ? 1_555 ? 
16  AC3 11 HIS A 17  ? HIS A 39  . ? 1_555 ? 
17  AC3 11 GLU A 19  ? GLU A 41  . ? 1_555 ? 
18  AC3 11 ASP A 46  ? ASP A 68  . ? 1_655 ? 
19  AC3 11 VAL A 131 ? VAL A 153 . ? 1_555 ? 
20  AC3 11 ASN A 132 ? ASN A 154 . ? 1_555 ? 
21  AC3 11 ARG A 133 ? ARG A 155 . ? 1_555 ? 
22  AC3 11 HOH F .   ? HOH A 376 . ? 1_555 ? 
23  AC3 11 HOH F .   ? HOH A 380 . ? 1_555 ? 
24  AC3 11 HOH F .   ? HOH A 389 . ? 1_655 ? 
25  AC4 11 ASN A 7   ? ASN A 29  . ? 1_555 ? 
26  AC4 11 VAL A 8   ? VAL A 30  . ? 1_555 ? 
27  AC4 11 HIS A 17  ? HIS A 39  . ? 1_555 ? 
28  AC4 11 GLU A 19  ? GLU A 41  . ? 1_555 ? 
29  AC4 11 ASP A 46  ? ASP A 68  . ? 1_655 ? 
30  AC4 11 VAL A 131 ? VAL A 153 . ? 1_555 ? 
31  AC4 11 ASN A 132 ? ASN A 154 . ? 1_555 ? 
32  AC4 11 ARG A 133 ? ARG A 155 . ? 1_555 ? 
33  AC4 11 HOH F .   ? HOH A 376 . ? 1_555 ? 
34  AC4 11 HOH F .   ? HOH A 380 . ? 1_555 ? 
35  AC4 11 HOH F .   ? HOH A 389 . ? 1_655 ? 
36  AC5 11 ASN A 7   ? ASN A 29  . ? 1_555 ? 
37  AC5 11 VAL A 8   ? VAL A 30  . ? 1_555 ? 
38  AC5 11 HIS A 17  ? HIS A 39  . ? 1_555 ? 
39  AC5 11 GLU A 19  ? GLU A 41  . ? 1_555 ? 
40  AC5 11 ASP A 46  ? ASP A 68  . ? 1_655 ? 
41  AC5 11 VAL A 131 ? VAL A 153 . ? 1_555 ? 
42  AC5 11 ASN A 132 ? ASN A 154 . ? 1_555 ? 
43  AC5 11 ARG A 133 ? ARG A 155 . ? 1_555 ? 
44  AC5 11 HOH F .   ? HOH A 376 . ? 1_555 ? 
45  AC5 11 HOH F .   ? HOH A 380 . ? 1_555 ? 
46  AC5 11 HOH F .   ? HOH A 389 . ? 1_655 ? 
47  AC6 11 ASN A 7   ? ASN A 29  . ? 1_555 ? 
48  AC6 11 VAL A 8   ? VAL A 30  . ? 1_555 ? 
49  AC6 11 HIS A 17  ? HIS A 39  . ? 1_555 ? 
50  AC6 11 GLU A 19  ? GLU A 41  . ? 1_555 ? 
51  AC6 11 ASP A 46  ? ASP A 68  . ? 1_655 ? 
52  AC6 11 VAL A 131 ? VAL A 153 . ? 1_555 ? 
53  AC6 11 ASN A 132 ? ASN A 154 . ? 1_555 ? 
54  AC6 11 ARG A 133 ? ARG A 155 . ? 1_555 ? 
55  AC6 11 HOH F .   ? HOH A 376 . ? 1_555 ? 
56  AC6 11 HOH F .   ? HOH A 380 . ? 1_555 ? 
57  AC6 11 HOH F .   ? HOH A 389 . ? 1_655 ? 
58  AC7 11 ASN A 7   ? ASN A 29  . ? 1_555 ? 
59  AC7 11 VAL A 8   ? VAL A 30  . ? 1_555 ? 
60  AC7 11 HIS A 17  ? HIS A 39  . ? 1_555 ? 
61  AC7 11 GLU A 19  ? GLU A 41  . ? 1_555 ? 
62  AC7 11 ASP A 46  ? ASP A 68  . ? 1_655 ? 
63  AC7 11 VAL A 131 ? VAL A 153 . ? 1_555 ? 
64  AC7 11 ASN A 132 ? ASN A 154 . ? 1_555 ? 
65  AC7 11 ARG A 133 ? ARG A 155 . ? 1_555 ? 
66  AC7 11 HOH F .   ? HOH A 376 . ? 1_555 ? 
67  AC7 11 HOH F .   ? HOH A 380 . ? 1_555 ? 
68  AC7 11 HOH F .   ? HOH A 389 . ? 1_655 ? 
69  AC8 11 ASN A 7   ? ASN A 29  . ? 1_555 ? 
70  AC8 11 VAL A 8   ? VAL A 30  . ? 1_555 ? 
71  AC8 11 HIS A 17  ? HIS A 39  . ? 1_555 ? 
72  AC8 11 GLU A 19  ? GLU A 41  . ? 1_555 ? 
73  AC8 11 ASP A 46  ? ASP A 68  . ? 1_655 ? 
74  AC8 11 VAL A 131 ? VAL A 153 . ? 1_555 ? 
75  AC8 11 ASN A 132 ? ASN A 154 . ? 1_555 ? 
76  AC8 11 ARG A 133 ? ARG A 155 . ? 1_555 ? 
77  AC8 11 HOH F .   ? HOH A 376 . ? 1_555 ? 
78  AC8 11 HOH F .   ? HOH A 380 . ? 1_555 ? 
79  AC8 11 HOH F .   ? HOH A 389 . ? 1_655 ? 
80  AC9 11 ASN A 7   ? ASN A 29  . ? 1_555 ? 
81  AC9 11 VAL A 8   ? VAL A 30  . ? 1_555 ? 
82  AC9 11 HIS A 17  ? HIS A 39  . ? 1_555 ? 
83  AC9 11 GLU A 19  ? GLU A 41  . ? 1_555 ? 
84  AC9 11 ASP A 46  ? ASP A 68  . ? 1_655 ? 
85  AC9 11 VAL A 131 ? VAL A 153 . ? 1_555 ? 
86  AC9 11 ASN A 132 ? ASN A 154 . ? 1_555 ? 
87  AC9 11 ARG A 133 ? ARG A 155 . ? 1_555 ? 
88  AC9 11 HOH F .   ? HOH A 376 . ? 1_555 ? 
89  AC9 11 HOH F .   ? HOH A 380 . ? 1_555 ? 
90  AC9 11 HOH F .   ? HOH A 389 . ? 1_655 ? 
91  AD1 11 ASN A 7   ? ASN A 29  . ? 1_555 ? 
92  AD1 11 VAL A 8   ? VAL A 30  . ? 1_555 ? 
93  AD1 11 HIS A 17  ? HIS A 39  . ? 1_555 ? 
94  AD1 11 GLU A 19  ? GLU A 41  . ? 1_555 ? 
95  AD1 11 ASP A 46  ? ASP A 68  . ? 1_655 ? 
96  AD1 11 VAL A 131 ? VAL A 153 . ? 1_555 ? 
97  AD1 11 ASN A 132 ? ASN A 154 . ? 1_555 ? 
98  AD1 11 ARG A 133 ? ARG A 155 . ? 1_555 ? 
99  AD1 11 HOH F .   ? HOH A 376 . ? 1_555 ? 
100 AD1 11 HOH F .   ? HOH A 380 . ? 1_555 ? 
101 AD1 11 HOH F .   ? HOH A 389 . ? 1_655 ? 
102 AD2 11 ASN A 7   ? ASN A 29  . ? 1_555 ? 
103 AD2 11 VAL A 8   ? VAL A 30  . ? 1_555 ? 
104 AD2 11 HIS A 17  ? HIS A 39  . ? 1_555 ? 
105 AD2 11 GLU A 19  ? GLU A 41  . ? 1_555 ? 
106 AD2 11 ASP A 46  ? ASP A 68  . ? 1_655 ? 
107 AD2 11 VAL A 131 ? VAL A 153 . ? 1_555 ? 
108 AD2 11 ASN A 132 ? ASN A 154 . ? 1_555 ? 
109 AD2 11 ARG A 133 ? ARG A 155 . ? 1_555 ? 
110 AD2 11 HOH F .   ? HOH A 376 . ? 1_555 ? 
111 AD2 11 HOH F .   ? HOH A 380 . ? 1_555 ? 
112 AD2 11 HOH F .   ? HOH A 389 . ? 1_655 ? 
113 AD3 11 ASN A 7   ? ASN A 29  . ? 1_555 ? 
114 AD3 11 VAL A 8   ? VAL A 30  . ? 1_555 ? 
115 AD3 11 HIS A 17  ? HIS A 39  . ? 1_555 ? 
116 AD3 11 GLU A 19  ? GLU A 41  . ? 1_555 ? 
117 AD3 11 ASP A 46  ? ASP A 68  . ? 1_655 ? 
118 AD3 11 VAL A 131 ? VAL A 153 . ? 1_555 ? 
119 AD3 11 ASN A 132 ? ASN A 154 . ? 1_555 ? 
120 AD3 11 ARG A 133 ? ARG A 155 . ? 1_555 ? 
121 AD3 11 HOH F .   ? HOH A 376 . ? 1_555 ? 
122 AD3 11 HOH F .   ? HOH A 380 . ? 1_555 ? 
123 AD3 11 HOH F .   ? HOH A 389 . ? 1_655 ? 
124 AD4 11 ASN A 7   ? ASN A 29  . ? 1_555 ? 
125 AD4 11 VAL A 8   ? VAL A 30  . ? 1_555 ? 
126 AD4 11 HIS A 17  ? HIS A 39  . ? 1_555 ? 
127 AD4 11 GLU A 19  ? GLU A 41  . ? 1_555 ? 
128 AD4 11 ASP A 46  ? ASP A 68  . ? 1_655 ? 
129 AD4 11 VAL A 131 ? VAL A 153 . ? 1_555 ? 
130 AD4 11 ASN A 132 ? ASN A 154 . ? 1_555 ? 
131 AD4 11 ARG A 133 ? ARG A 155 . ? 1_555 ? 
132 AD4 11 HOH F .   ? HOH A 376 . ? 1_555 ? 
133 AD4 11 HOH F .   ? HOH A 380 . ? 1_555 ? 
134 AD4 11 HOH F .   ? HOH A 389 . ? 1_655 ? 
135 AD5 11 ASN A 7   ? ASN A 29  . ? 1_555 ? 
136 AD5 11 VAL A 8   ? VAL A 30  . ? 1_555 ? 
137 AD5 11 HIS A 17  ? HIS A 39  . ? 1_555 ? 
138 AD5 11 GLU A 19  ? GLU A 41  . ? 1_555 ? 
139 AD5 11 ASP A 46  ? ASP A 68  . ? 1_655 ? 
140 AD5 11 VAL A 131 ? VAL A 153 . ? 1_555 ? 
141 AD5 11 ASN A 132 ? ASN A 154 . ? 1_555 ? 
142 AD5 11 ARG A 133 ? ARG A 155 . ? 1_555 ? 
143 AD5 11 HOH F .   ? HOH A 376 . ? 1_555 ? 
144 AD5 11 HOH F .   ? HOH A 380 . ? 1_555 ? 
145 AD5 11 HOH F .   ? HOH A 389 . ? 1_655 ? 
146 AD6 11 ASN A 7   ? ASN A 29  . ? 1_555 ? 
147 AD6 11 VAL A 8   ? VAL A 30  . ? 1_555 ? 
148 AD6 11 HIS A 17  ? HIS A 39  . ? 1_555 ? 
149 AD6 11 GLU A 19  ? GLU A 41  . ? 1_555 ? 
150 AD6 11 ASP A 46  ? ASP A 68  . ? 1_655 ? 
151 AD6 11 VAL A 131 ? VAL A 153 . ? 1_555 ? 
152 AD6 11 ASN A 132 ? ASN A 154 . ? 1_555 ? 
153 AD6 11 ARG A 133 ? ARG A 155 . ? 1_555 ? 
154 AD6 11 HOH F .   ? HOH A 376 . ? 1_555 ? 
155 AD6 11 HOH F .   ? HOH A 380 . ? 1_555 ? 
156 AD6 11 HOH F .   ? HOH A 389 . ? 1_655 ? 
157 AD7 11 ASN A 7   ? ASN A 29  . ? 1_555 ? 
158 AD7 11 VAL A 8   ? VAL A 30  . ? 1_555 ? 
159 AD7 11 HIS A 17  ? HIS A 39  . ? 1_555 ? 
160 AD7 11 GLU A 19  ? GLU A 41  . ? 1_555 ? 
161 AD7 11 ASP A 46  ? ASP A 68  . ? 1_655 ? 
162 AD7 11 VAL A 131 ? VAL A 153 . ? 1_555 ? 
163 AD7 11 ASN A 132 ? ASN A 154 . ? 1_555 ? 
164 AD7 11 ARG A 133 ? ARG A 155 . ? 1_555 ? 
165 AD7 11 HOH F .   ? HOH A 376 . ? 1_555 ? 
166 AD7 11 HOH F .   ? HOH A 380 . ? 1_555 ? 
167 AD7 11 HOH F .   ? HOH A 389 . ? 1_655 ? 
168 AD8 11 ASN A 7   ? ASN A 29  . ? 1_555 ? 
169 AD8 11 VAL A 8   ? VAL A 30  . ? 1_555 ? 
170 AD8 11 HIS A 17  ? HIS A 39  . ? 1_555 ? 
171 AD8 11 GLU A 19  ? GLU A 41  . ? 1_555 ? 
172 AD8 11 ASP A 46  ? ASP A 68  . ? 1_655 ? 
173 AD8 11 VAL A 131 ? VAL A 153 . ? 1_555 ? 
174 AD8 11 ASN A 132 ? ASN A 154 . ? 1_555 ? 
175 AD8 11 ARG A 133 ? ARG A 155 . ? 1_555 ? 
176 AD8 11 HOH F .   ? HOH A 376 . ? 1_555 ? 
177 AD8 11 HOH F .   ? HOH A 380 . ? 1_555 ? 
178 AD8 11 HOH F .   ? HOH A 389 . ? 1_655 ? 
179 AD9 11 ASN A 7   ? ASN A 29  . ? 1_555 ? 
180 AD9 11 VAL A 8   ? VAL A 30  . ? 1_555 ? 
181 AD9 11 HIS A 17  ? HIS A 39  . ? 1_555 ? 
182 AD9 11 GLU A 19  ? GLU A 41  . ? 1_555 ? 
183 AD9 11 ASP A 46  ? ASP A 68  . ? 1_655 ? 
184 AD9 11 VAL A 131 ? VAL A 153 . ? 1_555 ? 
185 AD9 11 ASN A 132 ? ASN A 154 . ? 1_555 ? 
186 AD9 11 ARG A 133 ? ARG A 155 . ? 1_555 ? 
187 AD9 11 HOH F .   ? HOH A 376 . ? 1_555 ? 
188 AD9 11 HOH F .   ? HOH A 380 . ? 1_555 ? 
189 AD9 11 HOH F .   ? HOH A 389 . ? 1_655 ? 
190 AE1 11 ASN A 7   ? ASN A 29  . ? 1_555 ? 
191 AE1 11 VAL A 8   ? VAL A 30  . ? 1_555 ? 
192 AE1 11 HIS A 17  ? HIS A 39  . ? 1_555 ? 
193 AE1 11 GLU A 19  ? GLU A 41  . ? 1_555 ? 
194 AE1 11 ASP A 46  ? ASP A 68  . ? 1_655 ? 
195 AE1 11 VAL A 131 ? VAL A 153 . ? 1_555 ? 
196 AE1 11 ASN A 132 ? ASN A 154 . ? 1_555 ? 
197 AE1 11 ARG A 133 ? ARG A 155 . ? 1_555 ? 
198 AE1 11 HOH F .   ? HOH A 376 . ? 1_555 ? 
199 AE1 11 HOH F .   ? HOH A 380 . ? 1_555 ? 
200 AE1 11 HOH F .   ? HOH A 389 . ? 1_655 ? 
201 AE2 11 ASN A 7   ? ASN A 29  . ? 1_555 ? 
202 AE2 11 VAL A 8   ? VAL A 30  . ? 1_555 ? 
203 AE2 11 HIS A 17  ? HIS A 39  . ? 1_555 ? 
204 AE2 11 GLU A 19  ? GLU A 41  . ? 1_555 ? 
205 AE2 11 ASP A 46  ? ASP A 68  . ? 1_655 ? 
206 AE2 11 VAL A 131 ? VAL A 153 . ? 1_555 ? 
207 AE2 11 ASN A 132 ? ASN A 154 . ? 1_555 ? 
208 AE2 11 ARG A 133 ? ARG A 155 . ? 1_555 ? 
209 AE2 11 HOH F .   ? HOH A 376 . ? 1_555 ? 
210 AE2 11 HOH F .   ? HOH A 380 . ? 1_555 ? 
211 AE2 11 HOH F .   ? HOH A 389 . ? 1_655 ? 
212 AE3 11 ASN A 7   ? ASN A 29  . ? 1_555 ? 
213 AE3 11 VAL A 8   ? VAL A 30  . ? 1_555 ? 
214 AE3 11 HIS A 17  ? HIS A 39  . ? 1_555 ? 
215 AE3 11 GLU A 19  ? GLU A 41  . ? 1_555 ? 
216 AE3 11 ASP A 46  ? ASP A 68  . ? 1_655 ? 
217 AE3 11 VAL A 131 ? VAL A 153 . ? 1_555 ? 
218 AE3 11 ASN A 132 ? ASN A 154 . ? 1_555 ? 
219 AE3 11 ARG A 133 ? ARG A 155 . ? 1_555 ? 
220 AE3 11 HOH F .   ? HOH A 376 . ? 1_555 ? 
221 AE3 11 HOH F .   ? HOH A 380 . ? 1_555 ? 
222 AE3 11 HOH F .   ? HOH A 389 . ? 1_655 ? 
223 AE4 11 ASN A 7   ? ASN A 29  . ? 1_555 ? 
224 AE4 11 VAL A 8   ? VAL A 30  . ? 1_555 ? 
225 AE4 11 HIS A 17  ? HIS A 39  . ? 1_555 ? 
226 AE4 11 GLU A 19  ? GLU A 41  . ? 1_555 ? 
227 AE4 11 ASP A 46  ? ASP A 68  . ? 1_655 ? 
228 AE4 11 VAL A 131 ? VAL A 153 . ? 1_555 ? 
229 AE4 11 ASN A 132 ? ASN A 154 . ? 1_555 ? 
230 AE4 11 ARG A 133 ? ARG A 155 . ? 1_555 ? 
231 AE4 11 HOH F .   ? HOH A 376 . ? 1_555 ? 
232 AE4 11 HOH F .   ? HOH A 380 . ? 1_555 ? 
233 AE4 11 HOH F .   ? HOH A 389 . ? 1_655 ? 
234 AE5 11 ASN A 7   ? ASN A 29  . ? 1_555 ? 
235 AE5 11 VAL A 8   ? VAL A 30  . ? 1_555 ? 
236 AE5 11 HIS A 17  ? HIS A 39  . ? 1_555 ? 
237 AE5 11 GLU A 19  ? GLU A 41  . ? 1_555 ? 
238 AE5 11 ASP A 46  ? ASP A 68  . ? 1_655 ? 
239 AE5 11 VAL A 131 ? VAL A 153 . ? 1_555 ? 
240 AE5 11 ASN A 132 ? ASN A 154 . ? 1_555 ? 
241 AE5 11 ARG A 133 ? ARG A 155 . ? 1_555 ? 
242 AE5 11 HOH F .   ? HOH A 376 . ? 1_555 ? 
243 AE5 11 HOH F .   ? HOH A 380 . ? 1_555 ? 
244 AE5 11 HOH F .   ? HOH A 389 . ? 1_655 ? 
245 AE6 11 ASN A 7   ? ASN A 29  . ? 1_555 ? 
246 AE6 11 VAL A 8   ? VAL A 30  . ? 1_555 ? 
247 AE6 11 HIS A 17  ? HIS A 39  . ? 1_555 ? 
248 AE6 11 GLU A 19  ? GLU A 41  . ? 1_555 ? 
249 AE6 11 ASP A 46  ? ASP A 68  . ? 1_655 ? 
250 AE6 11 VAL A 131 ? VAL A 153 . ? 1_555 ? 
251 AE6 11 ASN A 132 ? ASN A 154 . ? 1_555 ? 
252 AE6 11 ARG A 133 ? ARG A 155 . ? 1_555 ? 
253 AE6 11 HOH F .   ? HOH A 376 . ? 1_555 ? 
254 AE6 11 HOH F .   ? HOH A 380 . ? 1_555 ? 
255 AE6 11 HOH F .   ? HOH A 389 . ? 1_655 ? 
256 AE7 11 ASN A 7   ? ASN A 29  . ? 1_555 ? 
257 AE7 11 VAL A 8   ? VAL A 30  . ? 1_555 ? 
258 AE7 11 HIS A 17  ? HIS A 39  . ? 1_555 ? 
259 AE7 11 GLU A 19  ? GLU A 41  . ? 1_555 ? 
260 AE7 11 ASP A 46  ? ASP A 68  . ? 1_655 ? 
261 AE7 11 VAL A 131 ? VAL A 153 . ? 1_555 ? 
262 AE7 11 ASN A 132 ? ASN A 154 . ? 1_555 ? 
263 AE7 11 ARG A 133 ? ARG A 155 . ? 1_555 ? 
264 AE7 11 HOH F .   ? HOH A 376 . ? 1_555 ? 
265 AE7 11 HOH F .   ? HOH A 380 . ? 1_555 ? 
266 AE7 11 HOH F .   ? HOH A 389 . ? 1_655 ? 
# 
_pdbx_entry_details.entry_id                   5BZE 
_pdbx_entry_details.compound_details           ? 
_pdbx_entry_details.source_details             ? 
_pdbx_entry_details.nonpolymer_details         ? 
_pdbx_entry_details.sequence_details           ? 
_pdbx_entry_details.has_ligand_of_interest     ? 
_pdbx_entry_details.has_protein_modification   Y 
# 
loop_
_pdbx_validate_close_contact.id 
_pdbx_validate_close_contact.PDB_model_num 
_pdbx_validate_close_contact.auth_atom_id_1 
_pdbx_validate_close_contact.auth_asym_id_1 
_pdbx_validate_close_contact.auth_comp_id_1 
_pdbx_validate_close_contact.auth_seq_id_1 
_pdbx_validate_close_contact.PDB_ins_code_1 
_pdbx_validate_close_contact.label_alt_id_1 
_pdbx_validate_close_contact.auth_atom_id_2 
_pdbx_validate_close_contact.auth_asym_id_2 
_pdbx_validate_close_contact.auth_comp_id_2 
_pdbx_validate_close_contact.auth_seq_id_2 
_pdbx_validate_close_contact.PDB_ins_code_2 
_pdbx_validate_close_contact.label_alt_id_2 
_pdbx_validate_close_contact.dist 
1 1 O A HOH 349 ? ? O A HOH 368 ? ? 2.04 
2 1 O A HOH 315 ? ? O A HOH 389 ? ? 2.11 
3 1 O A HOH 388 ? ? O A HOH 396 ? ? 2.13 
# 
_pdbx_validate_symm_contact.id                1 
_pdbx_validate_symm_contact.PDB_model_num     1 
_pdbx_validate_symm_contact.auth_atom_id_1    O 
_pdbx_validate_symm_contact.auth_asym_id_1    A 
_pdbx_validate_symm_contact.auth_comp_id_1    HOH 
_pdbx_validate_symm_contact.auth_seq_id_1     302 
_pdbx_validate_symm_contact.PDB_ins_code_1    ? 
_pdbx_validate_symm_contact.label_alt_id_1    ? 
_pdbx_validate_symm_contact.site_symmetry_1   1_555 
_pdbx_validate_symm_contact.auth_atom_id_2    O 
_pdbx_validate_symm_contact.auth_asym_id_2    A 
_pdbx_validate_symm_contact.auth_comp_id_2    HOH 
_pdbx_validate_symm_contact.auth_seq_id_2     384 
_pdbx_validate_symm_contact.PDB_ins_code_2    ? 
_pdbx_validate_symm_contact.label_alt_id_2    ? 
_pdbx_validate_symm_contact.site_symmetry_2   1_655 
_pdbx_validate_symm_contact.dist              1.80 
# 
loop_
_pdbx_validate_rmsd_angle.id 
_pdbx_validate_rmsd_angle.PDB_model_num 
_pdbx_validate_rmsd_angle.auth_atom_id_1 
_pdbx_validate_rmsd_angle.auth_asym_id_1 
_pdbx_validate_rmsd_angle.auth_comp_id_1 
_pdbx_validate_rmsd_angle.auth_seq_id_1 
_pdbx_validate_rmsd_angle.PDB_ins_code_1 
_pdbx_validate_rmsd_angle.label_alt_id_1 
_pdbx_validate_rmsd_angle.auth_atom_id_2 
_pdbx_validate_rmsd_angle.auth_asym_id_2 
_pdbx_validate_rmsd_angle.auth_comp_id_2 
_pdbx_validate_rmsd_angle.auth_seq_id_2 
_pdbx_validate_rmsd_angle.PDB_ins_code_2 
_pdbx_validate_rmsd_angle.label_alt_id_2 
_pdbx_validate_rmsd_angle.auth_atom_id_3 
_pdbx_validate_rmsd_angle.auth_asym_id_3 
_pdbx_validate_rmsd_angle.auth_comp_id_3 
_pdbx_validate_rmsd_angle.auth_seq_id_3 
_pdbx_validate_rmsd_angle.PDB_ins_code_3 
_pdbx_validate_rmsd_angle.label_alt_id_3 
_pdbx_validate_rmsd_angle.angle_value 
_pdbx_validate_rmsd_angle.angle_target_value 
_pdbx_validate_rmsd_angle.angle_deviation 
_pdbx_validate_rmsd_angle.angle_standard_deviation 
_pdbx_validate_rmsd_angle.linker_flag 
1 1 NE A ARG 45  ? ? CZ A ARG 45  ? ? NH1 A ARG 45  ? ? 123.50 120.30 3.20  0.50 N 
2 1 CB A ASP 139 ? ? CG A ASP 139 ? ? OD1 A ASP 139 ? ? 126.58 118.30 8.28  0.90 N 
3 1 CB A ASP 139 ? ? CG A ASP 139 ? ? OD2 A ASP 139 ? ? 110.58 118.30 -7.72 0.90 N 
# 
loop_
_pdbx_validate_torsion.id 
_pdbx_validate_torsion.PDB_model_num 
_pdbx_validate_torsion.auth_comp_id 
_pdbx_validate_torsion.auth_asym_id 
_pdbx_validate_torsion.auth_seq_id 
_pdbx_validate_torsion.PDB_ins_code 
_pdbx_validate_torsion.label_alt_id 
_pdbx_validate_torsion.phi 
_pdbx_validate_torsion.psi 
1 1 CYS A 32  ? ? -49.59  152.41  
2 1 SER A 47  ? ? -160.20 13.77   
3 1 GLU A 131 ? ? -117.57 -132.34 
# 
_phasing.method   MR 
# 
_pdbx_unobs_or_zero_occ_residues.id               1 
_pdbx_unobs_or_zero_occ_residues.PDB_model_num    1 
_pdbx_unobs_or_zero_occ_residues.polymer_flag     Y 
_pdbx_unobs_or_zero_occ_residues.occupancy_flag   1 
_pdbx_unobs_or_zero_occ_residues.auth_asym_id     A 
_pdbx_unobs_or_zero_occ_residues.auth_comp_id     MET 
_pdbx_unobs_or_zero_occ_residues.auth_seq_id      23 
_pdbx_unobs_or_zero_occ_residues.PDB_ins_code     ? 
_pdbx_unobs_or_zero_occ_residues.label_asym_id    A 
_pdbx_unobs_or_zero_occ_residues.label_comp_id    MET 
_pdbx_unobs_or_zero_occ_residues.label_seq_id     1 
# 
loop_
_chem_comp_atom.comp_id 
_chem_comp_atom.atom_id 
_chem_comp_atom.type_symbol 
_chem_comp_atom.pdbx_aromatic_flag 
_chem_comp_atom.pdbx_stereo_config 
_chem_comp_atom.pdbx_ordinal 
68N CAD  C Y N 1   
68N CAB  C Y N 2   
68N CAC  C Y N 3   
68N CAE  C Y N 4   
68N CAK  C Y N 5   
68N CAJ  C Y N 6   
68N CAH  C N N 7   
68N CAG  C N N 8   
68N NAI  N N N 9   
68N CAL  C N S 10  
68N CAF  C N N 11  
68N OAA  O N N 12  
68N H1   H N N 13  
68N H2   H N N 14  
68N H3   H N N 15  
68N H4   H N N 16  
68N H5   H N N 17  
68N H6   H N N 18  
68N H7   H N N 19  
68N H8   H N N 20  
68N H9   H N N 21  
68N H11  H N N 22  
68N H12  H N N 23  
68N H13  H N N 24  
68N H14  H N N 25  
6BT CAJ  C N N 26  
6BT CAG  C N N 27  
6BT CAI  C N N 28  
6BT CAL  C Y N 29  
6BT OAA  O N N 30  
6BT CAN  C N R 31  
6BT NAK  N N N 32  
6BT CAM  C Y N 33  
6BT CAE  C Y N 34  
6BT CAC  C Y N 35  
6BT CAD  C Y N 36  
6BT CAF  C Y N 37  
6BT H1   H N N 38  
6BT H2   H N N 39  
6BT H3   H N N 40  
6BT H4   H N N 41  
6BT H5   H N N 42  
6BT H6   H N N 43  
6BT H7   H N N 44  
6BT H8   H N N 45  
6BT H9   H N N 46  
6BT H11  H N N 47  
6BT H12  H N N 48  
6BT H13  H N N 49  
6BT H14  H N N 50  
ALA N    N N N 51  
ALA CA   C N S 52  
ALA C    C N N 53  
ALA O    O N N 54  
ALA CB   C N N 55  
ALA OXT  O N N 56  
ALA H    H N N 57  
ALA H2   H N N 58  
ALA HA   H N N 59  
ALA HB1  H N N 60  
ALA HB2  H N N 61  
ALA HB3  H N N 62  
ALA HXT  H N N 63  
ARG N    N N N 64  
ARG CA   C N S 65  
ARG C    C N N 66  
ARG O    O N N 67  
ARG CB   C N N 68  
ARG CG   C N N 69  
ARG CD   C N N 70  
ARG NE   N N N 71  
ARG CZ   C N N 72  
ARG NH1  N N N 73  
ARG NH2  N N N 74  
ARG OXT  O N N 75  
ARG H    H N N 76  
ARG H2   H N N 77  
ARG HA   H N N 78  
ARG HB2  H N N 79  
ARG HB3  H N N 80  
ARG HG2  H N N 81  
ARG HG3  H N N 82  
ARG HD2  H N N 83  
ARG HD3  H N N 84  
ARG HE   H N N 85  
ARG HH11 H N N 86  
ARG HH12 H N N 87  
ARG HH21 H N N 88  
ARG HH22 H N N 89  
ARG HXT  H N N 90  
ASN N    N N N 91  
ASN CA   C N S 92  
ASN C    C N N 93  
ASN O    O N N 94  
ASN CB   C N N 95  
ASN CG   C N N 96  
ASN OD1  O N N 97  
ASN ND2  N N N 98  
ASN OXT  O N N 99  
ASN H    H N N 100 
ASN H2   H N N 101 
ASN HA   H N N 102 
ASN HB2  H N N 103 
ASN HB3  H N N 104 
ASN HD21 H N N 105 
ASN HD22 H N N 106 
ASN HXT  H N N 107 
ASP N    N N N 108 
ASP CA   C N S 109 
ASP C    C N N 110 
ASP O    O N N 111 
ASP CB   C N N 112 
ASP CG   C N N 113 
ASP OD1  O N N 114 
ASP OD2  O N N 115 
ASP OXT  O N N 116 
ASP H    H N N 117 
ASP H2   H N N 118 
ASP HA   H N N 119 
ASP HB2  H N N 120 
ASP HB3  H N N 121 
ASP HD2  H N N 122 
ASP HXT  H N N 123 
CYS N    N N N 124 
CYS CA   C N R 125 
CYS C    C N N 126 
CYS O    O N N 127 
CYS CB   C N N 128 
CYS SG   S N N 129 
CYS OXT  O N N 130 
CYS H    H N N 131 
CYS H2   H N N 132 
CYS HA   H N N 133 
CYS HB2  H N N 134 
CYS HB3  H N N 135 
CYS HG   H N N 136 
CYS HXT  H N N 137 
DMS S    S N N 138 
DMS O    O N N 139 
DMS C1   C N N 140 
DMS C2   C N N 141 
DMS H11  H N N 142 
DMS H12  H N N 143 
DMS H13  H N N 144 
DMS H21  H N N 145 
DMS H22  H N N 146 
DMS H23  H N N 147 
GLN N    N N N 148 
GLN CA   C N S 149 
GLN C    C N N 150 
GLN O    O N N 151 
GLN CB   C N N 152 
GLN CG   C N N 153 
GLN CD   C N N 154 
GLN OE1  O N N 155 
GLN NE2  N N N 156 
GLN OXT  O N N 157 
GLN H    H N N 158 
GLN H2   H N N 159 
GLN HA   H N N 160 
GLN HB2  H N N 161 
GLN HB3  H N N 162 
GLN HG2  H N N 163 
GLN HG3  H N N 164 
GLN HE21 H N N 165 
GLN HE22 H N N 166 
GLN HXT  H N N 167 
GLU N    N N N 168 
GLU CA   C N S 169 
GLU C    C N N 170 
GLU O    O N N 171 
GLU CB   C N N 172 
GLU CG   C N N 173 
GLU CD   C N N 174 
GLU OE1  O N N 175 
GLU OE2  O N N 176 
GLU OXT  O N N 177 
GLU H    H N N 178 
GLU H2   H N N 179 
GLU HA   H N N 180 
GLU HB2  H N N 181 
GLU HB3  H N N 182 
GLU HG2  H N N 183 
GLU HG3  H N N 184 
GLU HE2  H N N 185 
GLU HXT  H N N 186 
GLY N    N N N 187 
GLY CA   C N N 188 
GLY C    C N N 189 
GLY O    O N N 190 
GLY OXT  O N N 191 
GLY H    H N N 192 
GLY H2   H N N 193 
GLY HA2  H N N 194 
GLY HA3  H N N 195 
GLY HXT  H N N 196 
HIS N    N N N 197 
HIS CA   C N S 198 
HIS C    C N N 199 
HIS O    O N N 200 
HIS CB   C N N 201 
HIS CG   C Y N 202 
HIS ND1  N Y N 203 
HIS CD2  C Y N 204 
HIS CE1  C Y N 205 
HIS NE2  N Y N 206 
HIS OXT  O N N 207 
HIS H    H N N 208 
HIS H2   H N N 209 
HIS HA   H N N 210 
HIS HB2  H N N 211 
HIS HB3  H N N 212 
HIS HD1  H N N 213 
HIS HD2  H N N 214 
HIS HE1  H N N 215 
HIS HE2  H N N 216 
HIS HXT  H N N 217 
HOH O    O N N 218 
HOH H1   H N N 219 
HOH H2   H N N 220 
ILE N    N N N 221 
ILE CA   C N S 222 
ILE C    C N N 223 
ILE O    O N N 224 
ILE CB   C N S 225 
ILE CG1  C N N 226 
ILE CG2  C N N 227 
ILE CD1  C N N 228 
ILE OXT  O N N 229 
ILE H    H N N 230 
ILE H2   H N N 231 
ILE HA   H N N 232 
ILE HB   H N N 233 
ILE HG12 H N N 234 
ILE HG13 H N N 235 
ILE HG21 H N N 236 
ILE HG22 H N N 237 
ILE HG23 H N N 238 
ILE HD11 H N N 239 
ILE HD12 H N N 240 
ILE HD13 H N N 241 
ILE HXT  H N N 242 
LEU N    N N N 243 
LEU CA   C N S 244 
LEU C    C N N 245 
LEU O    O N N 246 
LEU CB   C N N 247 
LEU CG   C N N 248 
LEU CD1  C N N 249 
LEU CD2  C N N 250 
LEU OXT  O N N 251 
LEU H    H N N 252 
LEU H2   H N N 253 
LEU HA   H N N 254 
LEU HB2  H N N 255 
LEU HB3  H N N 256 
LEU HG   H N N 257 
LEU HD11 H N N 258 
LEU HD12 H N N 259 
LEU HD13 H N N 260 
LEU HD21 H N N 261 
LEU HD22 H N N 262 
LEU HD23 H N N 263 
LEU HXT  H N N 264 
LYS N    N N N 265 
LYS CA   C N S 266 
LYS C    C N N 267 
LYS O    O N N 268 
LYS CB   C N N 269 
LYS CG   C N N 270 
LYS CD   C N N 271 
LYS CE   C N N 272 
LYS NZ   N N N 273 
LYS OXT  O N N 274 
LYS H    H N N 275 
LYS H2   H N N 276 
LYS HA   H N N 277 
LYS HB2  H N N 278 
LYS HB3  H N N 279 
LYS HG2  H N N 280 
LYS HG3  H N N 281 
LYS HD2  H N N 282 
LYS HD3  H N N 283 
LYS HE2  H N N 284 
LYS HE3  H N N 285 
LYS HZ1  H N N 286 
LYS HZ2  H N N 287 
LYS HZ3  H N N 288 
LYS HXT  H N N 289 
MET N    N N N 290 
MET CA   C N S 291 
MET C    C N N 292 
MET O    O N N 293 
MET CB   C N N 294 
MET CG   C N N 295 
MET SD   S N N 296 
MET CE   C N N 297 
MET OXT  O N N 298 
MET H    H N N 299 
MET H2   H N N 300 
MET HA   H N N 301 
MET HB2  H N N 302 
MET HB3  H N N 303 
MET HG2  H N N 304 
MET HG3  H N N 305 
MET HE1  H N N 306 
MET HE2  H N N 307 
MET HE3  H N N 308 
MET HXT  H N N 309 
PHE N    N N N 310 
PHE CA   C N S 311 
PHE C    C N N 312 
PHE O    O N N 313 
PHE CB   C N N 314 
PHE CG   C Y N 315 
PHE CD1  C Y N 316 
PHE CD2  C Y N 317 
PHE CE1  C Y N 318 
PHE CE2  C Y N 319 
PHE CZ   C Y N 320 
PHE OXT  O N N 321 
PHE H    H N N 322 
PHE H2   H N N 323 
PHE HA   H N N 324 
PHE HB2  H N N 325 
PHE HB3  H N N 326 
PHE HD1  H N N 327 
PHE HD2  H N N 328 
PHE HE1  H N N 329 
PHE HE2  H N N 330 
PHE HZ   H N N 331 
PHE HXT  H N N 332 
PRO N    N N N 333 
PRO CA   C N S 334 
PRO C    C N N 335 
PRO O    O N N 336 
PRO CB   C N N 337 
PRO CG   C N N 338 
PRO CD   C N N 339 
PRO OXT  O N N 340 
PRO H    H N N 341 
PRO HA   H N N 342 
PRO HB2  H N N 343 
PRO HB3  H N N 344 
PRO HG2  H N N 345 
PRO HG3  H N N 346 
PRO HD2  H N N 347 
PRO HD3  H N N 348 
PRO HXT  H N N 349 
SER N    N N N 350 
SER CA   C N S 351 
SER C    C N N 352 
SER O    O N N 353 
SER CB   C N N 354 
SER OG   O N N 355 
SER OXT  O N N 356 
SER H    H N N 357 
SER H2   H N N 358 
SER HA   H N N 359 
SER HB2  H N N 360 
SER HB3  H N N 361 
SER HG   H N N 362 
SER HXT  H N N 363 
SO4 S    S N N 364 
SO4 O1   O N N 365 
SO4 O2   O N N 366 
SO4 O3   O N N 367 
SO4 O4   O N N 368 
THR N    N N N 369 
THR CA   C N S 370 
THR C    C N N 371 
THR O    O N N 372 
THR CB   C N R 373 
THR OG1  O N N 374 
THR CG2  C N N 375 
THR OXT  O N N 376 
THR H    H N N 377 
THR H2   H N N 378 
THR HA   H N N 379 
THR HB   H N N 380 
THR HG1  H N N 381 
THR HG21 H N N 382 
THR HG22 H N N 383 
THR HG23 H N N 384 
THR HXT  H N N 385 
TYR N    N N N 386 
TYR CA   C N S 387 
TYR C    C N N 388 
TYR O    O N N 389 
TYR CB   C N N 390 
TYR CG   C Y N 391 
TYR CD1  C Y N 392 
TYR CD2  C Y N 393 
TYR CE1  C Y N 394 
TYR CE2  C Y N 395 
TYR CZ   C Y N 396 
TYR OH   O N N 397 
TYR OXT  O N N 398 
TYR H    H N N 399 
TYR H2   H N N 400 
TYR HA   H N N 401 
TYR HB2  H N N 402 
TYR HB3  H N N 403 
TYR HD1  H N N 404 
TYR HD2  H N N 405 
TYR HE1  H N N 406 
TYR HE2  H N N 407 
TYR HH   H N N 408 
TYR HXT  H N N 409 
VAL N    N N N 410 
VAL CA   C N S 411 
VAL C    C N N 412 
VAL O    O N N 413 
VAL CB   C N N 414 
VAL CG1  C N N 415 
VAL CG2  C N N 416 
VAL OXT  O N N 417 
VAL H    H N N 418 
VAL H2   H N N 419 
VAL HA   H N N 420 
VAL HB   H N N 421 
VAL HG11 H N N 422 
VAL HG12 H N N 423 
VAL HG13 H N N 424 
VAL HG21 H N N 425 
VAL HG22 H N N 426 
VAL HG23 H N N 427 
VAL HXT  H N N 428 
# 
loop_
_chem_comp_bond.comp_id 
_chem_comp_bond.atom_id_1 
_chem_comp_bond.atom_id_2 
_chem_comp_bond.value_order 
_chem_comp_bond.pdbx_aromatic_flag 
_chem_comp_bond.pdbx_stereo_config 
_chem_comp_bond.pdbx_ordinal 
68N CAB CAC  doub Y N 1   
68N CAB CAD  sing Y N 2   
68N CAC CAE  sing Y N 3   
68N CAD CAJ  doub Y N 4   
68N CAE CAK  doub Y N 5   
68N CAJ CAK  sing Y N 6   
68N CAJ CAH  sing N N 7   
68N CAK CAL  sing N N 8   
68N OAA CAF  sing N N 9   
68N CAF CAL  sing N N 10  
68N CAH CAG  sing N N 11  
68N CAL NAI  sing N N 12  
68N CAG NAI  sing N N 13  
68N CAD H1   sing N N 14  
68N CAB H2   sing N N 15  
68N CAC H3   sing N N 16  
68N CAE H4   sing N N 17  
68N CAH H5   sing N N 18  
68N CAH H6   sing N N 19  
68N CAG H7   sing N N 20  
68N CAG H8   sing N N 21  
68N NAI H9   sing N N 22  
68N CAL H11  sing N N 23  
68N CAF H12  sing N N 24  
68N CAF H13  sing N N 25  
68N OAA H14  sing N N 26  
6BT CAC CAD  doub Y N 27  
6BT CAC CAE  sing Y N 28  
6BT CAD CAF  sing Y N 29  
6BT CAE CAL  doub Y N 30  
6BT CAF CAM  doub Y N 31  
6BT CAL CAM  sing Y N 32  
6BT CAL CAJ  sing N N 33  
6BT CAM CAN  sing N N 34  
6BT CAJ CAI  sing N N 35  
6BT CAN CAG  sing N N 36  
6BT CAN NAK  sing N N 37  
6BT CAI NAK  sing N N 38  
6BT CAG OAA  sing N N 39  
6BT CAJ H1   sing N N 40  
6BT CAJ H2   sing N N 41  
6BT CAG H3   sing N N 42  
6BT CAG H4   sing N N 43  
6BT CAI H5   sing N N 44  
6BT CAI H6   sing N N 45  
6BT OAA H7   sing N N 46  
6BT CAN H8   sing N N 47  
6BT NAK H9   sing N N 48  
6BT CAE H11  sing N N 49  
6BT CAC H12  sing N N 50  
6BT CAD H13  sing N N 51  
6BT CAF H14  sing N N 52  
ALA N   CA   sing N N 53  
ALA N   H    sing N N 54  
ALA N   H2   sing N N 55  
ALA CA  C    sing N N 56  
ALA CA  CB   sing N N 57  
ALA CA  HA   sing N N 58  
ALA C   O    doub N N 59  
ALA C   OXT  sing N N 60  
ALA CB  HB1  sing N N 61  
ALA CB  HB2  sing N N 62  
ALA CB  HB3  sing N N 63  
ALA OXT HXT  sing N N 64  
ARG N   CA   sing N N 65  
ARG N   H    sing N N 66  
ARG N   H2   sing N N 67  
ARG CA  C    sing N N 68  
ARG CA  CB   sing N N 69  
ARG CA  HA   sing N N 70  
ARG C   O    doub N N 71  
ARG C   OXT  sing N N 72  
ARG CB  CG   sing N N 73  
ARG CB  HB2  sing N N 74  
ARG CB  HB3  sing N N 75  
ARG CG  CD   sing N N 76  
ARG CG  HG2  sing N N 77  
ARG CG  HG3  sing N N 78  
ARG CD  NE   sing N N 79  
ARG CD  HD2  sing N N 80  
ARG CD  HD3  sing N N 81  
ARG NE  CZ   sing N N 82  
ARG NE  HE   sing N N 83  
ARG CZ  NH1  sing N N 84  
ARG CZ  NH2  doub N N 85  
ARG NH1 HH11 sing N N 86  
ARG NH1 HH12 sing N N 87  
ARG NH2 HH21 sing N N 88  
ARG NH2 HH22 sing N N 89  
ARG OXT HXT  sing N N 90  
ASN N   CA   sing N N 91  
ASN N   H    sing N N 92  
ASN N   H2   sing N N 93  
ASN CA  C    sing N N 94  
ASN CA  CB   sing N N 95  
ASN CA  HA   sing N N 96  
ASN C   O    doub N N 97  
ASN C   OXT  sing N N 98  
ASN CB  CG   sing N N 99  
ASN CB  HB2  sing N N 100 
ASN CB  HB3  sing N N 101 
ASN CG  OD1  doub N N 102 
ASN CG  ND2  sing N N 103 
ASN ND2 HD21 sing N N 104 
ASN ND2 HD22 sing N N 105 
ASN OXT HXT  sing N N 106 
ASP N   CA   sing N N 107 
ASP N   H    sing N N 108 
ASP N   H2   sing N N 109 
ASP CA  C    sing N N 110 
ASP CA  CB   sing N N 111 
ASP CA  HA   sing N N 112 
ASP C   O    doub N N 113 
ASP C   OXT  sing N N 114 
ASP CB  CG   sing N N 115 
ASP CB  HB2  sing N N 116 
ASP CB  HB3  sing N N 117 
ASP CG  OD1  doub N N 118 
ASP CG  OD2  sing N N 119 
ASP OD2 HD2  sing N N 120 
ASP OXT HXT  sing N N 121 
CYS N   CA   sing N N 122 
CYS N   H    sing N N 123 
CYS N   H2   sing N N 124 
CYS CA  C    sing N N 125 
CYS CA  CB   sing N N 126 
CYS CA  HA   sing N N 127 
CYS C   O    doub N N 128 
CYS C   OXT  sing N N 129 
CYS CB  SG   sing N N 130 
CYS CB  HB2  sing N N 131 
CYS CB  HB3  sing N N 132 
CYS SG  HG   sing N N 133 
CYS OXT HXT  sing N N 134 
DMS S   O    doub N N 135 
DMS S   C1   sing N N 136 
DMS S   C2   sing N N 137 
DMS C1  H11  sing N N 138 
DMS C1  H12  sing N N 139 
DMS C1  H13  sing N N 140 
DMS C2  H21  sing N N 141 
DMS C2  H22  sing N N 142 
DMS C2  H23  sing N N 143 
GLN N   CA   sing N N 144 
GLN N   H    sing N N 145 
GLN N   H2   sing N N 146 
GLN CA  C    sing N N 147 
GLN CA  CB   sing N N 148 
GLN CA  HA   sing N N 149 
GLN C   O    doub N N 150 
GLN C   OXT  sing N N 151 
GLN CB  CG   sing N N 152 
GLN CB  HB2  sing N N 153 
GLN CB  HB3  sing N N 154 
GLN CG  CD   sing N N 155 
GLN CG  HG2  sing N N 156 
GLN CG  HG3  sing N N 157 
GLN CD  OE1  doub N N 158 
GLN CD  NE2  sing N N 159 
GLN NE2 HE21 sing N N 160 
GLN NE2 HE22 sing N N 161 
GLN OXT HXT  sing N N 162 
GLU N   CA   sing N N 163 
GLU N   H    sing N N 164 
GLU N   H2   sing N N 165 
GLU CA  C    sing N N 166 
GLU CA  CB   sing N N 167 
GLU CA  HA   sing N N 168 
GLU C   O    doub N N 169 
GLU C   OXT  sing N N 170 
GLU CB  CG   sing N N 171 
GLU CB  HB2  sing N N 172 
GLU CB  HB3  sing N N 173 
GLU CG  CD   sing N N 174 
GLU CG  HG2  sing N N 175 
GLU CG  HG3  sing N N 176 
GLU CD  OE1  doub N N 177 
GLU CD  OE2  sing N N 178 
GLU OE2 HE2  sing N N 179 
GLU OXT HXT  sing N N 180 
GLY N   CA   sing N N 181 
GLY N   H    sing N N 182 
GLY N   H2   sing N N 183 
GLY CA  C    sing N N 184 
GLY CA  HA2  sing N N 185 
GLY CA  HA3  sing N N 186 
GLY C   O    doub N N 187 
GLY C   OXT  sing N N 188 
GLY OXT HXT  sing N N 189 
HIS N   CA   sing N N 190 
HIS N   H    sing N N 191 
HIS N   H2   sing N N 192 
HIS CA  C    sing N N 193 
HIS CA  CB   sing N N 194 
HIS CA  HA   sing N N 195 
HIS C   O    doub N N 196 
HIS C   OXT  sing N N 197 
HIS CB  CG   sing N N 198 
HIS CB  HB2  sing N N 199 
HIS CB  HB3  sing N N 200 
HIS CG  ND1  sing Y N 201 
HIS CG  CD2  doub Y N 202 
HIS ND1 CE1  doub Y N 203 
HIS ND1 HD1  sing N N 204 
HIS CD2 NE2  sing Y N 205 
HIS CD2 HD2  sing N N 206 
HIS CE1 NE2  sing Y N 207 
HIS CE1 HE1  sing N N 208 
HIS NE2 HE2  sing N N 209 
HIS OXT HXT  sing N N 210 
HOH O   H1   sing N N 211 
HOH O   H2   sing N N 212 
ILE N   CA   sing N N 213 
ILE N   H    sing N N 214 
ILE N   H2   sing N N 215 
ILE CA  C    sing N N 216 
ILE CA  CB   sing N N 217 
ILE CA  HA   sing N N 218 
ILE C   O    doub N N 219 
ILE C   OXT  sing N N 220 
ILE CB  CG1  sing N N 221 
ILE CB  CG2  sing N N 222 
ILE CB  HB   sing N N 223 
ILE CG1 CD1  sing N N 224 
ILE CG1 HG12 sing N N 225 
ILE CG1 HG13 sing N N 226 
ILE CG2 HG21 sing N N 227 
ILE CG2 HG22 sing N N 228 
ILE CG2 HG23 sing N N 229 
ILE CD1 HD11 sing N N 230 
ILE CD1 HD12 sing N N 231 
ILE CD1 HD13 sing N N 232 
ILE OXT HXT  sing N N 233 
LEU N   CA   sing N N 234 
LEU N   H    sing N N 235 
LEU N   H2   sing N N 236 
LEU CA  C    sing N N 237 
LEU CA  CB   sing N N 238 
LEU CA  HA   sing N N 239 
LEU C   O    doub N N 240 
LEU C   OXT  sing N N 241 
LEU CB  CG   sing N N 242 
LEU CB  HB2  sing N N 243 
LEU CB  HB3  sing N N 244 
LEU CG  CD1  sing N N 245 
LEU CG  CD2  sing N N 246 
LEU CG  HG   sing N N 247 
LEU CD1 HD11 sing N N 248 
LEU CD1 HD12 sing N N 249 
LEU CD1 HD13 sing N N 250 
LEU CD2 HD21 sing N N 251 
LEU CD2 HD22 sing N N 252 
LEU CD2 HD23 sing N N 253 
LEU OXT HXT  sing N N 254 
LYS N   CA   sing N N 255 
LYS N   H    sing N N 256 
LYS N   H2   sing N N 257 
LYS CA  C    sing N N 258 
LYS CA  CB   sing N N 259 
LYS CA  HA   sing N N 260 
LYS C   O    doub N N 261 
LYS C   OXT  sing N N 262 
LYS CB  CG   sing N N 263 
LYS CB  HB2  sing N N 264 
LYS CB  HB3  sing N N 265 
LYS CG  CD   sing N N 266 
LYS CG  HG2  sing N N 267 
LYS CG  HG3  sing N N 268 
LYS CD  CE   sing N N 269 
LYS CD  HD2  sing N N 270 
LYS CD  HD3  sing N N 271 
LYS CE  NZ   sing N N 272 
LYS CE  HE2  sing N N 273 
LYS CE  HE3  sing N N 274 
LYS NZ  HZ1  sing N N 275 
LYS NZ  HZ2  sing N N 276 
LYS NZ  HZ3  sing N N 277 
LYS OXT HXT  sing N N 278 
MET N   CA   sing N N 279 
MET N   H    sing N N 280 
MET N   H2   sing N N 281 
MET CA  C    sing N N 282 
MET CA  CB   sing N N 283 
MET CA  HA   sing N N 284 
MET C   O    doub N N 285 
MET C   OXT  sing N N 286 
MET CB  CG   sing N N 287 
MET CB  HB2  sing N N 288 
MET CB  HB3  sing N N 289 
MET CG  SD   sing N N 290 
MET CG  HG2  sing N N 291 
MET CG  HG3  sing N N 292 
MET SD  CE   sing N N 293 
MET CE  HE1  sing N N 294 
MET CE  HE2  sing N N 295 
MET CE  HE3  sing N N 296 
MET OXT HXT  sing N N 297 
PHE N   CA   sing N N 298 
PHE N   H    sing N N 299 
PHE N   H2   sing N N 300 
PHE CA  C    sing N N 301 
PHE CA  CB   sing N N 302 
PHE CA  HA   sing N N 303 
PHE C   O    doub N N 304 
PHE C   OXT  sing N N 305 
PHE CB  CG   sing N N 306 
PHE CB  HB2  sing N N 307 
PHE CB  HB3  sing N N 308 
PHE CG  CD1  doub Y N 309 
PHE CG  CD2  sing Y N 310 
PHE CD1 CE1  sing Y N 311 
PHE CD1 HD1  sing N N 312 
PHE CD2 CE2  doub Y N 313 
PHE CD2 HD2  sing N N 314 
PHE CE1 CZ   doub Y N 315 
PHE CE1 HE1  sing N N 316 
PHE CE2 CZ   sing Y N 317 
PHE CE2 HE2  sing N N 318 
PHE CZ  HZ   sing N N 319 
PHE OXT HXT  sing N N 320 
PRO N   CA   sing N N 321 
PRO N   CD   sing N N 322 
PRO N   H    sing N N 323 
PRO CA  C    sing N N 324 
PRO CA  CB   sing N N 325 
PRO CA  HA   sing N N 326 
PRO C   O    doub N N 327 
PRO C   OXT  sing N N 328 
PRO CB  CG   sing N N 329 
PRO CB  HB2  sing N N 330 
PRO CB  HB3  sing N N 331 
PRO CG  CD   sing N N 332 
PRO CG  HG2  sing N N 333 
PRO CG  HG3  sing N N 334 
PRO CD  HD2  sing N N 335 
PRO CD  HD3  sing N N 336 
PRO OXT HXT  sing N N 337 
SER N   CA   sing N N 338 
SER N   H    sing N N 339 
SER N   H2   sing N N 340 
SER CA  C    sing N N 341 
SER CA  CB   sing N N 342 
SER CA  HA   sing N N 343 
SER C   O    doub N N 344 
SER C   OXT  sing N N 345 
SER CB  OG   sing N N 346 
SER CB  HB2  sing N N 347 
SER CB  HB3  sing N N 348 
SER OG  HG   sing N N 349 
SER OXT HXT  sing N N 350 
SO4 S   O1   doub N N 351 
SO4 S   O2   doub N N 352 
SO4 S   O3   sing N N 353 
SO4 S   O4   sing N N 354 
THR N   CA   sing N N 355 
THR N   H    sing N N 356 
THR N   H2   sing N N 357 
THR CA  C    sing N N 358 
THR CA  CB   sing N N 359 
THR CA  HA   sing N N 360 
THR C   O    doub N N 361 
THR C   OXT  sing N N 362 
THR CB  OG1  sing N N 363 
THR CB  CG2  sing N N 364 
THR CB  HB   sing N N 365 
THR OG1 HG1  sing N N 366 
THR CG2 HG21 sing N N 367 
THR CG2 HG22 sing N N 368 
THR CG2 HG23 sing N N 369 
THR OXT HXT  sing N N 370 
TYR N   CA   sing N N 371 
TYR N   H    sing N N 372 
TYR N   H2   sing N N 373 
TYR CA  C    sing N N 374 
TYR CA  CB   sing N N 375 
TYR CA  HA   sing N N 376 
TYR C   O    doub N N 377 
TYR C   OXT  sing N N 378 
TYR CB  CG   sing N N 379 
TYR CB  HB2  sing N N 380 
TYR CB  HB3  sing N N 381 
TYR CG  CD1  doub Y N 382 
TYR CG  CD2  sing Y N 383 
TYR CD1 CE1  sing Y N 384 
TYR CD1 HD1  sing N N 385 
TYR CD2 CE2  doub Y N 386 
TYR CD2 HD2  sing N N 387 
TYR CE1 CZ   doub Y N 388 
TYR CE1 HE1  sing N N 389 
TYR CE2 CZ   sing Y N 390 
TYR CE2 HE2  sing N N 391 
TYR CZ  OH   sing N N 392 
TYR OH  HH   sing N N 393 
TYR OXT HXT  sing N N 394 
VAL N   CA   sing N N 395 
VAL N   H    sing N N 396 
VAL N   H2   sing N N 397 
VAL CA  C    sing N N 398 
VAL CA  CB   sing N N 399 
VAL CA  HA   sing N N 400 
VAL C   O    doub N N 401 
VAL C   OXT  sing N N 402 
VAL CB  CG1  sing N N 403 
VAL CB  CG2  sing N N 404 
VAL CB  HB   sing N N 405 
VAL CG1 HG11 sing N N 406 
VAL CG1 HG12 sing N N 407 
VAL CG1 HG13 sing N N 408 
VAL CG2 HG21 sing N N 409 
VAL CG2 HG22 sing N N 410 
VAL CG2 HG23 sing N N 411 
VAL OXT HXT  sing N N 412 
# 
_atom_sites.entry_id                    5BZE 
_atom_sites.fract_transf_matrix[1][1]   -0.03446853 
_atom_sites.fract_transf_matrix[1][2]   0.01203079 
_atom_sites.fract_transf_matrix[1][3]   -0.00152499 
_atom_sites.fract_transf_matrix[2][1]   0.00247421 
_atom_sites.fract_transf_matrix[2][2]   0.00576058 
_atom_sites.fract_transf_matrix[2][3]   -0.01047751 
_atom_sites.fract_transf_matrix[3][1]   -0.02360516 
_atom_sites.fract_transf_matrix[3][2]   -0.02000397 
_atom_sites.fract_transf_matrix[3][3]   -0.01657250 
_atom_sites.fract_transf_vector[1]      0.089350 
_atom_sites.fract_transf_vector[2]      -0.003746 
_atom_sites.fract_transf_vector[3]      0.071619 
# 
loop_
_atom_type.symbol 
C 
N 
O 
S 
# 
loop_
_atom_site.group_PDB 
_atom_site.id 
_atom_site.type_symbol 
_atom_site.label_atom_id 
_atom_site.label_alt_id 
_atom_site.label_comp_id 
_atom_site.label_asym_id 
_atom_site.label_entity_id 
_atom_site.label_seq_id 
_atom_site.pdbx_PDB_ins_code 
_atom_site.Cartn_x 
_atom_site.Cartn_y 
_atom_site.Cartn_z 
_atom_site.occupancy 
_atom_site.B_iso_or_equiv 
_atom_site.pdbx_formal_charge 
_atom_site.auth_seq_id 
_atom_site.auth_comp_id 
_atom_site.auth_asym_id 
_atom_site.auth_atom_id 
_atom_site.pdbx_PDB_model_num 
ATOM   1    N N   . ASN A 1 2   ? -10.327 16.400  -10.400 1.00 22.32 ? 24  ASN A N   1 
ATOM   2    C CA  . ASN A 1 2   ? -9.352  15.341  -10.795 1.00 21.58 ? 24  ASN A CA  1 
ATOM   3    C C   . ASN A 1 2   ? -8.310  15.143  -9.696  1.00 20.49 ? 24  ASN A C   1 
ATOM   4    O O   . ASN A 1 2   ? -7.200  15.685  -9.763  1.00 19.81 ? 24  ASN A O   1 
ATOM   5    C CB  . ASN A 1 2   ? -8.685  15.691  -12.130 1.00 22.10 ? 24  ASN A CB  1 
ATOM   6    C CG  . ASN A 1 2   ? -8.099  14.474  -12.833 1.00 23.56 ? 24  ASN A CG  1 
ATOM   7    O OD1 . ASN A 1 2   ? -8.029  13.378  -12.268 1.00 26.76 ? 24  ASN A OD1 1 
ATOM   8    N ND2 . ASN A 1 2   ? -7.681  14.663  -14.076 1.00 24.20 ? 24  ASN A ND2 1 
ATOM   9    N N   . GLN A 1 3   ? -8.668  14.350  -8.687  1.00 19.17 ? 25  GLN A N   1 
ATOM   10   C CA  . GLN A 1 3   ? -7.912  14.239  -7.455  1.00 18.23 ? 25  GLN A CA  1 
ATOM   11   C C   . GLN A 1 3   ? -7.929  12.820  -6.961  1.00 16.73 ? 25  GLN A C   1 
ATOM   12   O O   . GLN A 1 3   ? -8.913  12.161  -7.072  1.00 16.99 ? 25  GLN A O   1 
ATOM   13   C CB  . GLN A 1 3   ? -8.504  15.094  -6.365  1.00 18.85 ? 25  GLN A CB  1 
ATOM   14   C CG  . GLN A 1 3   ? -7.521  15.773  -5.403  1.00 21.69 ? 25  GLN A CG  1 
ATOM   15   C CD  . GLN A 1 3   ? -6.949  14.953  -4.257  1.00 24.97 ? 25  GLN A CD  1 
ATOM   16   O OE1 . GLN A 1 3   ? -7.644  14.335  -3.450  1.00 27.15 ? 25  GLN A OE1 1 
ATOM   17   N NE2 . GLN A 1 3   ? -5.677  15.030  -4.158  1.00 23.54 ? 25  GLN A NE2 1 
ATOM   18   N N   . ILE A 1 4   ? -6.793  12.390  -6.437  1.00 14.30 ? 26  ILE A N   1 
ATOM   19   C CA  . ILE A 1 4   ? -6.660  11.065  -5.818  1.00 13.04 ? 26  ILE A CA  1 
ATOM   20   C C   . ILE A 1 4   ? -5.989  11.231  -4.456  1.00 12.45 ? 26  ILE A C   1 
ATOM   21   O O   . ILE A 1 4   ? -4.950  11.879  -4.365  1.00 12.30 ? 26  ILE A O   1 
ATOM   22   C CB  . ILE A 1 4   ? -5.812  10.117  -6.704  1.00 12.84 ? 26  ILE A CB  1 
ATOM   23   C CG1 . ILE A 1 4   ? -6.515  9.836   -8.044  1.00 13.26 ? 26  ILE A CG1 1 
ATOM   24   C CG2 . ILE A 1 4   ? -5.507  8.801   -5.971  1.00 13.04 ? 26  ILE A CG2 1 
ATOM   25   C CD1 . ILE A 1 4   ? -5.668  9.069   -9.055  1.00 15.74 ? 26  ILE A CD1 1 
ATOM   26   N N   . ASP A 1 5   ? -6.557  10.657  -3.433  1.00 11.62 ? 27  ASP A N   1 
ATOM   27   C CA  . ASP A 1 5   ? -5.980  10.607  -2.073  1.00 11.25 ? 27  ASP A CA  1 
ATOM   28   C C   . ASP A 1 5   ? -5.348  9.207   -1.961  1.00 9.76  ? 27  ASP A C   1 
ATOM   29   O O   . ASP A 1 5   ? -6.011  8.232   -2.235  1.00 9.65  ? 27  ASP A O   1 
ATOM   30   C CB  . ASP A 1 5   ? -7.005  10.701  -0.928  1.00 12.80 ? 27  ASP A CB  1 
ATOM   31   C CG  . ASP A 1 5   ? -7.501  12.124  -0.562  1.00 16.22 ? 27  ASP A CG  1 
ATOM   32   O OD1 . ASP A 1 5   ? -6.905  13.075  -0.941  1.00 18.87 ? 27  ASP A OD1 1 
ATOM   33   O OD2 . ASP A 1 5   ? -8.486  12.154  0.190   1.00 20.10 ? 27  ASP A OD2 1 
ATOM   34   N N   . LEU A 1 6   ? -4.103  9.168   -1.474  1.00 8.63  ? 28  LEU A N   1 
ATOM   35   C CA  . LEU A 1 6   ? -3.397  7.919   -1.165  1.00 7.97  ? 28  LEU A CA  1 
ATOM   36   C C   . LEU A 1 6   ? -3.087  7.911   0.320   1.00 7.50  ? 28  LEU A C   1 
ATOM   37   O O   . LEU A 1 6   ? -2.218  8.648   0.781   1.00 7.88  ? 28  LEU A O   1 
ATOM   38   C CB  . LEU A 1 6   ? -2.115  7.802   -1.998  1.00 8.21  ? 28  LEU A CB  1 
ATOM   39   C CG  . LEU A 1 6   ? -2.290  7.837   -3.524  1.00 7.98  ? 28  LEU A CG  1 
ATOM   40   C CD1 . LEU A 1 6   ? -0.927  7.870   -4.213  1.00 10.59 ? 28  LEU A CD1 1 
ATOM   41   C CD2 . LEU A 1 6   ? -3.129  6.669   -4.044  1.00 9.37  ? 28  LEU A CD2 1 
ATOM   42   N N   . ASN A 1 7   ? -3.790  7.100   1.073   1.00 6.42  ? 29  ASN A N   1 
ATOM   43   C CA  . ASN A 1 7   ? -3.591  6.967   2.515   1.00 6.75  ? 29  ASN A CA  1 
ATOM   44   C C   . ASN A 1 7   ? -2.504  5.937   2.763   1.00 7.13  ? 29  ASN A C   1 
ATOM   45   O O   . ASN A 1 7   ? -2.641  4.853   2.329   1.00 8.21  ? 29  ASN A O   1 
ATOM   46   C CB  . ASN A 1 7   ? -4.928  6.493   3.141   1.00 7.77  ? 29  ASN A CB  1 
ATOM   47   C CG  . ASN A 1 7   ? -6.051  7.466   2.951   1.00 9.83  ? 29  ASN A CG  1 
ATOM   48   O OD1 . ASN A 1 7   ? -5.858  8.613   2.822   1.00 10.99 ? 29  ASN A OD1 1 
ATOM   49   N ND2 . ASN A 1 7   ? -7.228  6.946   2.996   1.00 11.22 ? 29  ASN A ND2 1 
ATOM   50   N N   . VAL A 1 8   ? -1.467  6.341   3.440   1.00 6.55  ? 30  VAL A N   1 
ATOM   51   C CA  . VAL A 1 8   ? -0.296  5.475   3.588   1.00 7.26  ? 30  VAL A CA  1 
ATOM   52   C C   . VAL A 1 8   ? 0.012   5.218   5.056   1.00 7.55  ? 30  VAL A C   1 
ATOM   53   O O   . VAL A 1 8   ? -0.250  6.061   5.914   1.00 8.59  ? 30  VAL A O   1 
ATOM   54   C CB  . VAL A 1 8   ? 0.946   6.059   2.872   1.00 7.66  ? 30  VAL A CB  1 
ATOM   55   C CG1 . VAL A 1 8   ? 0.678   6.273   1.382   1.00 10.34 ? 30  VAL A CG1 1 
ATOM   56   C CG2 . VAL A 1 8   ? 1.384   7.361   3.512   1.00 9.43  ? 30  VAL A CG2 1 
ATOM   57   N N   . THR A 1 9   ? 0.565   4.048   5.355   1.00 6.90  ? 31  THR A N   1 
ATOM   58   C CA  . THR A 1 9   ? 0.929   3.690   6.717   1.00 7.05  ? 31  THR A CA  1 
ATOM   59   C C   . THR A 1 9   ? 2.421   3.857   6.992   1.00 6.98  ? 31  THR A C   1 
ATOM   60   O O   . THR A 1 9   ? 3.222   4.086   6.089   1.00 7.25  ? 31  THR A O   1 
ATOM   61   C CB  . THR A 1 9   ? 0.563   2.212   7.026   1.00 7.03  ? 31  THR A CB  1 
ATOM   62   O OG1 . THR A 1 9   ? 1.349   1.326   6.207   1.00 6.20  ? 31  THR A OG1 1 
ATOM   63   C CG2 . THR A 1 9   ? -0.921  1.957   6.800   1.00 8.21  ? 31  THR A CG2 1 
ATOM   64   N N   . CYS A 1 10  ? 2.772   3.649   8.249   1.00 6.50  ? 32  CYS A N   1 
ATOM   65   C CA  . CYS A 1 10  ? 4.137   3.336   8.645   1.00 6.06  ? 32  CYS A CA  1 
ATOM   66   C C   . CYS A 1 10  ? 4.688   2.210   7.788   1.00 5.85  ? 32  CYS A C   1 
ATOM   67   O O   . CYS A 1 10  ? 3.927   1.352   7.310   1.00 6.26  ? 32  CYS A O   1 
ATOM   68   C CB  . CYS A 1 10  ? 4.139   2.817   10.087  1.00 6.17  ? 32  CYS A CB  1 
ATOM   69   S SG  . CYS A 1 10  ? 3.520   3.909   11.374  1.00 11.31 ? 32  CYS A SG  1 
ATOM   70   N N   . ARG A 1 11  ? 6.004   2.199   7.625   1.00 5.72  ? 33  ARG A N   1 
ATOM   71   C CA  . ARG A 1 11  ? 6.713   1.095   6.984   1.00 5.64  ? 33  ARG A CA  1 
ATOM   72   C C   . ARG A 1 11  ? 7.272   0.152   8.036   1.00 6.20  ? 33  ARG A C   1 
ATOM   73   O O   . ARG A 1 11  ? 7.749   0.588   9.103   1.00 6.91  ? 33  ARG A O   1 
ATOM   74   C CB  . ARG A 1 11  ? 7.855   1.600   6.102   1.00 6.24  ? 33  ARG A CB  1 
ATOM   75   C CG  . ARG A 1 11  ? 7.450   2.085   4.697   1.00 6.50  ? 33  ARG A CG  1 
ATOM   76   C CD  . ARG A 1 11  ? 6.643   3.394   4.703   1.00 6.02  ? 33  ARG A CD  1 
ATOM   77   N NE  . ARG A 1 11  ? 7.455   4.467   5.271   1.00 6.37  ? 33  ARG A NE  1 
ATOM   78   C CZ  . ARG A 1 11  ? 7.027   5.462   6.045   1.00 6.77  ? 33  ARG A CZ  1 
ATOM   79   N NH1 . ARG A 1 11  ? 7.910   6.361   6.455   1.00 7.70  ? 33  ARG A NH1 1 
ATOM   80   N NH2 . ARG A 1 11  ? 5.757   5.591   6.399   1.00 6.87  ? 33  ARG A NH2 1 
ATOM   81   N N   . TYR A 1 12  ? 7.232   -1.139  7.744   1.00 5.76  ? 34  TYR A N   1 
ATOM   82   C CA  . TYR A 1 12  ? 7.809   -2.162  8.603   1.00 5.83  ? 34  TYR A CA  1 
ATOM   83   C C   . TYR A 1 12  ? 8.696   -3.024  7.740   1.00 5.28  ? 34  TYR A C   1 
ATOM   84   O O   . TYR A 1 12  ? 8.203   -3.685  6.820   1.00 5.56  ? 34  TYR A O   1 
ATOM   85   C CB  . TYR A 1 12  ? 6.699   -3.018  9.207   1.00 6.57  ? 34  TYR A CB  1 
ATOM   86   C CG  . TYR A 1 12  ? 5.904   -2.261  10.230  1.00 7.98  ? 34  TYR A CG  1 
ATOM   87   C CD1 . TYR A 1 12  ? 6.274   -2.291  11.573  1.00 9.87  ? 34  TYR A CD1 1 
ATOM   88   C CD2 . TYR A 1 12  ? 4.816   -1.476  9.864   1.00 9.47  ? 34  TYR A CD2 1 
ATOM   89   C CE1 . TYR A 1 12  ? 5.559   -1.581  12.527  1.00 12.03 ? 34  TYR A CE1 1 
ATOM   90   C CE2 . TYR A 1 12  ? 4.095   -0.760  10.814  1.00 11.60 ? 34  TYR A CE2 1 
ATOM   91   C CZ  . TYR A 1 12  ? 4.479   -0.822  12.127  1.00 10.66 ? 34  TYR A CZ  1 
ATOM   92   O OH  . TYR A 1 12  ? 3.751   -0.102  13.055  1.00 17.08 ? 34  TYR A OH  1 
ATOM   93   N N   . ALA A 1 13  ? 10.012  -2.995  7.979   1.00 5.22  ? 35  ALA A N   1 
ATOM   94   C CA  . ALA A 1 13  ? 10.934  -3.666  7.076   1.00 5.25  ? 35  ALA A CA  1 
ATOM   95   C C   . ALA A 1 13  ? 10.642  -3.309  5.613   1.00 5.08  ? 35  ALA A C   1 
ATOM   96   O O   . ALA A 1 13  ? 10.689  -4.168  4.723   1.00 5.67  ? 35  ALA A O   1 
ATOM   97   C CB  . ALA A 1 13  ? 10.918  -5.193  7.308   1.00 6.36  ? 35  ALA A CB  1 
ATOM   98   N N   . GLY A 1 14  ? 10.305  -2.043  5.382   1.00 5.09  ? 36  GLY A N   1 
ATOM   99   C CA  . GLY A 1 14  ? 10.073  -1.546  4.036   1.00 5.35  ? 36  GLY A CA  1 
ATOM   100  C C   . GLY A 1 14  ? 8.667   -1.723  3.490   1.00 4.93  ? 36  GLY A C   1 
ATOM   101  O O   . GLY A 1 14  ? 8.345   -1.171  2.434   1.00 6.08  ? 36  GLY A O   1 
ATOM   102  N N   . VAL A 1 15  ? 7.829   -2.482  4.192   1.00 5.17  ? 37  VAL A N   1 
ATOM   103  C CA  . VAL A 1 15  ? 6.483   -2.788  3.707   1.00 5.07  ? 37  VAL A CA  1 
ATOM   104  C C   . VAL A 1 15  ? 5.473   -1.814  4.295   1.00 5.26  ? 37  VAL A C   1 
ATOM   105  O O   . VAL A 1 15  ? 5.492   -1.524  5.486   1.00 5.14  ? 37  VAL A O   1 
ATOM   106  C CB  . VAL A 1 15  ? 6.084   -4.259  4.028   1.00 5.26  ? 37  VAL A CB  1 
ATOM   107  C CG1 . VAL A 1 15  ? 4.655   -4.593  3.555   1.00 6.15  ? 37  VAL A CG1 1 
ATOM   108  C CG2 . VAL A 1 15  ? 7.085   -5.220  3.380   1.00 5.38  ? 37  VAL A CG2 1 
ATOM   109  N N   . PHE A 1 16  ? 4.596   -1.300  3.437   1.00 5.15  ? 38  PHE A N   1 
ATOM   110  C CA  . PHE A 1 16  ? 3.543   -0.399  3.871   1.00 5.04  ? 38  PHE A CA  1 
ATOM   111  C C   . PHE A 1 16  ? 2.268   -0.671  3.104   1.00 5.07  ? 38  PHE A C   1 
ATOM   112  O O   . PHE A 1 16  ? 2.257   -1.333  2.053   1.00 5.17  ? 38  PHE A O   1 
ATOM   113  C CB  . PHE A 1 16  ? 3.971   1.080   3.782   1.00 5.57  ? 38  PHE A CB  1 
ATOM   114  C CG  . PHE A 1 16  ? 4.355   1.564   2.398   1.00 6.37  ? 38  PHE A CG  1 
ATOM   115  C CD1 . PHE A 1 16  ? 3.524   2.456   1.703   1.00 8.52  ? 38  PHE A CD1 1 
ATOM   116  C CD2 . PHE A 1 16  ? 5.560   1.178   1.791   1.00 6.66  ? 38  PHE A CD2 1 
ATOM   117  C CE1 . PHE A 1 16  ? 3.886   2.948   0.448   1.00 8.90  ? 38  PHE A CE1 1 
ATOM   118  C CE2 . PHE A 1 16  ? 5.915   1.678   0.531   1.00 6.93  ? 38  PHE A CE2 1 
ATOM   119  C CZ  . PHE A 1 16  ? 5.072   2.552   -0.138  1.00 8.56  ? 38  PHE A CZ  1 
ATOM   120  N N   . HIS A 1 17  ? 1.185   -0.126  3.639   1.00 5.11  ? 39  HIS A N   1 
ATOM   121  C CA  . HIS A 1 17  ? -0.174  -0.265  3.097   1.00 5.19  ? 39  HIS A CA  1 
ATOM   122  C C   . HIS A 1 17  ? -0.610  1.069   2.470   1.00 5.30  ? 39  HIS A C   1 
ATOM   123  O O   . HIS A 1 17  ? -0.363  2.148   3.039   1.00 5.90  ? 39  HIS A O   1 
ATOM   124  C CB  . HIS A 1 17  ? -1.091  -0.708  4.249   1.00 5.35  ? 39  HIS A CB  1 
ATOM   125  C CG  . HIS A 1 17  ? -2.562  -0.616  3.980   1.00 6.21  ? 39  HIS A CG  1 
ATOM   126  N ND1 . HIS A 1 17  ? -3.417  0.019   4.851   1.00 10.56 ? 39  HIS A ND1 1 
ATOM   127  C CD2 . HIS A 1 17  ? -3.339  -1.147  3.006   1.00 8.05  ? 39  HIS A CD2 1 
ATOM   128  C CE1 . HIS A 1 17  ? -4.655  -0.075  4.393   1.00 9.17  ? 39  HIS A CE1 1 
ATOM   129  N NE2 . HIS A 1 17  ? -4.637  -0.789  3.282   1.00 7.85  ? 39  HIS A NE2 1 
ATOM   130  N N   . VAL A 1 18  ? -1.238  0.987   1.290   1.00 5.51  ? 40  VAL A N   1 
ATOM   131  C CA  . VAL A 1 18  ? -1.793  2.144   0.594   1.00 6.85  ? 40  VAL A CA  1 
ATOM   132  C C   . VAL A 1 18  ? -3.265  1.874   0.271   1.00 6.48  ? 40  VAL A C   1 
ATOM   133  O O   . VAL A 1 18  ? -3.624  0.843   -0.326  1.00 6.63  ? 40  VAL A O   1 
ATOM   134  C CB  . VAL A 1 18  ? -1.048  2.442   -0.716  1.00 7.17  ? 40  VAL A CB  1 
ATOM   135  C CG1 . VAL A 1 18  ? -1.557  3.757   -1.348  1.00 8.96  ? 40  VAL A CG1 1 
ATOM   136  C CG2 . VAL A 1 18  ? 0.458   2.519   -0.509  1.00 8.62  ? 40  VAL A CG2 1 
ATOM   137  N N   . GLU A 1 19  ? -4.100  2.804   0.692   1.00 7.73  ? 41  GLU A N   1 
ATOM   138  C CA  . GLU A 1 19  ? -5.559  2.817   0.399   1.00 8.64  ? 41  GLU A CA  1 
ATOM   139  C C   . GLU A 1 19  ? -5.876  4.013   -0.457  1.00 8.69  ? 41  GLU A C   1 
ATOM   140  O O   . GLU A 1 19  ? -5.572  5.095   -0.078  1.00 8.76  ? 41  GLU A O   1 
ATOM   141  C CB  . GLU A 1 19  ? -6.295  2.880   1.733   1.00 9.97  ? 41  GLU A CB  1 
ATOM   142  C CG  . GLU A 1 19  ? -7.771  2.978   1.801   1.00 13.83 ? 41  GLU A CG  1 
ATOM   143  C CD  . GLU A 1 19  ? -8.206  3.190   3.240   1.00 16.79 ? 41  GLU A CD  1 
ATOM   144  O OE1 . GLU A 1 19  ? -8.661  2.259   3.886   1.00 20.93 ? 41  GLU A OE1 1 
ATOM   145  O OE2 . GLU A 1 19  ? -8.046  4.297   3.716   1.00 16.15 ? 41  GLU A OE2 1 
ATOM   146  N N   . LYS A 1 20  ? -6.471  3.749   -1.617  1.00 8.01  ? 42  LYS A N   1 
ATOM   147  C CA  . LYS A 1 20  ? -6.851  4.823   -2.537  1.00 8.50  ? 42  LYS A CA  1 
ATOM   148  C C   . LYS A 1 20  ? -8.243  5.343   -2.195  1.00 8.79  ? 42  LYS A C   1 
ATOM   149  O O   . LYS A 1 20  ? -9.226  4.582   -2.211  1.00 9.01  ? 42  LYS A O   1 
ATOM   150  C CB  . LYS A 1 20  ? -6.817  4.307   -3.968  1.00 8.49  ? 42  LYS A CB  1 
ATOM   151  C CG  . LYS A 1 20  ? -7.161  5.345   -5.018  1.00 10.60 ? 42  LYS A CG  1 
ATOM   152  C CD  . LYS A 1 20  ? -7.235  4.724   -6.393  1.00 12.30 ? 42  LYS A CD  1 
ATOM   153  C CE  . LYS A 1 20  ? -7.554  5.781   -7.428  1.00 14.32 ? 42  LYS A CE  1 
ATOM   154  N NZ  . LYS A 1 20  ? -7.791  5.157   -8.749  1.00 15.54 ? 42  LYS A NZ  1 
ATOM   155  N N   . ASN A 1 21  ? -8.322  6.641   -1.888  1.00 9.70  ? 43  ASN A N   1 
ATOM   156  C CA  . ASN A 1 21  ? -9.579  7.331   -1.604  1.00 11.38 ? 43  ASN A CA  1 
ATOM   157  C C   . ASN A 1 21  ? -10.381 6.693   -0.478  1.00 12.03 ? 43  ASN A C   1 
ATOM   158  O O   . ASN A 1 21  ? -11.610 6.802   -0.462  1.00 13.24 ? 43  ASN A O   1 
ATOM   159  C CB  . ASN A 1 21  ? -10.442 7.446   -2.868  1.00 11.49 ? 43  ASN A CB  1 
ATOM   160  C CG  . ASN A 1 21  ? -9.818  8.338   -3.914  1.00 12.62 ? 43  ASN A CG  1 
ATOM   161  O OD1 . ASN A 1 21  ? -9.206  9.356   -3.593  1.00 12.58 ? 43  ASN A OD1 1 
ATOM   162  N ND2 . ASN A 1 21  ? -9.957  7.952   -5.169  1.00 12.45 ? 43  ASN A ND2 1 
ATOM   163  N N   . GLY A 1 22  ? -9.730  6.034   0.449   1.00 12.82 ? 44  GLY A N   1 
ATOM   164  C CA  . GLY A 1 22  ? -10.356 5.479   1.615   1.00 13.94 ? 44  GLY A CA  1 
ATOM   165  C C   . GLY A 1 22  ? -11.354 4.362   1.343   1.00 13.74 ? 44  GLY A C   1 
ATOM   166  O O   . GLY A 1 22  ? -12.153 4.143   2.213   1.00 15.48 ? 44  GLY A O   1 
ATOM   167  N N   . ARG A 1 23  ? -11.282 3.682   0.209   1.00 13.05 ? 45  ARG A N   1 
ATOM   168  C CA  . ARG A 1 23  ? -12.186 2.600   -0.092  1.00 12.66 ? 45  ARG A CA  1 
ATOM   169  C C   . ARG A 1 23  ? -11.464 1.617   -0.990  1.00 10.92 ? 45  ARG A C   1 
ATOM   170  O O   . ARG A 1 23  ? -10.619 1.988   -1.735  1.00 10.68 ? 45  ARG A O   1 
ATOM   171  C CB  . ARG A 1 23  ? -13.410 3.165   -0.843  1.00 13.55 ? 45  ARG A CB  1 
ATOM   172  C CG  . ARG A 1 23  ? -13.090 3.874   -2.129  1.00 16.29 ? 45  ARG A CG  1 
ATOM   173  C CD  . ARG A 1 23  ? -14.296 4.649   -2.677  1.00 21.86 ? 45  ARG A CD  1 
ATOM   174  N NE  . ARG A 1 23  ? -14.026 5.332   -3.951  1.00 25.23 ? 45  ARG A NE  1 
ATOM   175  C CZ  . ARG A 1 23  ? -13.916 6.644   -4.112  1.00 27.15 ? 45  ARG A CZ  1 
ATOM   176  N NH1 . ARG A 1 23  ? -13.989 7.511   -3.116  1.00 27.79 ? 45  ARG A NH1 1 
ATOM   177  N NH2 . ARG A 1 23  ? -13.646 7.111   -5.296  1.00 28.66 ? 45  ARG A NH2 1 
ATOM   178  N N   . TYR A 1 24  ? -11.907 0.372   -0.967  1.00 9.52  ? 46  TYR A N   1 
ATOM   179  C CA  . TYR A 1 24  ? -11.318 -0.653  -1.830  1.00 9.37  ? 46  TYR A CA  1 
ATOM   180  C C   . TYR A 1 24  ? -11.531 -0.259  -3.283  1.00 9.13  ? 46  TYR A C   1 
ATOM   181  O O   . TYR A 1 24  ? -12.681 -0.195  -3.749  1.00 10.58 ? 46  TYR A O   1 
ATOM   182  C CB  . TYR A 1 24  ? -11.986 -1.997  -1.567  1.00 8.65  ? 46  TYR A CB  1 
ATOM   183  C CG  . TYR A 1 24  ? -11.600 -2.671  -0.268  1.00 6.86  ? 46  TYR A CG  1 
ATOM   184  C CD1 . TYR A 1 24  ? -10.262 -2.918  0.044   1.00 7.40  ? 46  TYR A CD1 1 
ATOM   185  C CD2 . TYR A 1 24  ? -12.578 -3.120  0.619   1.00 8.39  ? 46  TYR A CD2 1 
ATOM   186  C CE1 . TYR A 1 24  ? -9.907  -3.557  1.212   1.00 7.01  ? 46  TYR A CE1 1 
ATOM   187  C CE2 . TYR A 1 24  ? -12.232 -3.764  1.810   1.00 7.26  ? 46  TYR A CE2 1 
ATOM   188  C CZ  . TYR A 1 24  ? -10.881 -3.978  2.093   1.00 6.98  ? 46  TYR A CZ  1 
ATOM   189  O OH  . TYR A 1 24  ? -10.522 -4.623  3.258   1.00 7.72  ? 46  TYR A OH  1 
ATOM   190  N N   . SER A 1 25  ? -10.487 0.018   -4.001  1.00 8.37  ? 47  SER A N   1 
ATOM   191  C CA  . SER A 1 25  ? -10.622 0.632   -5.351  1.00 8.25  ? 47  SER A CA  1 
ATOM   192  C C   . SER A 1 25  ? -9.406  0.478   -6.269  1.00 8.46  ? 47  SER A C   1 
ATOM   193  O O   . SER A 1 25  ? -9.335  1.105   -7.282  1.00 8.71  ? 47  SER A O   1 
ATOM   194  C CB  . SER A 1 25  ? -10.964 2.125   -5.239  1.00 9.35  ? 47  SER A CB  1 
ATOM   195  O OG  . SER A 1 25  ? -9.945  2.840   -4.599  1.00 10.01 ? 47  SER A OG  1 
ATOM   196  N N   . ILE A 1 26  ? -8.495  -0.407  -5.891  1.00 7.72  ? 48  ILE A N   1 
ATOM   197  C CA  . ILE A 1 26  ? -7.284  -0.612  -6.669  1.00 8.20  ? 48  ILE A CA  1 
ATOM   198  C C   . ILE A 1 26  ? -7.326  -1.987  -7.341  1.00 8.14  ? 48  ILE A C   1 
ATOM   199  O O   . ILE A 1 26  ? -7.530  -2.993  -6.674  1.00 7.92  ? 48  ILE A O   1 
ATOM   200  C CB  . ILE A 1 26  ? -6.019  -0.480  -5.773  1.00 7.93  ? 48  ILE A CB  1 
ATOM   201  C CG1 . ILE A 1 26  ? -6.020  0.850   -5.007  1.00 8.28  ? 48  ILE A CG1 1 
ATOM   202  C CG2 . ILE A 1 26  ? -4.753  -0.663  -6.599  1.00 10.03 ? 48  ILE A CG2 1 
ATOM   203  C CD1 . ILE A 1 26  ? -4.902  0.977   -3.958  1.00 7.87  ? 48  ILE A CD1 1 
ATOM   204  N N   . SER A 1 27  ? -7.137  -2.022  -8.655  1.00 8.00  ? 49  SER A N   1 
ATOM   205  C CA  . SER A 1 27  ? -6.986  -3.282  -9.385  1.00 9.04  ? 49  SER A CA  1 
ATOM   206  C C   . SER A 1 27  ? -5.559  -3.799  -9.276  1.00 9.20  ? 49  SER A C   1 
ATOM   207  O O   . SER A 1 27  ? -4.650  -3.074  -8.881  1.00 8.13  ? 49  SER A O   1 
ATOM   208  C CB  . SER A 1 27  ? -7.316  -3.088  -10.860 1.00 9.79  ? 49  SER A CB  1 
ATOM   209  O OG  . SER A 1 27  ? -6.323  -2.278  -11.465 1.00 11.69 ? 49  SER A OG  1 
ATOM   210  N N   . ARG A 1 28  ? -5.342  -5.040  -9.675  1.00 9.37  ? 50  ARG A N   1 
ATOM   211  C CA  . ARG A 1 28  ? -4.001  -5.595  -9.631  1.00 10.52 ? 50  ARG A CA  1 
ATOM   212  C C   . ARG A 1 28  ? -2.997  -4.794  -10.489 1.00 10.60 ? 50  ARG A C   1 
ATOM   213  O O   . ARG A 1 28  ? -1.867  -4.548  -10.059 1.00 10.95 ? 50  ARG A O   1 
ATOM   214  C CB  . ARG A 1 28  ? -4.044  -7.081  -10.013 1.00 11.39 ? 50  ARG A CB  1 
ATOM   215  C CG  . ARG A 1 28  ? -2.705  -7.793  -10.060 1.00 15.32 ? 50  ARG A CG  1 
ATOM   216  C CD  . ARG A 1 28  ? -1.939  -7.720  -8.753  1.00 19.74 ? 50  ARG A CD  1 
ATOM   217  N NE  . ARG A 1 28  ? -0.690  -8.470  -8.853  1.00 22.08 ? 50  ARG A NE  1 
ATOM   218  C CZ  . ARG A 1 28  ? 0.373   -8.069  -9.546  1.00 23.88 ? 50  ARG A CZ  1 
ATOM   219  N NH1 . ARG A 1 28  ? 0.356   -6.906  -10.192 1.00 23.84 ? 50  ARG A NH1 1 
ATOM   220  N NH2 . ARG A 1 28  ? 1.460   -8.827  -9.587  1.00 24.09 ? 50  ARG A NH2 1 
ATOM   221  N N   . THR A 1 29  ? -3.419  -4.346  -11.670 1.00 10.79 ? 51  THR A N   1 
ATOM   222  C CA  . THR A 1 29  ? -2.534  -3.539  -12.520 1.00 11.46 ? 51  THR A CA  1 
ATOM   223  C C   . THR A 1 29  ? -2.258  -2.163  -11.926 1.00 10.36 ? 51  THR A C   1 
ATOM   224  O O   . THR A 1 29  ? -1.118  -1.701  -11.955 1.00 10.80 ? 51  THR A O   1 
ATOM   225  C CB  . THR A 1 29  ? -3.057  -3.402  -13.961 1.00 12.20 ? 51  THR A CB  1 
ATOM   226  O OG1 . THR A 1 29  ? -4.420  -2.974  -13.941 1.00 14.04 ? 51  THR A OG1 1 
ATOM   227  C CG2 . THR A 1 29  ? -2.925  -4.716  -14.711 1.00 14.82 ? 51  THR A CG2 1 
ATOM   228  N N   . GLU A 1 30  ? -3.279  -1.527  -11.363 1.00 9.54  ? 52  GLU A N   1 
ATOM   229  C CA  . GLU A 1 30  ? -3.080  -0.233  -10.740 1.00 9.40  ? 52  GLU A CA  1 
ATOM   230  C C   . GLU A 1 30  ? -2.173  -0.349  -9.512  1.00 8.73  ? 52  GLU A C   1 
ATOM   231  O O   . GLU A 1 30  ? -1.388  0.555   -9.242  1.00 8.82  ? 52  GLU A O   1 
ATOM   232  C CB  . GLU A 1 30  ? -4.409  0.443   -10.382 1.00 9.78  ? 52  GLU A CB  1 
ATOM   233  C CG  . GLU A 1 30  ? -4.209  1.862   -9.824  1.00 10.77 ? 52  GLU A CG  1 
ATOM   234  C CD  . GLU A 1 30  ? -5.451  2.748   -9.840  1.00 12.88 ? 52  GLU A CD  1 
ATOM   235  O OE1 . GLU A 1 30  ? -6.441  2.433   -10.531 1.00 16.17 ? 52  GLU A OE1 1 
ATOM   236  O OE2 . GLU A 1 30  ? -5.427  3.798   -9.176  1.00 13.10 ? 52  GLU A OE2 1 
ATOM   237  N N   . ALA A 1 31  ? -2.269  -1.462  -8.786  1.00 8.71  ? 53  ALA A N   1 
ATOM   238  C CA  . ALA A 1 31  ? -1.444  -1.692  -7.608  1.00 8.27  ? 53  ALA A CA  1 
ATOM   239  C C   . ALA A 1 31  ? 0.030   -1.700  -7.976  1.00 8.31  ? 53  ALA A C   1 
ATOM   240  O O   . ALA A 1 31  ? 0.842   -1.043  -7.313  1.00 7.69  ? 53  ALA A O   1 
ATOM   241  C CB  . ALA A 1 31  ? -1.826  -3.000  -6.948  1.00 7.88  ? 53  ALA A CB  1 
ATOM   242  N N   . ALA A 1 32  ? 0.382   -2.425  -9.034  1.00 8.70  ? 54  ALA A N   1 
ATOM   243  C CA  . ALA A 1 32  ? 1.774   -2.447  -9.484  1.00 9.10  ? 54  ALA A CA  1 
ATOM   244  C C   . ALA A 1 32  ? 2.264   -1.048  -9.871  1.00 8.98  ? 54  ALA A C   1 
ATOM   245  O O   . ALA A 1 32  ? 3.378   -0.656  -9.519  1.00 8.88  ? 54  ALA A O   1 
ATOM   246  C CB  . ALA A 1 32  ? 1.951   -3.429  -10.627 1.00 9.72  ? 54  ALA A CB  1 
ATOM   247  N N   . ASP A 1 33  ? 1.420   -0.295  -10.575 1.00 9.08  ? 55  ASP A N   1 
ATOM   248  C CA  . ASP A 1 33  ? 1.783   1.059   -11.011 1.00 9.42  ? 55  ASP A CA  1 
ATOM   249  C C   . ASP A 1 33  ? 1.937   2.009   -9.827  1.00 8.46  ? 55  ASP A C   1 
ATOM   250  O O   . ASP A 1 33  ? 2.830   2.863   -9.813  1.00 8.43  ? 55  ASP A O   1 
ATOM   251  C CB  . ASP A 1 33  ? 0.738   1.617   -11.977 1.00 10.63 ? 55  ASP A CB  1 
ATOM   252  C CG  . ASP A 1 33  ? 0.818   0.995   -13.357 1.00 12.80 ? 55  ASP A CG  1 
ATOM   253  O OD1 . ASP A 1 33  ? 1.821   0.326   -13.670 1.00 16.67 ? 55  ASP A OD1 1 
ATOM   254  O OD2 . ASP A 1 33  ? -0.150  1.185   -14.118 1.00 15.59 ? 55  ASP A OD2 1 
ATOM   255  N N   . LEU A 1 34  ? 1.069   1.855   -8.833  1.00 8.24  ? 56  LEU A N   1 
ATOM   256  C CA  . LEU A 1 34  ? 1.114   2.656   -7.624  1.00 8.72  ? 56  LEU A CA  1 
ATOM   257  C C   . LEU A 1 34  ? 2.403   2.397   -6.853  1.00 7.80  ? 56  LEU A C   1 
ATOM   258  O O   . LEU A 1 34  ? 3.104   3.343   -6.472  1.00 8.18  ? 56  LEU A O   1 
ATOM   259  C CB  . LEU A 1 34  ? -0.106  2.348   -6.762  1.00 9.57  ? 56  LEU A CB  1 
ATOM   260  C CG  . LEU A 1 34  ? -0.399  3.296   -5.609  1.00 11.98 ? 56  LEU A CG  1 
ATOM   261  C CD1 . LEU A 1 34  ? -0.365  4.752   -6.077  1.00 15.01 ? 56  LEU A CD1 1 
ATOM   262  C CD2 . LEU A 1 34  ? -1.749  2.955   -5.004  1.00 13.50 ? 56  LEU A CD2 1 
ATOM   263  N N   . CYS A 1 35  ? 2.749   1.130   -6.634  1.00 7.43  ? 57  CYS A N   1 
ATOM   264  C CA  . CYS A 1 35  ? 4.007   0.868   -5.949  1.00 7.99  ? 57  CYS A CA  1 
ATOM   265  C C   . CYS A 1 35  ? 5.193   1.428   -6.713  1.00 8.44  ? 57  CYS A C   1 
ATOM   266  O O   . CYS A 1 35  ? 6.084   2.000   -6.093  1.00 8.37  ? 57  CYS A O   1 
ATOM   267  C CB  . CYS A 1 35  ? 4.202   -0.616  -5.632  1.00 8.16  ? 57  CYS A CB  1 
ATOM   268  S SG  . CYS A 1 35  ? 2.951   -1.328  -4.524  1.00 9.12  ? 57  CYS A SG  1 
ATOM   269  N N   A GLN A 1 36  ? 5.183   1.294   -8.039  0.50 8.52  ? 58  GLN A N   1 
ATOM   270  N N   B GLN A 1 36  ? 5.191   1.281   -8.039  0.50 8.40  ? 58  GLN A N   1 
ATOM   271  C CA  A GLN A 1 36  ? 6.247   1.837   -8.883  0.50 9.28  ? 58  GLN A CA  1 
ATOM   272  C CA  B GLN A 1 36  ? 6.242   1.841   -8.893  0.50 9.02  ? 58  GLN A CA  1 
ATOM   273  C C   A GLN A 1 36  ? 6.413   3.348   -8.686  0.50 8.96  ? 58  GLN A C   1 
ATOM   274  C C   B GLN A 1 36  ? 6.414   3.345   -8.669  0.50 8.81  ? 58  GLN A C   1 
ATOM   275  O O   A GLN A 1 36  ? 7.535   3.849   -8.669  0.50 8.99  ? 58  GLN A O   1 
ATOM   276  O O   B GLN A 1 36  ? 7.538   3.841   -8.617  0.50 8.78  ? 58  GLN A O   1 
ATOM   277  C CB  A GLN A 1 36  ? 6.015   1.498   -10.359 0.50 9.69  ? 58  GLN A CB  1 
ATOM   278  C CB  B GLN A 1 36  ? 5.970   1.539   -10.370 0.50 9.32  ? 58  GLN A CB  1 
ATOM   279  C CG  A GLN A 1 36  ? 7.183   1.869   -11.267 0.50 12.51 ? 58  GLN A CG  1 
ATOM   280  C CG  B GLN A 1 36  ? 6.852   2.322   -11.341 0.50 11.43 ? 58  GLN A CG  1 
ATOM   281  C CD  A GLN A 1 36  ? 7.114   1.180   -12.611 0.50 15.96 ? 58  GLN A CD  1 
ATOM   282  C CD  B GLN A 1 36  ? 8.311   1.888   -11.317 0.50 13.56 ? 58  GLN A CD  1 
ATOM   283  O OE1 A GLN A 1 36  ? 7.060   1.833   -13.655 0.50 19.06 ? 58  GLN A OE1 1 
ATOM   284  O OE1 B GLN A 1 36  ? 9.181   2.591   -11.831 0.50 16.45 ? 58  GLN A OE1 1 
ATOM   285  N NE2 A GLN A 1 36  ? 7.107   -0.150  -12.595 0.50 17.64 ? 58  GLN A NE2 1 
ATOM   286  N NE2 B GLN A 1 36  ? 8.585   0.729   -10.734 0.50 12.94 ? 58  GLN A NE2 1 
ATOM   287  N N   . ALA A 1 37  ? 5.303   4.055   -8.488  1.00 8.56  ? 59  ALA A N   1 
ATOM   288  C CA  . ALA A 1 37  ? 5.339   5.501   -8.236  1.00 8.69  ? 59  ALA A CA  1 
ATOM   289  C C   . ALA A 1 37  ? 6.027   5.858   -6.921  1.00 9.09  ? 59  ALA A C   1 
ATOM   290  O O   . ALA A 1 37  ? 6.592   6.947   -6.790  1.00 8.91  ? 59  ALA A O   1 
ATOM   291  C CB  . ALA A 1 37  ? 3.939   6.088   -8.290  1.00 9.56  ? 59  ALA A CB  1 
ATOM   292  N N   . PHE A 1 38  ? 5.980   4.934   -5.952  1.00 8.64  ? 60  PHE A N   1 
ATOM   293  C CA  . PHE A 1 38  ? 6.694   5.067   -4.686  1.00 9.67  ? 60  PHE A CA  1 
ATOM   294  C C   . PHE A 1 38  ? 8.089   4.431   -4.737  1.00 9.38  ? 60  PHE A C   1 
ATOM   295  O O   . PHE A 1 38  ? 8.670   4.166   -3.685  1.00 9.91  ? 60  PHE A O   1 
ATOM   296  C CB  . PHE A 1 38  ? 5.916   4.376   -3.548  1.00 9.47  ? 60  PHE A CB  1 
ATOM   297  C CG  . PHE A 1 38  ? 4.694   5.126   -3.062  1.00 8.66  ? 60  PHE A CG  1 
ATOM   298  C CD1 . PHE A 1 38  ? 4.836   6.234   -2.223  1.00 10.21 ? 60  PHE A CD1 1 
ATOM   299  C CD2 . PHE A 1 38  ? 3.404   4.686   -3.379  1.00 9.52  ? 60  PHE A CD2 1 
ATOM   300  C CE1 . PHE A 1 38  ? 3.710   6.918   -1.733  1.00 10.76 ? 60  PHE A CE1 1 
ATOM   301  C CE2 . PHE A 1 38  ? 2.282   5.360   -2.900  1.00 9.50  ? 60  PHE A CE2 1 
ATOM   302  C CZ  . PHE A 1 38  ? 2.433   6.478   -2.080  1.00 9.94  ? 60  PHE A CZ  1 
ATOM   303  N N   A ASN A 1 39  ? 8.626   4.207   -5.939  0.50 9.73  ? 61  ASN A N   1 
ATOM   304  N N   B ASN A 1 39  ? 8.618   4.172   -5.934  0.50 9.73  ? 61  ASN A N   1 
ATOM   305  C CA  A ASN A 1 39  ? 9.901   3.496   -6.086  0.50 10.09 ? 61  ASN A CA  1 
ATOM   306  C CA  B ASN A 1 39  ? 9.920   3.495   -6.076  0.50 10.11 ? 61  ASN A CA  1 
ATOM   307  C C   A ASN A 1 39  ? 9.896   2.231   -5.244  0.50 9.74  ? 61  ASN A C   1 
ATOM   308  C C   B ASN A 1 39  ? 9.954   2.146   -5.365  0.50 9.79  ? 61  ASN A C   1 
ATOM   309  O O   A ASN A 1 39  ? 10.841  1.954   -4.497  0.50 9.98  ? 61  ASN A O   1 
ATOM   310  O O   B ASN A 1 39  ? 10.991  1.717   -4.839  0.50 9.80  ? 61  ASN A O   1 
ATOM   311  C CB  A ASN A 1 39  ? 11.098  4.385   -5.721  0.50 10.69 ? 61  ASN A CB  1 
ATOM   312  C CB  B ASN A 1 39  ? 11.070  4.375   -5.578  0.50 10.76 ? 61  ASN A CB  1 
ATOM   313  C CG  A ASN A 1 39  ? 11.491  5.324   -6.847  0.50 11.82 ? 61  ASN A CG  1 
ATOM   314  C CG  B ASN A 1 39  ? 12.398  3.956   -6.153  0.50 12.04 ? 61  ASN A CG  1 
ATOM   315  O OD1 A ASN A 1 39  ? 11.318  5.003   -8.024  0.50 13.30 ? 61  ASN A OD1 1 
ATOM   316  O OD1 B ASN A 1 39  ? 12.483  3.566   -7.317  0.50 15.57 ? 61  ASN A OD1 1 
ATOM   317  N ND2 A ASN A 1 39  ? 12.027  6.485   -6.491  0.50 14.20 ? 61  ASN A ND2 1 
ATOM   318  N ND2 B ASN A 1 39  ? 13.446  4.033   -5.346  0.50 14.55 ? 61  ASN A ND2 1 
ATOM   319  N N   . SER A 1 40  ? 8.808   1.478   -5.380  1.00 9.10  ? 62  SER A N   1 
ATOM   320  C CA  . SER A 1 40  ? 8.559   0.282   -4.591  1.00 8.71  ? 62  SER A CA  1 
ATOM   321  C C   . SER A 1 40  ? 8.003   -0.798  -5.495  1.00 8.51  ? 62  SER A C   1 
ATOM   322  O O   . SER A 1 40  ? 7.711   -0.571  -6.663  1.00 9.33  ? 62  SER A O   1 
ATOM   323  C CB  . SER A 1 40  ? 7.571   0.620   -3.472  1.00 7.81  ? 62  SER A CB  1 
ATOM   324  O OG  . SER A 1 40  ? 8.128   1.557   -2.558  1.00 8.52  ? 62  SER A OG  1 
ATOM   325  N N   . THR A 1 41  ? 7.877   -1.991  -4.946  1.00 7.64  ? 63  THR A N   1 
ATOM   326  C CA  . THR A 1 41  ? 7.333   -3.139  -5.664  1.00 8.41  ? 63  THR A CA  1 
ATOM   327  C C   . THR A 1 41  ? 6.255   -3.785  -4.795  1.00 8.01  ? 63  THR A C   1 
ATOM   328  O O   . THR A 1 41  ? 6.188   -3.533  -3.593  1.00 8.54  ? 63  THR A O   1 
ATOM   329  C CB  . THR A 1 41  ? 8.442   -4.194  -5.917  1.00 8.79  ? 63  THR A CB  1 
ATOM   330  O OG1 . THR A 1 41  ? 9.117   -4.494  -4.686  1.00 11.05 ? 63  THR A OG1 1 
ATOM   331  C CG2 . THR A 1 41  ? 9.449   -3.705  -6.962  1.00 11.21 ? 63  THR A CG2 1 
ATOM   332  N N   A LEU A 1 42  ? 5.417   -4.619  -5.395  0.50 7.68  ? 64  LEU A N   1 
ATOM   333  N N   B LEU A 1 42  ? 5.413   -4.617  -5.389  0.50 7.51  ? 64  LEU A N   1 
ATOM   334  C CA  A LEU A 1 42  ? 4.522   -5.464  -4.607  0.50 7.69  ? 64  LEU A CA  1 
ATOM   335  C CA  B LEU A 1 42  ? 4.501   -5.430  -4.592  0.50 7.35  ? 64  LEU A CA  1 
ATOM   336  C C   A LEU A 1 42  ? 5.380   -6.390  -3.747  0.50 7.05  ? 64  LEU A C   1 
ATOM   337  C C   B LEU A 1 42  ? 5.338   -6.406  -3.757  0.50 6.89  ? 64  LEU A C   1 
ATOM   338  O O   A LEU A 1 42  ? 6.307   -7.020  -4.259  0.50 7.41  ? 64  LEU A O   1 
ATOM   339  O O   B LEU A 1 42  ? 6.205   -7.091  -4.301  0.50 7.34  ? 64  LEU A O   1 
ATOM   340  C CB  A LEU A 1 42  ? 3.623   -6.298  -5.514  0.50 7.96  ? 64  LEU A CB  1 
ATOM   341  C CB  B LEU A 1 42  ? 3.546   -6.203  -5.491  0.50 7.40  ? 64  LEU A CB  1 
ATOM   342  C CG  A LEU A 1 42  ? 2.411   -5.554  -6.074  0.50 8.94  ? 64  LEU A CG  1 
ATOM   343  C CG  B LEU A 1 42  ? 2.536   -5.367  -6.270  0.50 7.69  ? 64  LEU A CG  1 
ATOM   344  C CD1 A LEU A 1 42  ? 1.420   -5.233  -4.977  0.50 9.14  ? 64  LEU A CD1 1 
ATOM   345  C CD1 B LEU A 1 42  ? 1.765   -6.274  -7.199  0.50 8.35  ? 64  LEU A CD1 1 
ATOM   346  C CD2 A LEU A 1 42  ? 2.844   -4.290  -6.754  0.50 10.72 ? 64  LEU A CD2 1 
ATOM   347  C CD2 B LEU A 1 42  ? 1.591   -4.663  -5.322  0.50 7.92  ? 64  LEU A CD2 1 
ATOM   348  N N   . PRO A 1 43  ? 5.092   -6.481  -2.438  1.00 6.71  ? 65  PRO A N   1 
ATOM   349  C CA  . PRO A 1 43  ? 5.910   -7.337  -1.579  1.00 6.88  ? 65  PRO A CA  1 
ATOM   350  C C   . PRO A 1 43  ? 5.764   -8.812  -1.939  1.00 6.68  ? 65  PRO A C   1 
ATOM   351  O O   . PRO A 1 43  ? 4.696   -9.257  -2.370  1.00 7.39  ? 65  PRO A O   1 
ATOM   352  C CB  . PRO A 1 43  ? 5.334   -7.091  -0.179  1.00 6.89  ? 65  PRO A CB  1 
ATOM   353  C CG  . PRO A 1 43  ? 4.566   -5.821  -0.279  1.00 7.15  ? 65  PRO A CG  1 
ATOM   354  C CD  . PRO A 1 43  ? 4.054   -5.761  -1.675  1.00 6.83  ? 65  PRO A CD  1 
ATOM   355  N N   . THR A 1 44  ? 6.830   -9.580  -1.769  1.00 6.64  ? 66  THR A N   1 
ATOM   356  C CA  . THR A 1 44  ? 6.685   -11.029 -1.772  1.00 7.26  ? 66  THR A CA  1 
ATOM   357  C C   . THR A 1 44  ? 6.084   -11.463 -0.432  1.00 6.97  ? 66  THR A C   1 
ATOM   358  O O   . THR A 1 44  ? 6.080   -10.706 0.549   1.00 6.84  ? 66  THR A O   1 
ATOM   359  C CB  . THR A 1 44  ? 8.027   -11.748 -1.922  1.00 7.32  ? 66  THR A CB  1 
ATOM   360  O OG1 . THR A 1 44  ? 8.827   -11.466 -0.770  1.00 7.92  ? 66  THR A OG1 1 
ATOM   361  C CG2 . THR A 1 44  ? 8.758   -11.326 -3.205  1.00 9.34  ? 66  THR A CG2 1 
ATOM   362  N N   . MET A 1 45  ? 5.614   -12.701 -0.379  1.00 7.02  ? 67  MET A N   1 
ATOM   363  C CA  . MET A 1 45  ? 5.147   -13.268 0.861   1.00 7.19  ? 67  MET A CA  1 
ATOM   364  C C   . MET A 1 45  ? 6.215   -13.236 1.960   1.00 7.24  ? 67  MET A C   1 
ATOM   365  O O   . MET A 1 45  ? 5.908   -12.899 3.111   1.00 7.33  ? 67  MET A O   1 
ATOM   366  C CB  . MET A 1 45  ? 4.604   -14.689 0.656   1.00 7.71  ? 67  MET A CB  1 
ATOM   367  C CG  . MET A 1 45  ? 4.047   -15.326 1.942   1.00 9.86  ? 67  MET A CG  1 
ATOM   368  S SD  . MET A 1 45  ? 2.678   -14.436 2.708   1.00 13.27 ? 67  MET A SD  1 
ATOM   369  C CE  . MET A 1 45  ? 1.371   -14.936 1.611   1.00 15.23 ? 67  MET A CE  1 
ATOM   370  N N   A ASP A 1 46  ? 7.456   -13.580 1.607   0.50 6.89  ? 68  ASP A N   1 
ATOM   371  N N   B ASP A 1 46  ? 7.451   -13.585 1.615   0.50 7.12  ? 68  ASP A N   1 
ATOM   372  C CA  A ASP A 1 46  ? 8.572   -13.540 2.557   0.50 7.02  ? 68  ASP A CA  1 
ATOM   373  C CA  B ASP A 1 46  ? 8.541   -13.553 2.587   0.50 7.48  ? 68  ASP A CA  1 
ATOM   374  C C   A ASP A 1 46  ? 8.785   -12.137 3.122   0.50 6.71  ? 68  ASP A C   1 
ATOM   375  C C   B ASP A 1 46  ? 8.804   -12.137 3.124   0.50 6.96  ? 68  ASP A C   1 
ATOM   376  O O   A ASP A 1 46  ? 8.977   -11.966 4.321   0.50 6.84  ? 68  ASP A O   1 
ATOM   377  O O   B ASP A 1 46  ? 9.035   -11.960 4.315   0.50 7.08  ? 68  ASP A O   1 
ATOM   378  C CB  A ASP A 1 46  ? 9.872   -14.031 1.910   0.50 7.56  ? 68  ASP A CB  1 
ATOM   379  C CB  B ASP A 1 46  ? 9.812   -14.168 1.996   0.50 8.23  ? 68  ASP A CB  1 
ATOM   380  C CG  A ASP A 1 46  ? 10.943  -14.363 2.938   0.50 8.71  ? 68  ASP A CG  1 
ATOM   381  C CG  B ASP A 1 46  ? 9.759   -15.687 1.948   0.50 10.78 ? 68  ASP A CG  1 
ATOM   382  O OD1 A ASP A 1 46  ? 10.764  -15.359 3.669   0.50 12.12 ? 68  ASP A OD1 1 
ATOM   383  O OD1 B ASP A 1 46  ? 8.886   -16.285 2.612   0.50 13.85 ? 68  ASP A OD1 1 
ATOM   384  O OD2 A ASP A 1 46  ? 11.956  -13.640 3.025   0.50 9.65  ? 68  ASP A OD2 1 
ATOM   385  O OD2 B ASP A 1 46  ? 10.606  -16.284 1.248   0.50 14.33 ? 68  ASP A OD2 1 
ATOM   386  N N   . GLN A 1 47  ? 8.738   -11.133 2.253   1.00 6.51  ? 69  GLN A N   1 
ATOM   387  C CA  . GLN A 1 47  ? 8.889   -9.736  2.696   1.00 5.72  ? 69  GLN A CA  1 
ATOM   388  C C   . GLN A 1 47  ? 7.755   -9.346  3.634   1.00 5.29  ? 69  GLN A C   1 
ATOM   389  O O   . GLN A 1 47  ? 7.995   -8.679  4.645   1.00 5.32  ? 69  GLN A O   1 
ATOM   390  C CB  . GLN A 1 47  ? 8.950   -8.792  1.494   1.00 5.92  ? 69  GLN A CB  1 
ATOM   391  C CG  . GLN A 1 47  ? 10.264  -8.918  0.746   1.00 6.29  ? 69  GLN A CG  1 
ATOM   392  C CD  . GLN A 1 47  ? 10.242  -8.263  -0.616  1.00 7.35  ? 69  GLN A CD  1 
ATOM   393  O OE1 . GLN A 1 47  ? 9.189   -7.980  -1.191  1.00 8.43  ? 69  GLN A OE1 1 
ATOM   394  N NE2 . GLN A 1 47  ? 11.422  -8.008  -1.147  1.00 9.64  ? 69  GLN A NE2 1 
ATOM   395  N N   . MET A 1 48  ? 6.553   -9.774  3.347   1.00 5.14  ? 70  MET A N   1 
ATOM   396  C CA  . MET A 1 48  ? 5.425   -9.466  4.205   1.00 5.86  ? 70  MET A CA  1 
ATOM   397  C C   . MET A 1 48  ? 5.491   -10.173 5.563   1.00 5.89  ? 70  MET A C   1 
ATOM   398  O O   . MET A 1 48  ? 5.153   -9.619  6.532   1.00 5.74  ? 70  MET A O   1 
ATOM   399  C CB  . MET A 1 48  ? 4.157   -9.933  3.495   1.00 6.36  ? 70  MET A CB  1 
ATOM   400  C CG  . MET A 1 48  ? 2.910   -9.674  4.328   1.00 7.70  ? 70  MET A CG  1 
ATOM   401  S SD  . MET A 1 48  ? 2.524   -7.916  4.801   1.00 7.25  ? 70  MET A SD  1 
ATOM   402  C CE  . MET A 1 48  ? 1.989   -7.210  3.185   1.00 9.23  ? 70  MET A CE  1 
ATOM   403  N N   . LYS A 1 49  ? 5.972   -11.421 5.551   1.00 6.12  ? 71  LYS A N   1 
ATOM   404  C CA  . LYS A 1 49  ? 6.112   -12.128 6.816   1.00 6.30  ? 71  LYS A CA  1 
ATOM   405  C C   . LYS A 1 49  ? 7.146   -11.441 7.709   1.00 6.38  ? 71  LYS A C   1 
ATOM   406  O O   . LYS A 1 49  ? 6.953   -11.351 8.920   1.00 6.91  ? 71  LYS A O   1 
ATOM   407  C CB  . LYS A 1 49  ? 6.459   -13.600 6.586   1.00 7.74  ? 71  LYS A CB  1 
ATOM   408  C CG  . LYS A 1 49  ? 5.250   -14.442 6.138   1.00 9.24  ? 71  LYS A CG  1 
ATOM   409  C CD  . LYS A 1 49  ? 5.625   -15.873 5.789   1.00 12.57 ? 71  LYS A CD  1 
ATOM   410  C CE  . LYS A 1 49  ? 4.370   -16.697 5.498   1.00 14.42 ? 71  LYS A CE  1 
ATOM   411  N NZ  . LYS A 1 49  ? 4.688   -18.113 5.154   1.00 18.22 ? 71  LYS A NZ  1 
ATOM   412  N N   . LEU A 1 50  ? 8.241   -10.949 7.125   1.00 6.27  ? 72  LEU A N   1 
ATOM   413  C CA  . LEU A 1 50  ? 9.221   -10.225 7.929   1.00 6.68  ? 72  LEU A CA  1 
ATOM   414  C C   . LEU A 1 50  ? 8.620   -8.920  8.474   1.00 6.11  ? 72  LEU A C   1 
ATOM   415  O O   . LEU A 1 50  ? 8.811   -8.592  9.640   1.00 6.12  ? 72  LEU A O   1 
ATOM   416  C CB  . LEU A 1 50  ? 10.517  -9.980  7.151   1.00 7.64  ? 72  LEU A CB  1 
ATOM   417  C CG  . LEU A 1 50  ? 11.652  -9.493  8.072   1.00 8.90  ? 72  LEU A CG  1 
ATOM   418  C CD1 . LEU A 1 50  ? 12.118  -10.569 9.072   1.00 10.89 ? 72  LEU A CD1 1 
ATOM   419  C CD2 . LEU A 1 50  ? 12.823  -8.959  7.257   1.00 11.96 ? 72  LEU A CD2 1 
ATOM   420  N N   . ALA A 1 51  ? 7.888   -8.191  7.639   1.00 5.75  ? 73  ALA A N   1 
ATOM   421  C CA  . ALA A 1 51  ? 7.192   -6.985  8.089   1.00 5.81  ? 73  ALA A CA  1 
ATOM   422  C C   . ALA A 1 51  ? 6.263   -7.260  9.273   1.00 6.16  ? 73  ALA A C   1 
ATOM   423  O O   . ALA A 1 51  ? 6.270   -6.528  10.268  1.00 6.05  ? 73  ALA A O   1 
ATOM   424  C CB  . ALA A 1 51  ? 6.435   -6.341  6.937   1.00 6.29  ? 73  ALA A CB  1 
ATOM   425  N N   . LEU A 1 52  ? 5.459   -8.316  9.156   1.00 6.18  ? 74  LEU A N   1 
ATOM   426  C CA  . LEU A 1 52  ? 4.591   -8.742  10.241  1.00 7.54  ? 74  LEU A CA  1 
ATOM   427  C C   . LEU A 1 52  ? 5.382   -8.958  11.536  1.00 7.87  ? 74  LEU A C   1 
ATOM   428  O O   . LEU A 1 52  ? 4.983   -8.489  12.614  1.00 7.87  ? 74  LEU A O   1 
ATOM   429  C CB  . LEU A 1 52  ? 3.822   -9.987  9.797   1.00 8.24  ? 74  LEU A CB  1 
ATOM   430  C CG  . LEU A 1 52  ? 3.038   -10.741 10.877  1.00 12.03 ? 74  LEU A CG  1 
ATOM   431  C CD1 . LEU A 1 52  ? 1.771   -10.013 11.148  1.00 16.48 ? 74  LEU A CD1 1 
ATOM   432  C CD2 . LEU A 1 52  ? 2.757   -12.173 10.429  1.00 14.79 ? 74  LEU A CD2 1 
ATOM   433  N N   . SER A 1 53  ? 6.527   -9.627  11.418  1.00 8.20  ? 75  SER A N   1 
ATOM   434  C CA  . SER A 1 53  ? 7.364   -9.914  12.593  1.00 9.28  ? 75  SER A CA  1 
ATOM   435  C C   . SER A 1 53  ? 7.920   -8.651  13.266  1.00 9.94  ? 75  SER A C   1 
ATOM   436  O O   . SER A 1 53  ? 8.287   -8.691  14.445  1.00 10.65 ? 75  SER A O   1 
ATOM   437  C CB  . SER A 1 53  ? 8.497   -10.890 12.235  1.00 10.03 ? 75  SER A CB  1 
ATOM   438  O OG  . SER A 1 53  ? 9.578   -10.232 11.608  1.00 10.72 ? 75  SER A OG  1 
ATOM   439  N N   . LYS A 1 54  ? 7.966   -7.538  12.530  1.00 9.01  ? 76  LYS A N   1 
ATOM   440  C CA  . LYS A 1 54  ? 8.437   -6.255  13.064  1.00 9.49  ? 76  LYS A CA  1 
ATOM   441  C C   . LYS A 1 54  ? 7.300   -5.396  13.597  1.00 9.07  ? 76  LYS A C   1 
ATOM   442  O O   . LYS A 1 54  ? 7.544   -4.293  14.085  1.00 10.22 ? 76  LYS A O   1 
ATOM   443  C CB  . LYS A 1 54  ? 9.177   -5.446  11.984  1.00 10.18 ? 76  LYS A CB  1 
ATOM   444  C CG  . LYS A 1 54  ? 10.371  -6.136  11.320  1.00 12.48 ? 76  LYS A CG  1 
ATOM   445  C CD  . LYS A 1 54  ? 11.428  -6.570  12.314  1.00 15.49 ? 76  LYS A CD  1 
ATOM   446  C CE  . LYS A 1 54  ? 12.631  -7.151  11.572  1.00 16.71 ? 76  LYS A CE  1 
ATOM   447  N NZ  . LYS A 1 54  ? 13.696  -7.576  12.519  1.00 19.00 ? 76  LYS A NZ  1 
ATOM   448  N N   . GLY A 1 55  ? 6.060   -5.867  13.486  1.00 8.86  ? 77  GLY A N   1 
ATOM   449  C CA  . GLY A 1 55  ? 4.937   -5.131  14.062  1.00 8.51  ? 77  GLY A CA  1 
ATOM   450  C C   . GLY A 1 55  ? 3.859   -4.667  13.094  1.00 7.95  ? 77  GLY A C   1 
ATOM   451  O O   . GLY A 1 55  ? 2.940   -3.952  13.500  1.00 8.79  ? 77  GLY A O   1 
ATOM   452  N N   . PHE A 1 56  ? 3.938   -5.087  11.830  1.00 7.03  ? 78  PHE A N   1 
ATOM   453  C CA  . PHE A 1 56  ? 2.939   -4.674  10.820  1.00 6.41  ? 78  PHE A CA  1 
ATOM   454  C C   . PHE A 1 56  ? 1.644   -5.465  10.906  1.00 6.17  ? 78  PHE A C   1 
ATOM   455  O O   . PHE A 1 56  ? 1.659   -6.691  10.778  1.00 6.94  ? 78  PHE A O   1 
ATOM   456  C CB  . PHE A 1 56  ? 3.529   -4.845  9.428   1.00 6.23  ? 78  PHE A CB  1 
ATOM   457  C CG  . PHE A 1 56  ? 2.734   -4.207  8.312   1.00 5.90  ? 78  PHE A CG  1 
ATOM   458  C CD1 . PHE A 1 56  ? 2.151   -2.935  8.433   1.00 8.06  ? 78  PHE A CD1 1 
ATOM   459  C CD2 . PHE A 1 56  ? 2.625   -4.874  7.095   1.00 7.41  ? 78  PHE A CD2 1 
ATOM   460  C CE1 . PHE A 1 56  ? 1.484   -2.348  7.359   1.00 8.41  ? 78  PHE A CE1 1 
ATOM   461  C CE2 . PHE A 1 56  ? 1.956   -4.302  6.032   1.00 7.09  ? 78  PHE A CE2 1 
ATOM   462  C CZ  . PHE A 1 56  ? 1.384   -3.031  6.161   1.00 7.71  ? 78  PHE A CZ  1 
ATOM   463  N N   . GLU A 1 57  ? 0.527   -4.767  11.062  1.00 6.13  ? 79  GLU A N   1 
ATOM   464  C CA  . GLU A 1 57  ? -0.776  -5.357  10.902  1.00 6.72  ? 79  GLU A CA  1 
ATOM   465  C C   . GLU A 1 57  ? -1.764  -4.304  10.342  1.00 6.28  ? 79  GLU A C   1 
ATOM   466  O O   . GLU A 1 57  ? -1.618  -3.155  10.540  1.00 6.59  ? 79  GLU A O   1 
ATOM   467  C CB  . GLU A 1 57  ? -1.292  -6.045  12.171  1.00 7.86  ? 79  GLU A CB  1 
ATOM   468  C CG  . GLU A 1 57  ? -1.664  -5.133  13.337  1.00 9.45  ? 79  GLU A CG  1 
ATOM   469  C CD  . GLU A 1 57  ? -2.378  -5.895  14.504  1.00 10.41 ? 79  GLU A CD  1 
ATOM   470  O OE1 . GLU A 1 57  ? -2.825  -7.036  14.390  1.00 10.53 ? 79  GLU A OE1 1 
ATOM   471  O OE2 . GLU A 1 57  ? -2.458  -5.216  15.511  1.00 9.54  ? 79  GLU A OE2 1 
ATOM   472  N N   . THR A 1 58  ? -2.732  -4.781  9.575   1.00 6.12  ? 80  THR A N   1 
ATOM   473  C CA  . THR A 1 58  ? -3.814  -3.915  9.119   1.00 6.83  ? 80  THR A CA  1 
ATOM   474  C C   . THR A 1 58  ? -5.132  -4.678  9.270   1.00 7.13  ? 80  THR A C   1 
ATOM   475  O O   . THR A 1 58  ? -5.164  -5.861  9.619   1.00 7.15  ? 80  THR A O   1 
ATOM   476  C CB  . THR A 1 58  ? -3.673  -3.527  7.634   1.00 6.80  ? 80  THR A CB  1 
ATOM   477  O OG1 . THR A 1 58  ? -4.103  -4.634  6.832   1.00 7.55  ? 80  THR A OG1 1 
ATOM   478  C CG2 . THR A 1 58  ? -2.237  -3.101  7.268   1.00 7.77  ? 80  THR A CG2 1 
ATOM   479  N N   . CYS A 1 59  ? -6.230  -4.003  8.969   1.00 7.21  ? 81  CYS A N   1 
ATOM   480  C CA  . CYS A 1 59  ? -7.514  -4.683  8.886   1.00 8.31  ? 81  CYS A CA  1 
ATOM   481  C C   . CYS A 1 59  ? -8.094  -4.554  7.488   1.00 8.01  ? 81  CYS A C   1 
ATOM   482  O O   . CYS A 1 59  ? -9.308  -4.412  7.320   1.00 9.07  ? 81  CYS A O   1 
ATOM   483  C CB  . CYS A 1 59  ? -8.488  -4.125  9.930   1.00 9.24  ? 81  CYS A CB  1 
ATOM   484  S SG  . CYS A 1 59  ? -10.015 -5.107  10.188  1.00 14.21 ? 81  CYS A SG  1 
ATOM   485  N N   . ARG A 1 60  ? -7.222  -4.604  6.481   1.00 7.17  ? 82  ARG A N   1 
ATOM   486  C CA  . ARG A 1 60  ? -7.638  -4.349  5.101   1.00 7.32  ? 82  ARG A CA  1 
ATOM   487  C C   . ARG A 1 60  ? -7.002  -5.330  4.134   1.00 6.53  ? 82  ARG A C   1 
ATOM   488  O O   . ARG A 1 60  ? -5.800  -5.604  4.224   1.00 7.40  ? 82  ARG A O   1 
ATOM   489  C CB  . ARG A 1 60  ? -7.200  -2.939  4.671   1.00 7.81  ? 82  ARG A CB  1 
ATOM   490  C CG  . ARG A 1 60  ? -7.835  -1.796  5.439   1.00 9.15  ? 82  ARG A CG  1 
ATOM   491  C CD  . ARG A 1 60  ? -9.290  -1.548  4.996   1.00 9.94  ? 82  ARG A CD  1 
ATOM   492  N NE  . ARG A 1 60  ? -9.352  -0.971  3.646   1.00 10.36 ? 82  ARG A NE  1 
ATOM   493  C CZ  . ARG A 1 60  ? -10.473 -0.599  3.028   1.00 11.08 ? 82  ARG A CZ  1 
ATOM   494  N NH1 . ARG A 1 60  ? -11.649 -0.753  3.635   1.00 12.02 ? 82  ARG A NH1 1 
ATOM   495  N NH2 . ARG A 1 60  ? -10.419 -0.064  1.805   1.00 10.28 ? 82  ARG A NH2 1 
ATOM   496  N N   . TYR A 1 61  ? -7.801  -5.878  3.219   1.00 6.56  ? 83  TYR A N   1 
ATOM   497  C CA  . TYR A 1 61  ? -7.264  -6.684  2.129   1.00 6.45  ? 83  TYR A CA  1 
ATOM   498  C C   . TYR A 1 61  ? -6.411  -5.834  1.207   1.00 5.51  ? 83  TYR A C   1 
ATOM   499  O O   . TYR A 1 61  ? -6.832  -4.740  0.797   1.00 6.87  ? 83  TYR A O   1 
ATOM   500  C CB  . TYR A 1 61  ? -8.394  -7.242  1.273   1.00 7.02  ? 83  TYR A CB  1 
ATOM   501  C CG  . TYR A 1 61  ? -9.229  -8.287  1.946   1.00 9.56  ? 83  TYR A CG  1 
ATOM   502  C CD1 . TYR A 1 61  ? -8.676  -9.516  2.309   1.00 10.98 ? 83  TYR A CD1 1 
ATOM   503  C CD2 . TYR A 1 61  ? -10.583 -8.063  2.200   1.00 12.59 ? 83  TYR A CD2 1 
ATOM   504  C CE1 . TYR A 1 61  ? -9.446  -10.500 2.925   1.00 14.50 ? 83  TYR A CE1 1 
ATOM   505  C CE2 . TYR A 1 61  ? -11.370 -9.047  2.808   1.00 16.49 ? 83  TYR A CE2 1 
ATOM   506  C CZ  . TYR A 1 61  ? -10.787 -10.257 3.167   1.00 16.05 ? 83  TYR A CZ  1 
ATOM   507  O OH  . TYR A 1 61  ? -11.542 -11.240 3.777   1.00 21.06 ? 83  TYR A OH  1 
ATOM   508  N N   . GLY A 1 62  ? -5.248  -6.353  0.833   1.00 6.04  ? 84  GLY A N   1 
ATOM   509  C CA  . GLY A 1 62  ? -4.426  -5.679  -0.169  1.00 4.93  ? 84  GLY A CA  1 
ATOM   510  C C   . GLY A 1 62  ? -3.554  -6.637  -0.949  1.00 5.11  ? 84  GLY A C   1 
ATOM   511  O O   . GLY A 1 62  ? -3.178  -7.706  -0.458  1.00 5.64  ? 84  GLY A O   1 
ATOM   512  N N   . PHE A 1 63  ? -3.221  -6.239  -2.169  1.00 4.81  ? 85  PHE A N   1 
ATOM   513  C CA  . PHE A 1 63  ? -2.360  -7.041  -3.025  1.00 5.86  ? 85  PHE A CA  1 
ATOM   514  C C   . PHE A 1 63  ? -0.945  -7.121  -2.490  1.00 5.47  ? 85  PHE A C   1 
ATOM   515  O O   . PHE A 1 63  ? -0.357  -6.121  -2.018  1.00 5.77  ? 85  PHE A O   1 
ATOM   516  C CB  . PHE A 1 63  ? -2.241  -6.417  -4.410  1.00 6.29  ? 85  PHE A CB  1 
ATOM   517  C CG  . PHE A 1 63  ? -3.530  -6.338  -5.137  1.00 7.17  ? 85  PHE A CG  1 
ATOM   518  C CD1 . PHE A 1 63  ? -4.105  -7.451  -5.726  1.00 8.76  ? 85  PHE A CD1 1 
ATOM   519  C CD2 . PHE A 1 63  ? -4.174  -5.112  -5.250  1.00 9.46  ? 85  PHE A CD2 1 
ATOM   520  C CE1 . PHE A 1 63  ? -5.329  -7.315  -6.407  1.00 11.41 ? 85  PHE A CE1 1 
ATOM   521  C CE2 . PHE A 1 63  ? -5.363  -4.987  -5.903  1.00 12.65 ? 85  PHE A CE2 1 
ATOM   522  C CZ  . PHE A 1 63  ? -5.941  -6.067  -6.474  1.00 9.53  ? 85  PHE A CZ  1 
ATOM   523  N N   . ILE A 1 64  ? -0.388  -8.323  -2.572  1.00 5.79  ? 86  ILE A N   1 
ATOM   524  C CA  . ILE A 1 64  ? 1.052   -8.536  -2.589  1.00 6.40  ? 86  ILE A CA  1 
ATOM   525  C C   . ILE A 1 64  ? 1.325   -9.223  -3.922  1.00 7.08  ? 86  ILE A C   1 
ATOM   526  O O   . ILE A 1 64  ? 0.414   -9.353  -4.754  1.00 8.01  ? 86  ILE A O   1 
ATOM   527  C CB  . ILE A 1 64  ? 1.570   -9.345  -1.377  1.00 6.36  ? 86  ILE A CB  1 
ATOM   528  C CG1 . ILE A 1 64  ? 1.001   -10.775 -1.352  1.00 7.07  ? 86  ILE A CG1 1 
ATOM   529  C CG2 . ILE A 1 64  ? 1.308   -8.579  -0.087  1.00 7.06  ? 86  ILE A CG2 1 
ATOM   530  C CD1 . ILE A 1 64  ? 1.706   -11.731 -0.366  1.00 9.13  ? 86  ILE A CD1 1 
ATOM   531  N N   . GLU A 1 65  ? 2.559   -9.651  -4.160  1.00 7.63  ? 87  GLU A N   1 
ATOM   532  C CA  . GLU A 1 65  ? 2.865   -10.417 -5.361  1.00 10.23 ? 87  GLU A CA  1 
ATOM   533  C C   . GLU A 1 65  ? 2.189   -11.782 -5.231  1.00 10.69 ? 87  GLU A C   1 
ATOM   534  O O   . GLU A 1 65  ? 2.504   -12.563 -4.321  1.00 12.68 ? 87  GLU A O   1 
ATOM   535  C CB  . GLU A 1 65  ? 4.376   -10.570 -5.553  1.00 10.92 ? 87  GLU A CB  1 
ATOM   536  C CG  . GLU A 1 65  ? 4.768   -11.140 -6.924  1.00 15.25 ? 87  GLU A CG  1 
ATOM   537  C CD  . GLU A 1 65  ? 4.415   -10.217 -8.084  1.00 18.92 ? 87  GLU A CD  1 
ATOM   538  O OE1 . GLU A 1 65  ? 4.756   -9.018  -8.033  1.00 21.35 ? 87  GLU A OE1 1 
ATOM   539  O OE2 . GLU A 1 65  ? 3.794   -10.692 -9.057  1.00 23.47 ? 87  GLU A OE2 1 
ATOM   540  N N   . GLY A 1 66  ? 1.229   -12.047 -6.101  1.00 10.01 ? 88  GLY A N   1 
ATOM   541  C CA  . GLY A 1 66  ? 0.622   -13.353 -6.122  1.00 8.96  ? 88  GLY A CA  1 
ATOM   542  C C   . GLY A 1 66  ? -0.671  -13.538 -5.360  1.00 8.18  ? 88  GLY A C   1 
ATOM   543  O O   . GLY A 1 66  ? -1.453  -14.389 -5.734  1.00 8.63  ? 88  GLY A O   1 
ATOM   544  N N   . ASN A 1 67  ? -0.954  -12.762 -4.319  1.00 7.21  ? 89  ASN A N   1 
ATOM   545  C CA  . ASN A 1 67  ? -2.139  -12.986 -3.490  1.00 6.64  ? 89  ASN A CA  1 
ATOM   546  C C   . ASN A 1 67  ? -2.680  -11.681 -2.963  1.00 6.14  ? 89  ASN A C   1 
ATOM   547  O O   . ASN A 1 67  ? -2.048  -10.639 -3.130  1.00 6.67  ? 89  ASN A O   1 
ATOM   548  C CB  . ASN A 1 67  ? -1.816  -13.917 -2.315  1.00 7.12  ? 89  ASN A CB  1 
ATOM   549  C CG  . ASN A 1 67  ? -1.621  -15.353 -2.745  1.00 8.07  ? 89  ASN A CG  1 
ATOM   550  O OD1 . ASN A 1 67  ? -0.492  -15.820 -2.914  1.00 9.25  ? 89  ASN A OD1 1 
ATOM   551  N ND2 . ASN A 1 67  ? -2.720  -16.066 -2.929  1.00 8.26  ? 89  ASN A ND2 1 
ATOM   552  N N   . VAL A 1 68  ? -3.848  -11.756 -2.336  1.00 5.83  ? 90  VAL A N   1 
ATOM   553  C CA  . VAL A 1 68  ? -4.475  -10.652 -1.611  1.00 5.72  ? 90  VAL A CA  1 
ATOM   554  C C   . VAL A 1 68  ? -4.482  -11.093 -0.151  1.00 5.67  ? 90  VAL A C   1 
ATOM   555  O O   . VAL A 1 68  ? -4.924  -12.215 0.164   1.00 6.36  ? 90  VAL A O   1 
ATOM   556  C CB  . VAL A 1 68  ? -5.913  -10.427 -2.102  1.00 5.55  ? 90  VAL A CB  1 
ATOM   557  C CG1 . VAL A 1 68  ? -6.630  -9.387  -1.256  1.00 7.48  ? 90  VAL A CG1 1 
ATOM   558  C CG2 . VAL A 1 68  ? -5.899  -10.025 -3.571  1.00 8.08  ? 90  VAL A CG2 1 
ATOM   559  N N   . VAL A 1 69  ? -3.966  -10.234 0.735   1.00 5.09  ? 91  VAL A N   1 
ATOM   560  C CA  . VAL A 1 69  ? -3.706  -10.650 2.118   1.00 5.77  ? 91  VAL A CA  1 
ATOM   561  C C   . VAL A 1 69  ? -4.074  -9.577  3.141   1.00 5.76  ? 91  VAL A C   1 
ATOM   562  O O   . VAL A 1 69  ? -4.283  -8.395  2.796   1.00 5.72  ? 91  VAL A O   1 
ATOM   563  C CB  . VAL A 1 69  ? -2.208  -11.047 2.334   1.00 5.70  ? 91  VAL A CB  1 
ATOM   564  C CG1 . VAL A 1 69  ? -1.739  -12.103 1.318   1.00 6.49  ? 91  VAL A CG1 1 
ATOM   565  C CG2 . VAL A 1 69  ? -1.310  -9.820  2.287   1.00 6.46  ? 91  VAL A CG2 1 
ATOM   566  N N   . ILE A 1 70  ? -4.139  -10.000 4.403   1.00 5.79  ? 92  ILE A N   1 
ATOM   567  C CA  . ILE A 1 70  ? -4.200  -9.098  5.549   1.00 6.51  ? 92  ILE A CA  1 
ATOM   568  C C   . ILE A 1 70  ? -3.179  -9.591  6.581   1.00 6.36  ? 92  ILE A C   1 
ATOM   569  O O   . ILE A 1 70  ? -3.318  -10.710 7.087   1.00 6.65  ? 92  ILE A O   1 
ATOM   570  C CB  . ILE A 1 70  ? -5.577  -9.069  6.245   1.00 6.97  ? 92  ILE A CB  1 
ATOM   571  C CG1 . ILE A 1 70  ? -6.708  -8.837  5.232   1.00 8.66  ? 92  ILE A CG1 1 
ATOM   572  C CG2 . ILE A 1 70  ? -5.557  -8.008  7.340   1.00 7.92  ? 92  ILE A CG2 1 
ATOM   573  C CD1 . ILE A 1 70  ? -8.103  -8.775  5.833   1.00 10.98 ? 92  ILE A CD1 1 
ATOM   574  N N   . PRO A 1 71  ? -2.166  -8.763  6.918   1.00 6.55  ? 93  PRO A N   1 
ATOM   575  C CA  . PRO A 1 71  ? -1.251  -9.155  7.998   1.00 6.14  ? 93  PRO A CA  1 
ATOM   576  C C   . PRO A 1 71  ? -1.906  -8.891  9.345   1.00 6.08  ? 93  PRO A C   1 
ATOM   577  O O   . PRO A 1 71  ? -2.418  -7.791  9.576   1.00 6.07  ? 93  PRO A O   1 
ATOM   578  C CB  . PRO A 1 71  ? -0.038  -8.239  7.780   1.00 6.29  ? 93  PRO A CB  1 
ATOM   579  C CG  . PRO A 1 71  ? -0.608  -6.999  7.135   1.00 6.73  ? 93  PRO A CG  1 
ATOM   580  C CD  . PRO A 1 71  ? -1.817  -7.444  6.345   1.00 7.36  ? 93  PRO A CD  1 
ATOM   581  N N   . ARG A 1 72  ? -1.889  -9.903  10.211  1.00 6.85  ? 94  ARG A N   1 
ATOM   582  C CA  . ARG A 1 72  ? -2.538  -9.805  11.515  1.00 7.58  ? 94  ARG A CA  1 
ATOM   583  C C   . ARG A 1 72  ? -1.598  -10.243 12.614  1.00 7.96  ? 94  ARG A C   1 
ATOM   584  O O   . ARG A 1 72  ? -1.009  -11.330 12.557  1.00 8.81  ? 94  ARG A O   1 
ATOM   585  C CB  . ARG A 1 72  ? -3.783  -10.697 11.586  1.00 8.20  ? 94  ARG A CB  1 
ATOM   586  C CG  . ARG A 1 72  ? -4.969  -10.268 10.714  1.00 8.84  ? 94  ARG A CG  1 
ATOM   587  C CD  . ARG A 1 72  ? -5.441  -8.856  11.004  1.00 9.89  ? 94  ARG A CD  1 
ATOM   588  N NE  . ARG A 1 72  ? -5.819  -8.678  12.402  1.00 10.21 ? 94  ARG A NE  1 
ATOM   589  C CZ  . ARG A 1 72  ? -5.932  -7.494  12.987  1.00 11.43 ? 94  ARG A CZ  1 
ATOM   590  N NH1 . ARG A 1 72  ? -5.722  -6.382  12.287  1.00 12.45 ? 94  ARG A NH1 1 
ATOM   591  N NH2 . ARG A 1 72  ? -6.287  -7.419  14.270  1.00 14.05 ? 94  ARG A NH2 1 
ATOM   592  N N   . ILE A 1 73  ? -1.462  -9.393  13.620  1.00 8.42  ? 95  ILE A N   1 
ATOM   593  C CA  . ILE A 1 73  ? -0.726  -9.768  14.818  1.00 10.05 ? 95  ILE A CA  1 
ATOM   594  C C   . ILE A 1 73  ? -1.676  -10.215 15.926  1.00 10.96 ? 95  ILE A C   1 
ATOM   595  O O   . ILE A 1 73  ? -1.516  -11.312 16.465  1.00 11.19 ? 95  ILE A O   1 
ATOM   596  C CB  . ILE A 1 73  ? 0.181   -8.629  15.289  1.00 9.61  ? 95  ILE A CB  1 
ATOM   597  C CG1 . ILE A 1 73  ? 1.286   -8.407  14.249  1.00 10.51 ? 95  ILE A CG1 1 
ATOM   598  C CG2 . ILE A 1 73  ? 0.778   -8.956  16.663  1.00 10.64 ? 95  ILE A CG2 1 
ATOM   599  C CD1 . ILE A 1 73  ? 2.085   -7.141  14.428  1.00 12.57 ? 95  ILE A CD1 1 
ATOM   600  N N   . HIS A 1 74  ? -2.659  -9.369  16.232  1.00 12.27 ? 96  HIS A N   1 
ATOM   601  C CA  . HIS A 1 74  ? -3.653  -9.635  17.271  1.00 14.33 ? 96  HIS A CA  1 
ATOM   602  C C   . HIS A 1 74  ? -4.931  -10.205 16.672  1.00 15.40 ? 96  HIS A C   1 
ATOM   603  O O   . HIS A 1 74  ? -5.409  -9.724  15.641  1.00 16.14 ? 96  HIS A O   1 
ATOM   604  C CB  . HIS A 1 74  ? -3.956  -8.351  18.039  1.00 15.06 ? 96  HIS A CB  1 
ATOM   605  C CG  . HIS A 1 74  ? -2.730  -7.678  18.567  1.00 16.59 ? 96  HIS A CG  1 
ATOM   606  N ND1 . HIS A 1 74  ? -2.111  -6.633  17.911  1.00 18.23 ? 96  HIS A ND1 1 
ATOM   607  C CD2 . HIS A 1 74  ? -1.976  -7.931  19.664  1.00 18.18 ? 96  HIS A CD2 1 
ATOM   608  C CE1 . HIS A 1 74  ? -1.042  -6.260  18.591  1.00 19.89 ? 96  HIS A CE1 1 
ATOM   609  N NE2 . HIS A 1 74  ? -0.937  -7.032  19.659  1.00 18.48 ? 96  HIS A NE2 1 
ATOM   610  N N   . PRO A 1 75  ? -5.483  -11.256 17.297  1.00 15.20 ? 97  PRO A N   1 
ATOM   611  C CA  . PRO A 1 75  ? -6.749  -11.800 16.810  1.00 16.22 ? 97  PRO A CA  1 
ATOM   612  C C   . PRO A 1 75  ? -7.872  -10.796 17.029  1.00 17.03 ? 97  PRO A C   1 
ATOM   613  O O   . PRO A 1 75  ? -8.012  -10.245 18.120  1.00 17.97 ? 97  PRO A O   1 
ATOM   614  C CB  . PRO A 1 75  ? -6.969  -13.061 17.660  1.00 16.26 ? 97  PRO A CB  1 
ATOM   615  C CG  . PRO A 1 75  ? -5.925  -13.078 18.680  1.00 16.27 ? 97  PRO A CG  1 
ATOM   616  C CD  . PRO A 1 75  ? -4.907  -12.036 18.409  1.00 15.38 ? 97  PRO A CD  1 
ATOM   617  N N   . ASN A 1 76  ? -8.621  -10.518 15.969  1.00 17.64 ? 98  ASN A N   1 
ATOM   618  C CA  . ASN A 1 76  ? -9.768  -9.626  16.040  1.00 18.60 ? 98  ASN A CA  1 
ATOM   619  C C   . ASN A 1 76  ? -10.847 -10.240 15.168  1.00 18.88 ? 98  ASN A C   1 
ATOM   620  O O   . ASN A 1 76  ? -10.591 -10.587 14.012  1.00 18.44 ? 98  ASN A O   1 
ATOM   621  C CB  . ASN A 1 76  ? -9.373  -8.223  15.560  1.00 18.98 ? 98  ASN A CB  1 
ATOM   622  C CG  . ASN A 1 76  ? -10.480 -7.196  15.735  1.00 20.89 ? 98  ASN A CG  1 
ATOM   623  O OD1 . ASN A 1 76  ? -11.649 -7.483  15.510  1.00 22.93 ? 98  ASN A OD1 1 
ATOM   624  N ND2 . ASN A 1 76  ? -10.101 -5.979  16.106  1.00 23.47 ? 98  ASN A ND2 1 
ATOM   625  N N   . ALA A 1 77  ? -12.043 -10.388 15.734  1.00 19.42 ? 99  ALA A N   1 
ATOM   626  C CA  . ALA A 1 77  ? -13.155 -11.055 15.061  1.00 19.94 ? 99  ALA A CA  1 
ATOM   627  C C   . ALA A 1 77  ? -13.574 -10.416 13.735  1.00 20.13 ? 99  ALA A C   1 
ATOM   628  O O   . ALA A 1 77  ? -14.012 -11.123 12.830  1.00 20.80 ? 99  ALA A O   1 
ATOM   629  C CB  . ALA A 1 77  ? -14.349 -11.155 15.997  1.00 20.09 ? 99  ALA A CB  1 
ATOM   630  N N   . ILE A 1 78  ? -13.435 -9.096  13.632  1.00 20.46 ? 100 ILE A N   1 
ATOM   631  C CA  . ILE A 1 78  ? -13.831 -8.356  12.422  1.00 20.82 ? 100 ILE A CA  1 
ATOM   632  C C   . ILE A 1 78  ? -12.681 -8.122  11.426  1.00 20.20 ? 100 ILE A C   1 
ATOM   633  O O   . ILE A 1 78  ? -12.871 -7.459  10.406  1.00 20.69 ? 100 ILE A O   1 
ATOM   634  C CB  . ILE A 1 78  ? -14.543 -7.001  12.761  1.00 21.18 ? 100 ILE A CB  1 
ATOM   635  C CG1 . ILE A 1 78  ? -13.556 -5.964  13.314  1.00 22.40 ? 100 ILE A CG1 1 
ATOM   636  C CG2 . ILE A 1 78  ? -15.726 -7.233  13.713  1.00 22.06 ? 100 ILE A CG2 1 
ATOM   637  C CD1 . ILE A 1 78  ? -14.157 -4.578  13.545  1.00 24.59 ? 100 ILE A CD1 1 
ATOM   638  N N   . CYS A 1 79  ? -11.500 -8.664  11.724  1.00 18.94 ? 101 CYS A N   1 
ATOM   639  C CA  . CYS A 1 79  ? -10.343 -8.555  10.831  1.00 18.08 ? 101 CYS A CA  1 
ATOM   640  C C   . CYS A 1 79  ? -9.812  -9.939  10.500  1.00 18.00 ? 101 CYS A C   1 
ATOM   641  O O   . CYS A 1 79  ? -9.213  -10.594 11.357  1.00 18.12 ? 101 CYS A O   1 
ATOM   642  C CB  . CYS A 1 79  ? -9.232  -7.728  11.484  1.00 17.66 ? 101 CYS A CB  1 
ATOM   643  S SG  . CYS A 1 79  ? -9.709  -6.065  11.966  1.00 16.37 ? 101 CYS A SG  1 
ATOM   644  N N   . ALA A 1 80  ? -10.033 -10.386 9.264   1.00 18.31 ? 102 ALA A N   1 
ATOM   645  C CA  . ALA A 1 80  ? -9.512  -11.673 8.780   1.00 18.87 ? 102 ALA A CA  1 
ATOM   646  C C   . ALA A 1 80  ? -10.032 -12.857 9.596   1.00 19.63 ? 102 ALA A C   1 
ATOM   647  O O   . ALA A 1 80  ? -9.322  -13.845 9.817   1.00 19.66 ? 102 ALA A O   1 
ATOM   648  C CB  . ALA A 1 80  ? -7.974  -11.660 8.744   1.00 18.65 ? 102 ALA A CB  1 
ATOM   649  N N   . ALA A 1 81  ? -11.284 -12.737 10.043  1.00 20.28 ? 103 ALA A N   1 
ATOM   650  C CA  . ALA A 1 81  ? -11.993 -13.795 10.770  1.00 20.67 ? 103 ALA A CA  1 
ATOM   651  C C   . ALA A 1 81  ? -11.181 -14.345 11.946  1.00 20.49 ? 103 ALA A C   1 
ATOM   652  O O   . ALA A 1 81  ? -11.066 -15.561 12.123  1.00 20.91 ? 103 ALA A O   1 
ATOM   653  C CB  . ALA A 1 81  ? -12.418 -14.920 9.811   1.00 21.07 ? 103 ALA A CB  1 
ATOM   654  N N   . ASN A 1 82  ? -10.606 -13.432 12.727  1.00 19.95 ? 104 ASN A N   1 
ATOM   655  C CA  . ASN A 1 82  ? -9.879  -13.754 13.958  1.00 19.04 ? 104 ASN A CA  1 
ATOM   656  C C   . ASN A 1 82  ? -8.518  -14.463 13.779  1.00 18.40 ? 104 ASN A C   1 
ATOM   657  O O   . ASN A 1 82  ? -7.918  -14.932 14.744  1.00 18.45 ? 104 ASN A O   1 
ATOM   658  C CB  . ASN A 1 82  ? -10.785 -14.526 14.931  1.00 19.47 ? 104 ASN A CB  1 
ATOM   659  C CG  . ASN A 1 82  ? -10.531 -14.164 16.371  1.00 19.76 ? 104 ASN A CG  1 
ATOM   660  O OD1 . ASN A 1 82  ? -10.508 -12.990 16.739  1.00 20.71 ? 104 ASN A OD1 1 
ATOM   661  N ND2 . ASN A 1 82  ? -10.354 -15.182 17.208  1.00 22.62 ? 104 ASN A ND2 1 
ATOM   662  N N   . HIS A 1 83  ? -8.018  -14.510 12.548  1.00 17.32 ? 105 HIS A N   1 
ATOM   663  C CA  . HIS A 1 83  ? -6.740  -15.160 12.275  1.00 15.94 ? 105 HIS A CA  1 
ATOM   664  C C   . HIS A 1 83  ? -5.563  -14.290 12.703  1.00 14.63 ? 105 HIS A C   1 
ATOM   665  O O   . HIS A 1 83  ? -5.696  -13.071 12.834  1.00 14.09 ? 105 HIS A O   1 
ATOM   666  C CB  . HIS A 1 83  ? -6.626  -15.505 10.789  1.00 17.11 ? 105 HIS A CB  1 
ATOM   667  C CG  . HIS A 1 83  ? -7.414  -16.715 10.386  1.00 19.10 ? 105 HIS A CG  1 
ATOM   668  N ND1 . HIS A 1 83  ? -8.743  -16.653 10.024  1.00 22.16 ? 105 HIS A ND1 1 
ATOM   669  C CD2 . HIS A 1 83  ? -7.053  -18.015 10.271  1.00 21.68 ? 105 HIS A CD2 1 
ATOM   670  C CE1 . HIS A 1 83  ? -9.169  -17.864 9.713   1.00 21.53 ? 105 HIS A CE1 1 
ATOM   671  N NE2 . HIS A 1 83  ? -8.164  -18.708 9.855   1.00 22.99 ? 105 HIS A NE2 1 
ATOM   672  N N   . THR A 1 84  ? -4.430  -14.938 12.962  1.00 13.32 ? 106 THR A N   1 
ATOM   673  C CA  . THR A 1 84  ? -3.146  -14.237 13.084  1.00 12.93 ? 106 THR A CA  1 
ATOM   674  C C   . THR A 1 84  ? -2.221  -14.724 11.975  1.00 12.09 ? 106 THR A C   1 
ATOM   675  O O   . THR A 1 84  ? -2.474  -15.753 11.347  1.00 13.02 ? 106 THR A O   1 
ATOM   676  C CB  . THR A 1 84  ? -2.461  -14.456 14.460  1.00 13.20 ? 106 THR A CB  1 
ATOM   677  O OG1 . THR A 1 84  ? -2.068  -15.828 14.586  1.00 14.86 ? 106 THR A OG1 1 
ATOM   678  C CG2 . THR A 1 84  ? -3.380  -14.053 15.619  1.00 14.96 ? 106 THR A CG2 1 
ATOM   679  N N   . GLY A 1 85  ? -1.154  -13.973 11.722  1.00 10.24 ? 107 GLY A N   1 
ATOM   680  C CA  . GLY A 1 85  ? -0.218  -14.279 10.654  1.00 9.60  ? 107 GLY A CA  1 
ATOM   681  C C   . GLY A 1 85  ? -0.653  -13.549 9.405   1.00 8.49  ? 107 GLY A C   1 
ATOM   682  O O   . GLY A 1 85  ? -1.526  -12.681 9.459   1.00 8.62  ? 107 GLY A O   1 
ATOM   683  N N   . VAL A 1 86  ? -0.049  -13.893 8.276   1.00 8.91  ? 108 VAL A N   1 
ATOM   684  C CA  . VAL A 1 86  ? -0.472  -13.319 7.009   1.00 9.08  ? 108 VAL A CA  1 
ATOM   685  C C   . VAL A 1 86  ? -1.683  -14.095 6.511   1.00 9.20  ? 108 VAL A C   1 
ATOM   686  O O   . VAL A 1 86  ? -1.561  -15.218 6.013   1.00 11.03 ? 108 VAL A O   1 
ATOM   687  C CB  . VAL A 1 86  ? 0.663   -13.323 5.963   1.00 8.59  ? 108 VAL A CB  1 
ATOM   688  C CG1 . VAL A 1 86  ? 0.180   -12.651 4.702   1.00 9.91  ? 108 VAL A CG1 1 
ATOM   689  C CG2 . VAL A 1 86  ? 1.902   -12.618 6.494   1.00 9.79  ? 108 VAL A CG2 1 
ATOM   690  N N   . TYR A 1 87  ? -2.854  -13.501 6.649   1.00 8.57  ? 109 TYR A N   1 
ATOM   691  C CA  . TYR A 1 87  ? -4.081  -14.157 6.221   1.00 8.57  ? 109 TYR A CA  1 
ATOM   692  C C   . TYR A 1 87  ? -4.255  -13.995 4.718   1.00 8.67  ? 109 TYR A C   1 
ATOM   693  O O   . TYR A 1 87  ? -4.192  -12.883 4.200   1.00 8.28  ? 109 TYR A O   1 
ATOM   694  C CB  . TYR A 1 87  ? -5.268  -13.556 6.946   1.00 9.48  ? 109 TYR A CB  1 
ATOM   695  C CG  . TYR A 1 87  ? -6.599  -14.104 6.482   1.00 11.55 ? 109 TYR A CG  1 
ATOM   696  C CD1 . TYR A 1 87  ? -7.076  -15.324 6.960   1.00 14.47 ? 109 TYR A CD1 1 
ATOM   697  C CD2 . TYR A 1 87  ? -7.388  -13.400 5.570   1.00 14.68 ? 109 TYR A CD2 1 
ATOM   698  C CE1 . TYR A 1 87  ? -8.310  -15.835 6.530   1.00 18.24 ? 109 TYR A CE1 1 
ATOM   699  C CE2 . TYR A 1 87  ? -8.613  -13.902 5.133   1.00 17.68 ? 109 TYR A CE2 1 
ATOM   700  C CZ  . TYR A 1 87  ? -9.066  -15.114 5.622   1.00 18.71 ? 109 TYR A CZ  1 
ATOM   701  O OH  . TYR A 1 87  ? -10.281 -15.607 5.199   1.00 22.25 ? 109 TYR A OH  1 
ATOM   702  N N   . ILE A 1 88  ? -4.507  -15.099 4.027   1.00 7.90  ? 110 ILE A N   1 
ATOM   703  C CA  . ILE A 1 88  ? -4.645  -15.091 2.578   1.00 8.25  ? 110 ILE A CA  1 
ATOM   704  C C   . ILE A 1 88  ? -6.109  -15.195 2.196   1.00 8.16  ? 110 ILE A C   1 
ATOM   705  O O   . ILE A 1 88  ? -6.806  -16.128 2.612   1.00 8.00  ? 110 ILE A O   1 
ATOM   706  C CB  . ILE A 1 88  ? -3.830  -16.225 1.916   1.00 8.18  ? 110 ILE A CB  1 
ATOM   707  C CG1 . ILE A 1 88  ? -2.345  -16.127 2.294   1.00 8.95  ? 110 ILE A CG1 1 
ATOM   708  C CG2 . ILE A 1 88  ? -3.994  -16.190 0.393   1.00 9.00  ? 110 ILE A CG2 1 
ATOM   709  C CD1 . ILE A 1 88  ? -1.529  -17.380 1.962   1.00 11.02 ? 110 ILE A CD1 1 
ATOM   710  N N   . LEU A 1 89  ? -6.573  -14.229 1.410   1.00 7.16  ? 111 LEU A N   1 
ATOM   711  C CA  . LEU A 1 89  ? -7.926  -14.278 0.869   1.00 7.98  ? 111 LEU A CA  1 
ATOM   712  C C   . LEU A 1 89  ? -8.032  -15.425 -0.119  1.00 7.91  ? 111 LEU A C   1 
ATOM   713  O O   . LEU A 1 89  ? -7.244  -15.531 -1.056  1.00 8.24  ? 111 LEU A O   1 
ATOM   714  C CB  . LEU A 1 89  ? -8.273  -12.960 0.177   1.00 8.31  ? 111 LEU A CB  1 
ATOM   715  C CG  . LEU A 1 89  ? -9.639  -12.899 -0.514  1.00 9.19  ? 111 LEU A CG  1 
ATOM   716  C CD1 . LEU A 1 89  ? -10.773 -13.021 0.471   1.00 10.13 ? 111 LEU A CD1 1 
ATOM   717  C CD2 . LEU A 1 89  ? -9.710  -11.592 -1.269  1.00 10.64 ? 111 LEU A CD2 1 
ATOM   718  N N   . VAL A 1 90  ? -8.995  -16.299 0.126   1.00 7.89  ? 112 VAL A N   1 
ATOM   719  C CA  . VAL A 1 90  ? -9.198  -17.472 -0.731  1.00 8.60  ? 112 VAL A CA  1 
ATOM   720  C C   . VAL A 1 90  ? -10.322 -17.259 -1.746  1.00 8.26  ? 112 VAL A C   1 
ATOM   721  O O   . VAL A 1 90  ? -10.120 -17.442 -2.936  1.00 9.13  ? 112 VAL A O   1 
ATOM   722  C CB  . VAL A 1 90  ? -9.437  -18.754 0.105   1.00 8.42  ? 112 VAL A CB  1 
ATOM   723  C CG1 . VAL A 1 90  ? -9.717  -19.953 -0.805  1.00 10.60 ? 112 VAL A CG1 1 
ATOM   724  C CG2 . VAL A 1 90  ? -8.222  -19.041 0.986   1.00 10.04 ? 112 VAL A CG2 1 
ATOM   725  N N   . THR A 1 91  ? -11.488 -16.841 -1.276  1.00 8.10  ? 113 THR A N   1 
ATOM   726  C CA  . THR A 1 91  ? -12.680 -16.805 -2.119  1.00 8.29  ? 113 THR A CA  1 
ATOM   727  C C   . THR A 1 91  ? -13.270 -15.410 -2.135  1.00 7.31  ? 113 THR A C   1 
ATOM   728  O O   . THR A 1 91  ? -13.678 -14.898 -1.078  1.00 7.89  ? 113 THR A O   1 
ATOM   729  C CB  . THR A 1 91  ? -13.758 -17.795 -1.621  1.00 8.76  ? 113 THR A CB  1 
ATOM   730  O OG1 . THR A 1 91  ? -13.201 -19.108 -1.536  1.00 10.66 ? 113 THR A OG1 1 
ATOM   731  C CG2 . THR A 1 91  ? -14.962 -17.808 -2.568  1.00 10.15 ? 113 THR A CG2 1 
ATOM   732  N N   . SER A 1 92  ? -13.335 -14.803 -3.317  1.00 6.55  ? 114 SER A N   1 
ATOM   733  C CA  . SER A 1 92  ? -14.007 -13.513 -3.464  1.00 5.75  ? 114 SER A CA  1 
ATOM   734  C C   . SER A 1 92  ? -14.539 -13.409 -4.878  1.00 6.14  ? 114 SER A C   1 
ATOM   735  O O   . SER A 1 92  ? -13.901 -13.916 -5.805  1.00 7.16  ? 114 SER A O   1 
ATOM   736  C CB  . SER A 1 92  ? -13.022 -12.378 -3.195  1.00 7.02  ? 114 SER A CB  1 
ATOM   737  O OG  . SER A 1 92  ? -13.620 -11.124 -3.475  1.00 6.59  ? 114 SER A OG  1 
ATOM   738  N N   . ASN A 1 93  ? -15.670 -12.734 -5.061  1.00 5.78  ? 115 ASN A N   1 
ATOM   739  C CA  . ASN A 1 93  ? -16.170 -12.461 -6.409  1.00 5.87  ? 115 ASN A CA  1 
ATOM   740  C C   . ASN A 1 93  ? -15.397 -11.357 -7.123  1.00 5.40  ? 115 ASN A C   1 
ATOM   741  O O   . ASN A 1 93  ? -15.449 -11.256 -8.334  1.00 6.44  ? 115 ASN A O   1 
ATOM   742  C CB  . ASN A 1 93  ? -17.620 -11.970 -6.356  1.00 5.34  ? 115 ASN A CB  1 
ATOM   743  C CG  . ASN A 1 93  ? -18.660 -13.078 -6.152  1.00 5.69  ? 115 ASN A CG  1 
ATOM   744  O OD1 . ASN A 1 93  ? -18.404 -14.275 -6.318  1.00 7.18  ? 115 ASN A OD1 1 
ATOM   745  N ND2 . ASN A 1 93  ? -19.867 -12.657 -5.805  1.00 6.10  ? 115 ASN A ND2 1 
ATOM   746  N N   . THR A 1 94  ? -14.759 -10.473 -6.353  1.00 5.70  ? 116 THR A N   1 
ATOM   747  C CA  . THR A 1 94  ? -14.416 -9.119  -6.827  1.00 6.27  ? 116 THR A CA  1 
ATOM   748  C C   . THR A 1 94  ? -12.911 -8.896  -6.941  1.00 5.87  ? 116 THR A C   1 
ATOM   749  O O   . THR A 1 94  ? -12.120 -9.676  -6.405  1.00 5.96  ? 116 THR A O   1 
ATOM   750  C CB  . THR A 1 94  ? -15.046 -8.070  -5.903  1.00 6.11  ? 116 THR A CB  1 
ATOM   751  O OG1 . THR A 1 94  ? -14.560 -8.306  -4.583  1.00 7.67  ? 116 THR A OG1 1 
ATOM   752  C CG2 . THR A 1 94  ? -16.583 -8.159  -5.925  1.00 7.57  ? 116 THR A CG2 1 
ATOM   753  N N   . SER A 1 95  ? -12.523 -7.830  -7.640  1.00 6.34  ? 117 SER A N   1 
ATOM   754  C CA  . SER A 1 95  ? -11.152 -7.680  -8.122  1.00 6.84  ? 117 SER A CA  1 
ATOM   755  C C   . SER A 1 95  ? -10.382 -6.482  -7.548  1.00 6.99  ? 117 SER A C   1 
ATOM   756  O O   . SER A 1 95  ? -9.190  -6.321  -7.846  1.00 7.77  ? 117 SER A O   1 
ATOM   757  C CB  . SER A 1 95  ? -11.191 -7.554  -9.641  1.00 6.92  ? 117 SER A CB  1 
ATOM   758  O OG  . SER A 1 95  ? -11.969 -6.424  -9.985  1.00 8.84  ? 117 SER A OG  1 
ATOM   759  N N   . HIS A 1 96  ? -11.046 -5.636  -6.762  1.00 6.19  ? 118 HIS A N   1 
ATOM   760  C CA  . HIS A 1 96  ? -10.451 -4.363  -6.330  1.00 6.29  ? 118 HIS A CA  1 
ATOM   761  C C   . HIS A 1 96  ? -10.235 -4.326  -4.821  1.00 5.98  ? 118 HIS A C   1 
ATOM   762  O O   . HIS A 1 96  ? -11.145 -4.561  -4.030  1.00 6.46  ? 118 HIS A O   1 
ATOM   763  C CB  . HIS A 1 96  ? -11.306 -3.188  -6.808  1.00 7.86  ? 118 HIS A CB  1 
ATOM   764  C CG  . HIS A 1 96  ? -11.138 -2.868  -8.261  1.00 7.84  ? 118 HIS A CG  1 
ATOM   765  N ND1 . HIS A 1 96  ? -11.238 -3.817  -9.259  1.00 10.50 ? 118 HIS A ND1 1 
ATOM   766  C CD2 . HIS A 1 96  ? -10.896 -1.692  -8.888  1.00 11.98 ? 118 HIS A CD2 1 
ATOM   767  C CE1 . HIS A 1 96  ? -11.049 -3.242  -10.432 1.00 10.84 ? 118 HIS A CE1 1 
ATOM   768  N NE2 . HIS A 1 96  ? -10.839 -1.954  -10.235 1.00 11.83 ? 118 HIS A NE2 1 
ATOM   769  N N   . TYR A 1 97  ? -9.000  -4.022  -4.419  1.00 5.85  ? 119 TYR A N   1 
ATOM   770  C CA  . TYR A 1 97  ? -8.633  -4.048  -3.003  1.00 6.11  ? 119 TYR A CA  1 
ATOM   771  C C   . TYR A 1 97  ? -7.783  -2.824  -2.697  1.00 5.93  ? 119 TYR A C   1 
ATOM   772  O O   . TYR A 1 97  ? -7.782  -1.857  -3.466  1.00 6.36  ? 119 TYR A O   1 
ATOM   773  C CB  . TYR A 1 97  ? -7.912  -5.373  -2.663  1.00 5.64  ? 119 TYR A CB  1 
ATOM   774  C CG  . TYR A 1 97  ? -8.770  -6.589  -2.953  1.00 5.74  ? 119 TYR A CG  1 
ATOM   775  C CD1 . TYR A 1 97  ? -9.752  -7.006  -2.050  1.00 5.49  ? 119 TYR A CD1 1 
ATOM   776  C CD2 . TYR A 1 97  ? -8.617  -7.312  -4.144  1.00 5.90  ? 119 TYR A CD2 1 
ATOM   777  C CE1 . TYR A 1 97  ? -10.557 -8.107  -2.325  1.00 4.90  ? 119 TYR A CE1 1 
ATOM   778  C CE2 . TYR A 1 97  ? -9.439  -8.420  -4.435  1.00 5.93  ? 119 TYR A CE2 1 
ATOM   779  C CZ  . TYR A 1 97  ? -10.376 -8.805  -3.500  1.00 5.37  ? 119 TYR A CZ  1 
ATOM   780  O OH  . TYR A 1 97  ? -11.189 -9.889  -3.753  1.00 7.03  ? 119 TYR A OH  1 
ATOM   781  N N   . ASP A 1 98  ? -7.088  -2.826  -1.565  1.00 5.58  ? 120 ASP A N   1 
ATOM   782  C CA  . ASP A 1 98  ? -5.997  -1.872  -1.334  1.00 5.13  ? 120 ASP A CA  1 
ATOM   783  C C   . ASP A 1 98  ? -4.728  -2.524  -1.878  1.00 5.25  ? 120 ASP A C   1 
ATOM   784  O O   . ASP A 1 98  ? -4.782  -3.573  -2.513  1.00 5.68  ? 120 ASP A O   1 
ATOM   785  C CB  . ASP A 1 98  ? -5.834  -1.584  0.163   1.00 5.63  ? 120 ASP A CB  1 
ATOM   786  C CG  . ASP A 1 98  ? -7.052  -0.910  0.788   1.00 6.51  ? 120 ASP A CG  1 
ATOM   787  O OD1 . ASP A 1 98  ? -7.956  -0.418  0.062   1.00 7.36  ? 120 ASP A OD1 1 
ATOM   788  O OD2 . ASP A 1 98  ? -7.095  -0.870  2.037   1.00 8.15  ? 120 ASP A OD2 1 
ATOM   789  N N   . THR A 1 99  ? -3.580  -1.910  -1.642  1.00 5.48  ? 121 THR A N   1 
ATOM   790  C CA  . THR A 1 99  ? -2.328  -2.577  -1.981  1.00 5.80  ? 121 THR A CA  1 
ATOM   791  C C   . THR A 1 99  ? -1.318  -2.464  -0.853  1.00 5.22  ? 121 THR A C   1 
ATOM   792  O O   . THR A 1 99  ? -1.377  -1.549  -0.008  1.00 5.91  ? 121 THR A O   1 
ATOM   793  C CB  . THR A 1 99  ? -1.718  -2.079  -3.326  1.00 6.39  ? 121 THR A CB  1 
ATOM   794  O OG1 . THR A 1 99  ? -0.722  -3.010  -3.774  1.00 6.91  ? 121 THR A OG1 1 
ATOM   795  C CG2 . THR A 1 99  ? -1.125  -0.690  -3.211  1.00 8.31  ? 121 THR A CG2 1 
ATOM   796  N N   . TYR A 1 100 ? -0.397  -3.415  -0.826  1.00 4.78  ? 122 TYR A N   1 
ATOM   797  C CA  . TYR A 1 100 ? 0.848   -3.262  -0.078  1.00 4.64  ? 122 TYR A CA  1 
ATOM   798  C C   . TYR A 1 100 ? 1.953   -2.940  -1.062  1.00 5.16  ? 122 TYR A C   1 
ATOM   799  O O   . TYR A 1 100 ? 1.882   -3.297  -2.240  1.00 5.92  ? 122 TYR A O   1 
ATOM   800  C CB  . TYR A 1 100 ? 1.164   -4.530  0.738   1.00 4.90  ? 122 TYR A CB  1 
ATOM   801  C CG  . TYR A 1 100 ? 0.044   -4.813  1.700   1.00 4.46  ? 122 TYR A CG  1 
ATOM   802  C CD1 . TYR A 1 100 ? -0.041  -4.119  2.907   1.00 5.05  ? 122 TYR A CD1 1 
ATOM   803  C CD2 . TYR A 1 100 ? -0.974  -5.721  1.376   1.00 5.14  ? 122 TYR A CD2 1 
ATOM   804  C CE1 . TYR A 1 100 ? -1.096  -4.329  3.776   1.00 5.62  ? 122 TYR A CE1 1 
ATOM   805  C CE2 . TYR A 1 100 ? -2.033  -5.935  2.242   1.00 5.85  ? 122 TYR A CE2 1 
ATOM   806  C CZ  . TYR A 1 100 ? -2.087  -5.227  3.433   1.00 5.04  ? 122 TYR A CZ  1 
ATOM   807  O OH  . TYR A 1 100 ? -3.136  -5.364  4.334   1.00 6.75  ? 122 TYR A OH  1 
ATOM   808  N N   . CYS A 1 101 ? 2.982   -2.263  -0.560  1.00 5.43  ? 123 CYS A N   1 
ATOM   809  C CA  . CYS A 1 101 ? 4.170   -1.919  -1.341  1.00 5.80  ? 123 CYS A CA  1 
ATOM   810  C C   . CYS A 1 101 ? 5.405   -2.148  -0.490  1.00 5.45  ? 123 CYS A C   1 
ATOM   811  O O   . CYS A 1 101 ? 5.331   -2.104  0.742   1.00 5.78  ? 123 CYS A O   1 
ATOM   812  C CB  . CYS A 1 101 ? 4.125   -0.457  -1.793  1.00 5.87  ? 123 CYS A CB  1 
ATOM   813  S SG  . CYS A 1 101 ? 2.787   -0.004  -2.919  1.00 8.99  ? 123 CYS A SG  1 
ATOM   814  N N   . PHE A 1 102 ? 6.527   -2.386  -1.159  1.00 5.26  ? 124 PHE A N   1 
ATOM   815  C CA  . PHE A 1 102 ? 7.794   -2.644  -0.509  1.00 5.50  ? 124 PHE A CA  1 
ATOM   816  C C   . PHE A 1 102 ? 8.868   -1.728  -1.064  1.00 5.69  ? 124 PHE A C   1 
ATOM   817  O O   . PHE A 1 102 ? 9.135   -1.753  -2.262  1.00 5.57  ? 124 PHE A O   1 
ATOM   818  C CB  . PHE A 1 102 ? 8.219   -4.109  -0.684  1.00 5.56  ? 124 PHE A CB  1 
ATOM   819  C CG  . PHE A 1 102 ? 9.630   -4.338  -0.307  1.00 5.41  ? 124 PHE A CG  1 
ATOM   820  C CD1 . PHE A 1 102 ? 10.018  -4.204  1.023   1.00 6.00  ? 124 PHE A CD1 1 
ATOM   821  C CD2 . PHE A 1 102 ? 10.597  -4.590  -1.275  1.00 7.24  ? 124 PHE A CD2 1 
ATOM   822  C CE1 . PHE A 1 102 ? 11.354  -4.343  1.395   1.00 6.30  ? 124 PHE A CE1 1 
ATOM   823  C CE2 . PHE A 1 102 ? 11.947  -4.752  -0.904  1.00 7.97  ? 124 PHE A CE2 1 
ATOM   824  C CZ  . PHE A 1 102 ? 12.320  -4.633  0.433   1.00 7.52  ? 124 PHE A CZ  1 
ATOM   825  N N   A ASN A 1 103 ? 9.458   -0.931  -0.171  0.50 6.29  ? 125 ASN A N   1 
ATOM   826  N N   B ASN A 1 103 ? 9.473   -0.922  -0.192  0.50 6.19  ? 125 ASN A N   1 
ATOM   827  C CA  A ASN A 1 103 ? 10.576  -0.053  -0.479  0.50 7.26  ? 125 ASN A CA  1 
ATOM   828  C CA  B ASN A 1 103 ? 10.579  -0.045  -0.567  0.50 7.03  ? 125 ASN A CA  1 
ATOM   829  C C   A ASN A 1 103 ? 11.843  -0.566  0.190   0.50 7.07  ? 125 ASN A C   1 
ATOM   830  C C   B ASN A 1 103 ? 11.845  -0.500  0.155   0.50 6.98  ? 125 ASN A C   1 
ATOM   831  O O   A ASN A 1 103 ? 11.962  -0.521  1.415   0.50 6.67  ? 125 ASN A O   1 
ATOM   832  O O   B ASN A 1 103 ? 11.950  -0.377  1.378   0.50 6.47  ? 125 ASN A O   1 
ATOM   833  C CB  A ASN A 1 103 ? 10.301  1.364   0.020   0.50 7.77  ? 125 ASN A CB  1 
ATOM   834  C CB  B ASN A 1 103 ? 10.240  1.415   -0.235  0.50 7.61  ? 125 ASN A CB  1 
ATOM   835  C CG  A ASN A 1 103 ? 11.513  2.261   -0.125  0.50 8.99  ? 125 ASN A CG  1 
ATOM   836  C CG  B ASN A 1 103 ? 11.289  2.393   -0.746  0.50 7.88  ? 125 ASN A CG  1 
ATOM   837  O OD1 A ASN A 1 103 ? 12.379  2.023   -0.984  0.50 9.07  ? 125 ASN A OD1 1 
ATOM   838  O OD1 B ASN A 1 103 ? 12.459  2.325   -0.361  0.50 9.49  ? 125 ASN A OD1 1 
ATOM   839  N ND2 A ASN A 1 103 ? 11.596  3.285   0.715   0.50 11.27 ? 125 ASN A ND2 1 
ATOM   840  N ND2 B ASN A 1 103 ? 10.867  3.332   -1.582  0.50 10.53 ? 125 ASN A ND2 1 
ATOM   841  N N   . ALA A 1 104 ? 12.786  -1.036  -0.615  1.00 7.66  ? 126 ALA A N   1 
ATOM   842  C CA  . ALA A 1 104 ? 14.037  -1.587  -0.085  1.00 8.98  ? 126 ALA A CA  1 
ATOM   843  C C   . ALA A 1 104 ? 14.926  -0.592  0.652   1.00 9.77  ? 126 ALA A C   1 
ATOM   844  O O   . ALA A 1 104 ? 15.748  -1.003  1.469   1.00 11.45 ? 126 ALA A O   1 
ATOM   845  C CB  . ALA A 1 104 ? 14.827  -2.283  -1.196  1.00 10.14 ? 126 ALA A CB  1 
ATOM   846  N N   A SER A 1 105 ? 14.761  0.695   0.366   0.50 9.61  ? 127 SER A N   1 
ATOM   847  N N   B SER A 1 105 ? 14.769  0.699   0.372   0.50 9.48  ? 127 SER A N   1 
ATOM   848  C CA  A SER A 1 105 ? 15.597  1.734   0.968   0.50 10.20 ? 127 SER A CA  1 
ATOM   849  C CA  B SER A 1 105 ? 15.616  1.720   0.992   0.50 9.94  ? 127 SER A CA  1 
ATOM   850  C C   A SER A 1 105 ? 15.087  2.231   2.323   0.50 10.15 ? 127 SER A C   1 
ATOM   851  C C   B SER A 1 105 ? 15.070  2.257   2.314   0.50 10.02 ? 127 SER A C   1 
ATOM   852  O O   A SER A 1 105 ? 15.752  3.033   2.971   0.50 10.51 ? 127 SER A O   1 
ATOM   853  O O   B SER A 1 105 ? 15.686  3.126   2.921   0.50 10.49 ? 127 SER A O   1 
ATOM   854  C CB  A SER A 1 105 ? 15.783  2.897   -0.008  0.50 10.57 ? 127 SER A CB  1 
ATOM   855  C CB  B SER A 1 105 ? 15.870  2.870   0.020   0.50 10.24 ? 127 SER A CB  1 
ATOM   856  O OG  A SER A 1 105 ? 16.381  2.452   -1.216  0.50 12.38 ? 127 SER A OG  1 
ATOM   857  O OG  B SER A 1 105 ? 14.718  3.681   -0.106  0.50 11.10 ? 127 SER A OG  1 
ATOM   858  N N   . ALA A 1 106 ? 13.927  1.737   2.758   1.00 9.60  ? 128 ALA A N   1 
ATOM   859  C CA  . ALA A 1 106 ? 13.349  2.095   4.055   1.00 9.30  ? 128 ALA A CA  1 
ATOM   860  C C   . ALA A 1 106 ? 14.190  1.524   5.208   1.00 8.98  ? 128 ALA A C   1 
ATOM   861  O O   . ALA A 1 106 ? 15.023  0.637   4.983   1.00 8.91  ? 128 ALA A O   1 
ATOM   862  C CB  . ALA A 1 106 ? 11.910  1.576   4.141   1.00 9.97  ? 128 ALA A CB  1 
ATOM   863  N N   . PRO A 1 107 ? 13.988  2.019   6.441   1.00 8.89  ? 129 PRO A N   1 
ATOM   864  C CA  . PRO A 1 107 ? 14.691  1.417   7.585   1.00 8.56  ? 129 PRO A CA  1 
ATOM   865  C C   . PRO A 1 107 ? 14.304  -0.060  7.812   1.00 8.88  ? 129 PRO A C   1 
ATOM   866  O O   . PRO A 1 107 ? 13.260  -0.511  7.350   1.00 8.14  ? 129 PRO A O   1 
ATOM   867  C CB  . PRO A 1 107 ? 14.239  2.284   8.767   1.00 8.94  ? 129 PRO A CB  1 
ATOM   868  C CG  . PRO A 1 107 ? 13.848  3.604   8.147   1.00 10.06 ? 129 PRO A CG  1 
ATOM   869  C CD  . PRO A 1 107 ? 13.197  3.199   6.848   1.00 9.81  ? 129 PRO A CD  1 
ATOM   870  N N   . PRO A 1 108 ? 15.139  -0.829  8.515   1.00 7.97  ? 130 PRO A N   1 
ATOM   871  C CA  . PRO A 1 108 ? 14.901  -2.276  8.615   1.00 8.24  ? 130 PRO A CA  1 
ATOM   872  C C   . PRO A 1 108 ? 13.733  -2.681  9.516   1.00 8.22  ? 130 PRO A C   1 
ATOM   873  O O   . PRO A 1 108 ? 13.193  -3.783  9.367   1.00 7.77  ? 130 PRO A O   1 
ATOM   874  C CB  . PRO A 1 108 ? 16.217  -2.808  9.206   1.00 8.64  ? 130 PRO A CB  1 
ATOM   875  C CG  . PRO A 1 108 ? 16.804  -1.619  9.938   1.00 8.44  ? 130 PRO A CG  1 
ATOM   876  C CD  . PRO A 1 108 ? 16.434  -0.432  9.103   1.00 8.45  ? 130 PRO A CD  1 
ATOM   877  N N   . GLU A 1 109 ? 13.330  -1.824  10.448  1.00 8.47  ? 131 GLU A N   1 
ATOM   878  C CA  . GLU A 1 109 ? 12.275  -2.167  11.373  1.00 9.32  ? 131 GLU A CA  1 
ATOM   879  C C   . GLU A 1 109 ? 11.074  -1.247  11.219  1.00 8.72  ? 131 GLU A C   1 
ATOM   880  O O   . GLU A 1 109 ? 10.651  -1.031  10.120  1.00 8.29  ? 131 GLU A O   1 
ATOM   881  C CB  . GLU A 1 109 ? 12.873  -2.323  12.791  1.00 10.18 ? 131 GLU A CB  1 
ATOM   882  C CG  . GLU A 1 109 ? 14.032  -3.357  12.781  1.00 14.11 ? 131 GLU A CG  1 
ATOM   883  C CD  . GLU A 1 109 ? 14.444  -3.813  14.116  1.00 19.24 ? 131 GLU A CD  1 
ATOM   884  O OE1 . GLU A 1 109 ? 14.991  -3.009  14.844  1.00 21.54 ? 131 GLU A OE1 1 
ATOM   885  O OE2 . GLU A 1 109 ? 14.306  -5.037  14.349  1.00 22.10 ? 131 GLU A OE2 1 
ATOM   886  N N   . GLU A 1 110 ? 10.539  -0.715  12.310  1.00 9.05  ? 132 GLU A N   1 
ATOM   887  C CA  . GLU A 1 110 ? 9.382   0.159   12.206  1.00 9.96  ? 132 GLU A CA  1 
ATOM   888  C C   . GLU A 1 110 ? 9.820   1.569   11.847  1.00 9.07  ? 132 GLU A C   1 
ATOM   889  O O   . GLU A 1 110 ? 10.704  2.133   12.510  1.00 10.11 ? 132 GLU A O   1 
ATOM   890  C CB  . GLU A 1 110 ? 8.618   0.176   13.535  1.00 11.26 ? 132 GLU A CB  1 
ATOM   891  C CG  . GLU A 1 110 ? 7.412   1.116   13.584  1.00 14.33 ? 132 GLU A CG  1 
ATOM   892  C CD  . GLU A 1 110 ? 6.724   1.097   14.944  1.00 17.85 ? 132 GLU A CD  1 
ATOM   893  O OE1 . GLU A 1 110 ? 7.356   1.528   15.932  1.00 21.46 ? 132 GLU A OE1 1 
ATOM   894  O OE2 . GLU A 1 110 ? 5.558   0.656   15.020  1.00 20.92 ? 132 GLU A OE2 1 
ATOM   895  N N   . ASP A 1 111 ? 9.216   2.138   10.813  1.00 8.80  ? 133 ASP A N   1 
ATOM   896  C CA  . ASP A 1 111 ? 9.429   3.533   10.457  1.00 8.84  ? 133 ASP A CA  1 
ATOM   897  C C   . ASP A 1 111 ? 8.082   4.235   10.377  1.00 9.40  ? 133 ASP A C   1 
ATOM   898  O O   . ASP A 1 111 ? 7.330   4.092   9.400   1.00 8.30  ? 133 ASP A O   1 
ATOM   899  C CB  . ASP A 1 111 ? 10.188  3.643   9.134   1.00 8.47  ? 133 ASP A CB  1 
ATOM   900  C CG  . ASP A 1 111 ? 10.395  5.085   8.686   1.00 9.63  ? 133 ASP A CG  1 
ATOM   901  O OD1 . ASP A 1 111 ? 10.190  6.005   9.513   1.00 11.21 ? 133 ASP A OD1 1 
ATOM   902  O OD2 . ASP A 1 111 ? 10.755  5.309   7.512   1.00 10.58 ? 133 ASP A OD2 1 
ATOM   903  N N   . CYS A 1 112 ? 7.761   4.974   11.431  1.00 10.18 ? 134 CYS A N   1 
ATOM   904  C CA  . CYS A 1 112 ? 6.488   5.676   11.495  1.00 11.80 ? 134 CYS A CA  1 
ATOM   905  C C   . CYS A 1 112 ? 6.631   7.160   11.218  1.00 11.99 ? 134 CYS A C   1 
ATOM   906  O O   . CYS A 1 112 ? 5.778   7.955   11.633  1.00 12.85 ? 134 CYS A O   1 
ATOM   907  C CB  . CYS A 1 112 ? 5.761   5.412   12.816  1.00 12.25 ? 134 CYS A CB  1 
ATOM   908  S SG  . CYS A 1 112 ? 4.961   3.789   12.839  1.00 15.53 ? 134 CYS A SG  1 
ATOM   909  N N   . THR A 1 113 ? 7.680   7.546   10.502  1.00 11.07 ? 135 THR A N   1 
ATOM   910  C CA  . THR A 1 113 ? 7.783   8.905   10.014  1.00 11.54 ? 135 THR A CA  1 
ATOM   911  C C   . THR A 1 113 ? 6.817   9.042   8.840   1.00 11.42 ? 135 THR A C   1 
ATOM   912  O O   . THR A 1 113 ? 6.381   8.022   8.256   1.00 12.59 ? 135 THR A O   1 
ATOM   913  C CB  . THR A 1 113 ? 9.214   9.260   9.584   1.00 11.06 ? 135 THR A CB  1 
ATOM   914  O OG1 . THR A 1 113 ? 9.638   8.369   8.539   1.00 10.96 ? 135 THR A OG1 1 
ATOM   915  C CG2 . THR A 1 113 ? 10.174  9.184   10.774  1.00 12.76 ? 135 THR A CG2 1 
ATOM   916  N N   A SER A 1 114 ? 6.467   10.282  8.502   0.50 11.58 ? 136 SER A N   1 
ATOM   917  N N   B SER A 1 114 ? 6.492   10.278  8.475   0.50 11.31 ? 136 SER A N   1 
ATOM   918  C CA  A SER A 1 114 ? 5.556   10.552  7.399   0.50 11.99 ? 136 SER A CA  1 
ATOM   919  C CA  B SER A 1 114 ? 5.537   10.530  7.408   0.50 11.49 ? 136 SER A CA  1 
ATOM   920  C C   A SER A 1 114 ? 6.220   10.275  6.059   0.50 12.25 ? 136 SER A C   1 
ATOM   921  C C   B SER A 1 114 ? 6.179   10.472  6.029   0.50 12.08 ? 136 SER A C   1 
ATOM   922  O O   A SER A 1 114 ? 7.448   10.274  5.942   0.50 12.41 ? 136 SER A O   1 
ATOM   923  O O   B SER A 1 114 ? 7.353   10.826  5.849   0.50 11.97 ? 136 SER A O   1 
ATOM   924  C CB  A SER A 1 114 ? 5.056   12.003  7.445   0.50 12.32 ? 136 SER A CB  1 
ATOM   925  C CB  B SER A 1 114 ? 4.855   11.875  7.630   0.50 11.50 ? 136 SER A CB  1 
ATOM   926  O OG  A SER A 1 114 ? 4.039   12.190  8.416   0.50 12.30 ? 136 SER A OG  1 
ATOM   927  O OG  B SER A 1 114 ? 5.815   12.868  7.938   0.50 10.31 ? 136 SER A OG  1 
ATOM   928  N N   . VAL A 1 115 ? 5.384   10.034  5.056   1.00 12.10 ? 137 VAL A N   1 
ATOM   929  C CA  . VAL A 1 115 ? 5.809   9.955   3.661   1.00 13.20 ? 137 VAL A CA  1 
ATOM   930  C C   . VAL A 1 115 ? 5.510   11.318  3.051   1.00 14.56 ? 137 VAL A C   1 
ATOM   931  O O   . VAL A 1 115 ? 4.388   11.814  3.167   1.00 14.43 ? 137 VAL A O   1 
ATOM   932  C CB  . VAL A 1 115 ? 5.019   8.861   2.914   1.00 12.60 ? 137 VAL A CB  1 
ATOM   933  C CG1 . VAL A 1 115 ? 5.424   8.828   1.449   1.00 12.76 ? 137 VAL A CG1 1 
ATOM   934  C CG2 . VAL A 1 115 ? 5.249   7.507   3.561   1.00 13.63 ? 137 VAL A CG2 1 
ATOM   935  N N   . THR A 1 116 ? 6.507   11.924  2.403   1.00 17.07 ? 138 THR A N   1 
ATOM   936  C CA  . THR A 1 116 ? 6.358   13.282  1.879   1.00 19.43 ? 138 THR A CA  1 
ATOM   937  C C   . THR A 1 116 ? 6.790   13.426  0.419   1.00 19.72 ? 138 THR A C   1 
ATOM   938  O O   . THR A 1 116 ? 7.108   14.529  -0.029  1.00 20.40 ? 138 THR A O   1 
ATOM   939  C CB  . THR A 1 116 ? 7.124   14.318  2.735   1.00 19.86 ? 138 THR A CB  1 
ATOM   940  O OG1 . THR A 1 116 ? 8.409   13.792  3.081   1.00 22.74 ? 138 THR A OG1 1 
ATOM   941  C CG2 . THR A 1 116 ? 6.345   14.658  4.002   1.00 21.69 ? 138 THR A CG2 1 
ATOM   942  N N   . ASP A 1 117 ? 6.806   12.337  -0.327  1.00 20.24 ? 139 ASP A N   1 
ATOM   943  C CA  . ASP A 1 117 ? 6.999   12.367  -1.784  1.00 21.03 ? 139 ASP A CA  1 
ATOM   944  C C   . ASP A 1 117 ? 6.465   11.140  -2.439  1.00 20.40 ? 139 ASP A C   1 
ATOM   945  O O   . ASP A 1 117 ? 6.277   10.126  -1.840  1.00 20.44 ? 139 ASP A O   1 
ATOM   946  C CB  . ASP A 1 117 ? 8.435   12.529  -2.251  1.00 21.92 ? 139 ASP A CB  1 
ATOM   947  C CG  . ASP A 1 117 ? 8.559   13.022  -3.792  1.00 24.32 ? 139 ASP A CG  1 
ATOM   948  O OD1 . ASP A 1 117 ? 7.580   13.413  -4.566  1.00 27.36 ? 139 ASP A OD1 1 
ATOM   949  O OD2 . ASP A 1 117 ? 9.705   12.957  -4.167  1.00 28.27 ? 139 ASP A OD2 1 
ATOM   950  N N   . LEU A 1 118 ? 6.183   11.295  -3.732  1.00 19.56 ? 140 LEU A N   1 
ATOM   951  C CA  . LEU A 1 118 ? 5.803   10.213  -4.611  1.00 18.50 ? 140 LEU A CA  1 
ATOM   952  C C   . LEU A 1 118 ? 6.845   10.277  -5.728  1.00 17.90 ? 140 LEU A C   1 
ATOM   953  O O   . LEU A 1 118 ? 6.574   10.824  -6.806  1.00 17.51 ? 140 LEU A O   1 
ATOM   954  C CB  . LEU A 1 118 ? 4.379   10.448  -5.127  1.00 18.51 ? 140 LEU A CB  1 
ATOM   955  C CG  . LEU A 1 118 ? 3.715   9.367   -5.982  1.00 18.10 ? 140 LEU A CG  1 
ATOM   956  C CD1 . LEU A 1 118 ? 3.500   8.087   -5.174  1.00 18.90 ? 140 LEU A CD1 1 
ATOM   957  C CD2 . LEU A 1 118 ? 2.396   9.857   -6.556  1.00 19.57 ? 140 LEU A CD2 1 
ATOM   958  N N   . PRO A 1 119 ? 8.056   9.743   -5.466  1.00 17.03 ? 141 PRO A N   1 
ATOM   959  C CA  . PRO A 1 119 ? 9.225   10.163  -6.250  1.00 16.84 ? 141 PRO A CA  1 
ATOM   960  C C   . PRO A 1 119 ? 9.224   9.738   -7.712  1.00 16.16 ? 141 PRO A C   1 
ATOM   961  O O   . PRO A 1 119 ? 9.957   10.303  -8.522  1.00 16.20 ? 141 PRO A O   1 
ATOM   962  C CB  . PRO A 1 119 ? 10.399  9.509   -5.509  1.00 16.98 ? 141 PRO A CB  1 
ATOM   963  C CG  . PRO A 1 119 ? 9.797   8.360   -4.778  1.00 17.76 ? 141 PRO A CG  1 
ATOM   964  C CD  . PRO A 1 119 ? 8.421   8.777   -4.407  1.00 16.93 ? 141 PRO A CD  1 
ATOM   965  N N   . ASN A 1 120 ? 8.404   8.761   -8.061  1.00 14.67 ? 142 ASN A N   1 
ATOM   966  C CA  . ASN A 1 120 ? 8.453   8.207   -9.396  1.00 14.47 ? 142 ASN A CA  1 
ATOM   967  C C   . ASN A 1 120 ? 7.143   8.353   -10.168 1.00 13.58 ? 142 ASN A C   1 
ATOM   968  O O   . ASN A 1 120 ? 6.902   7.653   -11.156 1.00 13.88 ? 142 ASN A O   1 
ATOM   969  C CB  . ASN A 1 120 ? 8.909   6.756   -9.330  1.00 15.03 ? 142 ASN A CB  1 
ATOM   970  C CG  . ASN A 1 120 ? 9.491   6.282   -10.620 1.00 16.97 ? 142 ASN A CG  1 
ATOM   971  O OD1 . ASN A 1 120 ? 10.167  7.043   -11.328 1.00 19.08 ? 142 ASN A OD1 1 
ATOM   972  N ND2 . ASN A 1 120 ? 9.235   5.027   -10.956 1.00 17.08 ? 142 ASN A ND2 1 
ATOM   973  N N   . SER A 1 121 ? 6.309   9.284   -9.721  1.00 12.89 ? 143 SER A N   1 
ATOM   974  C CA  . SER A 1 121 ? 5.121   9.671   -10.472 1.00 12.34 ? 143 SER A CA  1 
ATOM   975  C C   . SER A 1 121 ? 5.550   10.390  -11.743 1.00 11.77 ? 143 SER A C   1 
ATOM   976  O O   . SER A 1 121 ? 6.626   11.006  -11.788 1.00 12.21 ? 143 SER A O   1 
ATOM   977  C CB  . SER A 1 121 ? 4.251   10.595  -9.621  1.00 12.65 ? 143 SER A CB  1 
ATOM   978  O OG  . SER A 1 121 ? 4.866   11.849  -9.473  1.00 15.12 ? 143 SER A OG  1 
ATOM   979  N N   . PHE A 1 122 ? 4.719   10.304  -12.767 1.00 11.05 ? 144 PHE A N   1 
ATOM   980  C CA  . PHE A 1 122 ? 5.076   10.956  -14.025 1.00 11.11 ? 144 PHE A CA  1 
ATOM   981  C C   . PHE A 1 122 ? 4.186   12.158  -14.303 1.00 11.27 ? 144 PHE A C   1 
ATOM   982  O O   . PHE A 1 122 ? 3.257   12.442  -13.548 1.00 11.05 ? 144 PHE A O   1 
ATOM   983  C CB  . PHE A 1 122 ? 5.189   9.959   -15.198 1.00 12.56 ? 144 PHE A CB  1 
ATOM   984  C CG  . PHE A 1 122 ? 4.037   9.010   -15.339 1.00 13.12 ? 144 PHE A CG  1 
ATOM   985  C CD1 . PHE A 1 122 ? 2.911   9.368   -16.076 1.00 14.61 ? 144 PHE A CD1 1 
ATOM   986  C CD2 . PHE A 1 122 ? 4.100   7.729   -14.796 1.00 15.33 ? 144 PHE A CD2 1 
ATOM   987  C CE1 . PHE A 1 122 ? 1.846   8.478   -16.240 1.00 15.87 ? 144 PHE A CE1 1 
ATOM   988  C CE2 . PHE A 1 122 ? 3.042   6.833   -14.960 1.00 15.89 ? 144 PHE A CE2 1 
ATOM   989  C CZ  . PHE A 1 122 ? 1.915   7.210   -15.672 1.00 16.12 ? 144 PHE A CZ  1 
ATOM   990  N N   . ASP A 1 123 ? 4.508   12.904  -15.356 1.00 10.64 ? 145 ASP A N   1 
ATOM   991  C CA  . ASP A 1 123 ? 3.739   14.087  -15.725 1.00 10.43 ? 145 ASP A CA  1 
ATOM   992  C C   . ASP A 1 123 ? 2.273   13.716  -15.945 1.00 10.43 ? 145 ASP A C   1 
ATOM   993  O O   . ASP A 1 123 ? 1.963   12.692  -16.548 1.00 11.18 ? 145 ASP A O   1 
ATOM   994  C CB  . ASP A 1 123 ? 4.309   14.700  -17.010 1.00 10.60 ? 145 ASP A CB  1 
ATOM   995  C CG  . ASP A 1 123 ? 3.588   15.962  -17.420 1.00 12.67 ? 145 ASP A CG  1 
ATOM   996  O OD1 . ASP A 1 123 ? 3.925   17.037  -16.885 1.00 13.44 ? 145 ASP A OD1 1 
ATOM   997  O OD2 . ASP A 1 123 ? 2.692   15.875  -18.278 1.00 14.83 ? 145 ASP A OD2 1 
ATOM   998  N N   . GLY A 1 124 ? 1.372   14.558  -15.460 1.00 11.02 ? 146 GLY A N   1 
ATOM   999  C CA  . GLY A 1 124 ? -0.047  14.293  -15.634 1.00 11.96 ? 146 GLY A CA  1 
ATOM   1000 C C   . GLY A 1 124 ? -0.920  15.343  -14.980 1.00 12.65 ? 146 GLY A C   1 
ATOM   1001 O O   . GLY A 1 124 ? -0.420  16.241  -14.305 1.00 13.00 ? 146 GLY A O   1 
ATOM   1002 N N   . PRO A 1 125 ? -2.242  15.213  -15.159 1.00 13.38 ? 147 PRO A N   1 
ATOM   1003 C CA  . PRO A 1 125 ? -3.170  16.260  -14.758 1.00 14.00 ? 147 PRO A CA  1 
ATOM   1004 C C   . PRO A 1 125 ? -3.806  16.068  -13.376 1.00 14.04 ? 147 PRO A C   1 
ATOM   1005 O O   . PRO A 1 125 ? -4.545  16.945  -12.928 1.00 14.49 ? 147 PRO A O   1 
ATOM   1006 C CB  . PRO A 1 125 ? -4.253  16.155  -15.828 1.00 14.69 ? 147 PRO A CB  1 
ATOM   1007 C CG  . PRO A 1 125 ? -4.316  14.703  -16.119 1.00 14.65 ? 147 PRO A CG  1 
ATOM   1008 C CD  . PRO A 1 125 ? -2.911  14.167  -15.956 1.00 14.11 ? 147 PRO A CD  1 
ATOM   1009 N N   . VAL A 1 126 ? -3.528  14.944  -12.714 1.00 13.10 ? 148 VAL A N   1 
ATOM   1010 C CA  . VAL A 1 126 ? -4.207  14.585  -11.463 1.00 12.97 ? 148 VAL A CA  1 
ATOM   1011 C C   . VAL A 1 126 ? -3.521  15.215  -10.256 1.00 12.26 ? 148 VAL A C   1 
ATOM   1012 O O   . VAL A 1 126 ? -2.299  15.153  -10.120 1.00 12.53 ? 148 VAL A O   1 
ATOM   1013 C CB  . VAL A 1 126 ? -4.275  13.044  -11.290 1.00 13.05 ? 148 VAL A CB  1 
ATOM   1014 C CG1 . VAL A 1 126 ? -5.122  12.667  -10.086 1.00 13.84 ? 148 VAL A CG1 1 
ATOM   1015 C CG2 . VAL A 1 126 ? -4.828  12.383  -12.553 1.00 14.15 ? 148 VAL A CG2 1 
ATOM   1016 N N   . THR A 1 127 ? -4.307  15.821  -9.371  1.00 12.23 ? 149 THR A N   1 
ATOM   1017 C CA  . THR A 1 127 ? -3.785  16.225  -8.071  1.00 12.47 ? 149 THR A CA  1 
ATOM   1018 C C   . THR A 1 127 ? -3.735  14.998  -7.161  1.00 11.56 ? 149 THR A C   1 
ATOM   1019 O O   . THR A 1 127 ? -4.763  14.466  -6.755  1.00 11.85 ? 149 THR A O   1 
ATOM   1020 C CB  . THR A 1 127 ? -4.627  17.337  -7.424  1.00 12.72 ? 149 THR A CB  1 
ATOM   1021 O OG1 . THR A 1 127 ? -4.595  18.492  -8.269  1.00 15.60 ? 149 THR A OG1 1 
ATOM   1022 C CG2 . THR A 1 127 ? -4.054  17.720  -6.066  1.00 13.83 ? 149 THR A CG2 1 
ATOM   1023 N N   . ILE A 1 128 ? -2.527  14.541  -6.869  1.00 10.48 ? 150 ILE A N   1 
ATOM   1024 C CA  . ILE A 1 128 ? -2.332  13.346  -6.055  1.00 10.03 ? 150 ILE A CA  1 
ATOM   1025 C C   . ILE A 1 128 ? -1.880  13.786  -4.680  1.00 9.72  ? 150 ILE A C   1 
ATOM   1026 O O   . ILE A 1 128 ? -0.868  14.480  -4.538  1.00 10.05 ? 150 ILE A O   1 
ATOM   1027 C CB  . ILE A 1 128 ? -1.259  12.421  -6.662  1.00 10.06 ? 150 ILE A CB  1 
ATOM   1028 C CG1 . ILE A 1 128 ? -1.636  12.005  -8.087  1.00 11.09 ? 150 ILE A CG1 1 
ATOM   1029 C CG2 . ILE A 1 128 ? -1.069  11.177  -5.802  1.00 10.61 ? 150 ILE A CG2 1 
ATOM   1030 C CD1 . ILE A 1 128 ? -0.462  11.471  -8.916  1.00 12.97 ? 150 ILE A CD1 1 
ATOM   1031 N N   . THR A 1 129 ? -2.634  13.381  -3.668  1.00 8.99  ? 151 THR A N   1 
ATOM   1032 C CA  . THR A 1 129 ? -2.320  13.753  -2.299  1.00 9.19  ? 151 THR A CA  1 
ATOM   1033 C C   . THR A 1 129 ? -1.976  12.525  -1.463  1.00 8.25  ? 151 THR A C   1 
ATOM   1034 O O   . THR A 1 129 ? -2.799  11.605  -1.331  1.00 8.87  ? 151 THR A O   1 
ATOM   1035 C CB  . THR A 1 129 ? -3.492  14.517  -1.647  1.00 9.75  ? 151 THR A CB  1 
ATOM   1036 O OG1 . THR A 1 129 ? -3.811  15.667  -2.445  1.00 12.06 ? 151 THR A OG1 1 
ATOM   1037 C CG2 . THR A 1 129 ? -3.145  14.975  -0.242  1.00 10.57 ? 151 THR A CG2 1 
ATOM   1038 N N   A ILE A 1 130 ? -0.763  12.512  -0.913  0.50 8.15  ? 152 ILE A N   1 
ATOM   1039 N N   B ILE A 1 130 ? -0.762  12.504  -0.913  0.50 8.09  ? 152 ILE A N   1 
ATOM   1040 C CA  A ILE A 1 130 ? -0.364  11.515  0.069   0.50 8.14  ? 152 ILE A CA  1 
ATOM   1041 C CA  B ILE A 1 130 ? -0.376  11.493  0.067   0.50 8.01  ? 152 ILE A CA  1 
ATOM   1042 C C   A ILE A 1 130 ? -0.893  11.964  1.422   0.50 7.91  ? 152 ILE A C   1 
ATOM   1043 C C   B ILE A 1 130 ? -0.862  11.943  1.436   0.50 7.82  ? 152 ILE A C   1 
ATOM   1044 O O   A ILE A 1 130 ? -0.607  13.089  1.859   0.50 7.84  ? 152 ILE A O   1 
ATOM   1045 O O   B ILE A 1 130 ? -0.516  13.045  1.895   0.50 7.78  ? 152 ILE A O   1 
ATOM   1046 C CB  A ILE A 1 130 ? 1.168   11.394  0.153   0.50 8.71  ? 152 ILE A CB  1 
ATOM   1047 C CB  B ILE A 1 130 ? 1.148   11.304  0.123   0.50 8.53  ? 152 ILE A CB  1 
ATOM   1048 C CG1 A ILE A 1 130 ? 1.764   11.203  -1.248  0.50 9.34  ? 152 ILE A CG1 1 
ATOM   1049 C CG1 B ILE A 1 130 ? 1.641   10.628  -1.159  0.50 9.44  ? 152 ILE A CG1 1 
ATOM   1050 C CG2 A ILE A 1 130 ? 1.567   10.271  1.105   0.50 9.68  ? 152 ILE A CG2 1 
ATOM   1051 C CG2 B ILE A 1 130 ? 1.543   10.505  1.369   0.50 9.03  ? 152 ILE A CG2 1 
ATOM   1052 C CD1 A ILE A 1 130 ? 1.020   10.190  -2.089  0.50 10.73 ? 152 ILE A CD1 1 
ATOM   1053 C CD1 B ILE A 1 130 ? 3.119   10.766  -1.383  0.50 9.70  ? 152 ILE A CD1 1 
ATOM   1054 N N   . VAL A 1 131 ? -1.677  11.103  2.068   1.00 7.05  ? 153 VAL A N   1 
ATOM   1055 C CA  . VAL A 1 131 ? -2.233  11.386  3.385   1.00 7.18  ? 153 VAL A CA  1 
ATOM   1056 C C   . VAL A 1 131 ? -1.636  10.403  4.384   1.00 6.69  ? 153 VAL A C   1 
ATOM   1057 O O   . VAL A 1 131 ? -1.829  9.192   4.267   1.00 6.75  ? 153 VAL A O   1 
ATOM   1058 C CB  . VAL A 1 131 ? -3.776  11.278  3.375   1.00 6.74  ? 153 VAL A CB  1 
ATOM   1059 C CG1 . VAL A 1 131 ? -4.346  11.713  4.708   1.00 7.53  ? 153 VAL A CG1 1 
ATOM   1060 C CG2 . VAL A 1 131 ? -4.390  12.099  2.227   1.00 7.83  ? 153 VAL A CG2 1 
ATOM   1061 N N   . ASN A 1 132 ? -0.916  10.922  5.367   1.00 6.48  ? 154 ASN A N   1 
ATOM   1062 C CA  . ASN A 1 132 ? -0.366  10.110  6.447   1.00 6.63  ? 154 ASN A CA  1 
ATOM   1063 C C   . ASN A 1 132 ? -1.401  9.931   7.554   1.00 6.54  ? 154 ASN A C   1 
ATOM   1064 O O   . ASN A 1 132 ? -2.364  10.705  7.647   1.00 6.84  ? 154 ASN A O   1 
ATOM   1065 C CB  . ASN A 1 132 ? 0.912   10.750  6.963   1.00 7.17  ? 154 ASN A CB  1 
ATOM   1066 C CG  . ASN A 1 132 ? 2.017   10.697  5.935   1.00 6.91  ? 154 ASN A CG  1 
ATOM   1067 O OD1 . ASN A 1 132 ? 2.714   9.684   5.799   1.00 7.67  ? 154 ASN A OD1 1 
ATOM   1068 N ND2 . ASN A 1 132 ? 2.192   11.781  5.207   1.00 7.62  ? 154 ASN A ND2 1 
ATOM   1069 N N   . ARG A 1 133 ? -1.216  8.925   8.398   1.00 6.37  ? 155 ARG A N   1 
ATOM   1070 C CA  . ARG A 1 133 ? -2.186  8.657   9.435   1.00 7.17  ? 155 ARG A CA  1 
ATOM   1071 C C   . ARG A 1 133 ? -2.275  9.803   10.445  1.00 6.55  ? 155 ARG A C   1 
ATOM   1072 O O   . ARG A 1 133 ? -3.344  10.043  11.007  1.00 6.63  ? 155 ARG A O   1 
ATOM   1073 C CB  . ARG A 1 133 ? -1.891  7.309   10.111  1.00 7.68  ? 155 ARG A CB  1 
ATOM   1074 C CG  . ARG A 1 133 ? -2.919  6.828   11.166  1.00 8.72  ? 155 ARG A CG  1 
ATOM   1075 C CD  . ARG A 1 133 ? -4.341  6.586   10.662  1.00 12.39 ? 155 ARG A CD  1 
ATOM   1076 N NE  . ARG A 1 133 ? -5.061  7.842   10.454  1.00 13.96 ? 155 ARG A NE  1 
ATOM   1077 C CZ  . ARG A 1 133 ? -6.372  7.957   10.277  1.00 14.57 ? 155 ARG A CZ  1 
ATOM   1078 N NH1 . ARG A 1 133 ? -7.162  6.888   10.302  1.00 16.15 ? 155 ARG A NH1 1 
ATOM   1079 N NH2 . ARG A 1 133 ? -6.893  9.157   10.084  1.00 17.28 ? 155 ARG A NH2 1 
ATOM   1080 N N   . ASP A 1 134 ? -1.183  10.547  10.639  1.00 6.68  ? 156 ASP A N   1 
ATOM   1081 C CA  . ASP A 1 134 ? -1.178  11.725  11.516  1.00 7.48  ? 156 ASP A CA  1 
ATOM   1082 C C   . ASP A 1 134 ? -1.733  12.965  10.840  1.00 7.36  ? 156 ASP A C   1 
ATOM   1083 O O   . ASP A 1 134 ? -1.713  14.042  11.443  1.00 7.83  ? 156 ASP A O   1 
ATOM   1084 C CB  . ASP A 1 134 ? 0.221   12.003  12.110  1.00 7.93  ? 156 ASP A CB  1 
ATOM   1085 C CG  . ASP A 1 134 ? 1.229   12.517  11.090  1.00 7.56  ? 156 ASP A CG  1 
ATOM   1086 O OD1 . ASP A 1 134 ? 0.884   12.719  9.911   1.00 8.29  ? 156 ASP A OD1 1 
ATOM   1087 O OD2 . ASP A 1 134 ? 2.403   12.718  11.506  1.00 8.89  ? 156 ASP A OD2 1 
ATOM   1088 N N   . GLY A 1 135 ? -2.219  12.827  9.611   1.00 7.31  ? 157 GLY A N   1 
ATOM   1089 C CA  . GLY A 1 135 ? -2.875  13.928  8.913   1.00 7.47  ? 157 GLY A CA  1 
ATOM   1090 C C   . GLY A 1 135 ? -1.989  14.741  7.995   1.00 7.77  ? 157 GLY A C   1 
ATOM   1091 O O   . GLY A 1 135 ? -2.491  15.495  7.162   1.00 8.37  ? 157 GLY A O   1 
ATOM   1092 N N   A THR A 1 136 ? -0.672  14.574  8.155   0.50 7.77  ? 158 THR A N   1 
ATOM   1093 N N   B THR A 1 136 ? -0.683  14.622  8.140   0.50 7.63  ? 158 THR A N   1 
ATOM   1094 C CA  A THR A 1 136 ? 0.330   15.235  7.313   0.50 8.05  ? 158 THR A CA  1 
ATOM   1095 C CA  B THR A 1 136 ? 0.176   15.436  7.310   0.50 7.75  ? 158 THR A CA  1 
ATOM   1096 C C   A THR A 1 136 ? 0.052   14.922  5.845   0.50 8.07  ? 158 THR A C   1 
ATOM   1097 C C   B THR A 1 136 ? 0.064   14.992  5.862   0.50 7.76  ? 158 THR A C   1 
ATOM   1098 O O   A THR A 1 136 ? -0.176  13.763  5.491   0.50 7.58  ? 158 THR A O   1 
ATOM   1099 O O   B THR A 1 136 ? -0.017  13.793  5.561   0.50 7.43  ? 158 THR A O   1 
ATOM   1100 C CB  A THR A 1 136 ? 1.789   14.804  7.669   0.50 7.91  ? 158 THR A CB  1 
ATOM   1101 C CB  B THR A 1 136 ? 1.606   15.402  7.794   0.50 7.64  ? 158 THR A CB  1 
ATOM   1102 O OG1 A THR A 1 136 ? 2.065   15.031  9.062   0.50 8.12  ? 158 THR A OG1 1 
ATOM   1103 O OG1 B THR A 1 136 ? 2.072   14.052  7.765   0.50 6.99  ? 158 THR A OG1 1 
ATOM   1104 C CG2 A THR A 1 136 ? 2.795   15.592  6.839   0.50 9.27  ? 158 THR A CG2 1 
ATOM   1105 C CG2 B THR A 1 136 ? 1.683   15.926  9.227   0.50 8.39  ? 158 THR A CG2 1 
ATOM   1106 N N   A ARG A 1 137 ? 0.053   15.946  4.998   0.50 8.54  ? 159 ARG A N   1 
ATOM   1107 N N   B ARG A 1 137 ? 0.022   15.976  4.976   0.50 8.23  ? 159 ARG A N   1 
ATOM   1108 C CA  A ARG A 1 137 ? -0.261  15.771  3.583   0.50 9.46  ? 159 ARG A CA  1 
ATOM   1109 C CA  B ARG A 1 137 ? -0.237  15.738  3.576   0.50 9.08  ? 159 ARG A CA  1 
ATOM   1110 C C   A ARG A 1 137 ? 0.810   16.344  2.669   0.50 10.32 ? 159 ARG A C   1 
ATOM   1111 C C   B ARG A 1 137 ? 0.877   16.286  2.709   0.50 10.07 ? 159 ARG A C   1 
ATOM   1112 O O   A ARG A 1 137 ? 1.392   17.395  2.962   0.50 11.14 ? 159 ARG A O   1 
ATOM   1113 O O   B ARG A 1 137 ? 1.564   17.249  3.078   0.50 10.94 ? 159 ARG A O   1 
ATOM   1114 C CB  A ARG A 1 137 ? -1.609  16.415  3.245   0.50 9.78  ? 159 ARG A CB  1 
ATOM   1115 C CB  B ARG A 1 137 ? -1.567  16.374  3.168   0.50 9.30  ? 159 ARG A CB  1 
ATOM   1116 C CG  A ARG A 1 137 ? -2.808  15.592  3.658   0.50 10.14 ? 159 ARG A CG  1 
ATOM   1117 C CG  B ARG A 1 137 ? -2.788  15.637  3.678   0.50 8.92  ? 159 ARG A CG  1 
ATOM   1118 C CD  A ARG A 1 137 ? -4.128  16.316  3.359   0.50 10.69 ? 159 ARG A CD  1 
ATOM   1119 C CD  B ARG A 1 137 ? -4.053  16.478  3.488   0.50 7.99  ? 159 ARG A CD  1 
ATOM   1120 N NE  A ARG A 1 137 ? -5.269  15.595  3.920   0.50 11.32 ? 159 ARG A NE  1 
ATOM   1121 N NE  B ARG A 1 137 ? -5.277  15.681  3.531   0.50 7.23  ? 159 ARG A NE  1 
ATOM   1122 C CZ  A ARG A 1 137 ? -6.274  15.081  3.217   0.50 12.07 ? 159 ARG A CZ  1 
ATOM   1123 C CZ  B ARG A 1 137 ? -5.823  15.216  4.648   0.50 8.17  ? 159 ARG A CZ  1 
ATOM   1124 N NH1 A ARG A 1 137 ? -6.325  15.215  1.894   0.50 14.36 ? 159 ARG A NH1 1 
ATOM   1125 N NH1 B ARG A 1 137 ? -5.256  15.455  5.827   0.50 9.20  ? 159 ARG A NH1 1 
ATOM   1126 N NH2 A ARG A 1 137 ? -7.245  14.441  3.854   0.50 11.80 ? 159 ARG A NH2 1 
ATOM   1127 N NH2 B ARG A 1 137 ? -6.947  14.510  4.583   0.50 9.30  ? 159 ARG A NH2 1 
ATOM   1128 N N   . TYR A 1 138 ? 1.043   15.646  1.560   1.00 10.77 ? 160 TYR A N   1 
ATOM   1129 C CA  . TYR A 1 138 ? 1.932   16.106  0.492   1.00 11.99 ? 160 TYR A CA  1 
ATOM   1130 C C   . TYR A 1 138 ? 1.165   15.934  -0.811  1.00 12.60 ? 160 TYR A C   1 
ATOM   1131 O O   . TYR A 1 138 ? 0.666   14.837  -1.108  1.00 12.97 ? 160 TYR A O   1 
ATOM   1132 C CB  . TYR A 1 138 ? 3.219   15.278  0.453   1.00 12.71 ? 160 TYR A CB  1 
ATOM   1133 C CG  . TYR A 1 138 ? 4.031   15.491  -0.815  1.00 16.22 ? 160 TYR A CG  1 
ATOM   1134 C CD1 . TYR A 1 138 ? 4.857   16.610  -0.950  1.00 18.42 ? 160 TYR A CD1 1 
ATOM   1135 C CD2 . TYR A 1 138 ? 3.962   14.589  -1.884  1.00 17.92 ? 160 TYR A CD2 1 
ATOM   1136 C CE1 . TYR A 1 138 ? 5.603   16.827  -2.111  1.00 19.59 ? 160 TYR A CE1 1 
ATOM   1137 C CE2 . TYR A 1 138 ? 4.710   14.803  -3.056  1.00 19.02 ? 160 TYR A CE2 1 
ATOM   1138 C CZ  . TYR A 1 138 ? 5.529   15.921  -3.158  1.00 19.75 ? 160 TYR A CZ  1 
ATOM   1139 O OH  . TYR A 1 138 ? 6.274   16.141  -4.302  1.00 22.08 ? 160 TYR A OH  1 
ATOM   1140 N N   . SER A 1 139 ? 1.072   17.003  -1.593  1.00 13.70 ? 161 SER A N   1 
ATOM   1141 C CA  . SER A 1 139 ? 0.369   16.961  -2.872  1.00 14.45 ? 161 SER A CA  1 
ATOM   1142 C C   . SER A 1 139 ? 1.298   17.266  -4.038  1.00 14.55 ? 161 SER A C   1 
ATOM   1143 O O   . SER A 1 139 ? 2.259   18.020  -3.896  1.00 14.20 ? 161 SER A O   1 
ATOM   1144 C CB  . SER A 1 139 ? -0.803  17.946  -2.892  1.00 15.19 ? 161 SER A CB  1 
ATOM   1145 O OG  . SER A 1 139 ? -1.806  17.598  -1.951  1.00 18.28 ? 161 SER A OG  1 
ATOM   1146 N N   . LYS A 1 140 ? 0.998   16.676  -5.186  1.00 14.08 ? 162 LYS A N   1 
ATOM   1147 C CA  . LYS A 1 140 ? 1.685   17.008  -6.425  1.00 14.86 ? 162 LYS A CA  1 
ATOM   1148 C C   . LYS A 1 140 ? 0.751   16.708  -7.583  1.00 14.89 ? 162 LYS A C   1 
ATOM   1149 O O   . LYS A 1 140 ? -0.156  15.878  -7.477  1.00 15.24 ? 162 LYS A O   1 
ATOM   1150 C CB  . LYS A 1 140 ? 2.993   16.226  -6.558  1.00 15.28 ? 162 LYS A CB  1 
ATOM   1151 C CG  . LYS A 1 140 ? 2.817   14.740  -6.857  1.00 16.21 ? 162 LYS A CG  1 
ATOM   1152 C CD  . LYS A 1 140 ? 4.121   13.968  -6.690  1.00 17.62 ? 162 LYS A CD  1 
ATOM   1153 C CE  . LYS A 1 140 ? 5.197   14.436  -7.673  1.00 18.40 ? 162 LYS A CE  1 
ATOM   1154 N NZ  . LYS A 1 140 ? 6.384   13.534  -7.705  1.00 20.18 ? 162 LYS A NZ  1 
ATOM   1155 N N   . LYS A 1 141 ? 0.967   17.408  -8.686  1.00 14.45 ? 163 LYS A N   1 
ATOM   1156 C CA  . LYS A 1 141 ? 0.255   17.154  -9.919  1.00 14.60 ? 163 LYS A CA  1 
ATOM   1157 C C   . LYS A 1 141 ? 1.014   16.090  -10.697 1.00 13.55 ? 163 LYS A C   1 
ATOM   1158 O O   . LYS A 1 141 ? 2.224   16.201  -10.879 1.00 14.72 ? 163 LYS A O   1 
ATOM   1159 C CB  . LYS A 1 141 ? 0.175   18.439  -10.739 1.00 15.47 ? 163 LYS A CB  1 
ATOM   1160 C CG  . LYS A 1 141 ? -0.865  18.425  -11.839 1.00 18.50 ? 163 LYS A CG  1 
ATOM   1161 C CD  . LYS A 1 141 ? -0.824  19.705  -12.693 1.00 22.56 ? 163 LYS A CD  1 
ATOM   1162 C CE  . LYS A 1 141 ? 0.512   19.884  -13.439 1.00 23.85 ? 163 LYS A CE  1 
ATOM   1163 N NZ  . LYS A 1 141 ? 0.724   18.895  -14.538 1.00 25.44 ? 163 LYS A NZ  1 
ATOM   1164 N N   . GLY A 1 142 ? 0.315   15.048  -11.133 1.00 12.28 ? 164 GLY A N   1 
ATOM   1165 C CA  . GLY A 1 142 ? 0.947   14.011  -11.926 1.00 11.68 ? 164 GLY A CA  1 
ATOM   1166 C C   . GLY A 1 142 ? 0.013   12.889  -12.317 1.00 11.11 ? 164 GLY A C   1 
ATOM   1167 O O   . GLY A 1 142 ? -1.205  13.071  -12.404 1.00 11.44 ? 164 GLY A O   1 
ATOM   1168 N N   . GLU A 1 143 ? 0.602   11.728  -12.571 1.00 10.37 ? 165 GLU A N   1 
ATOM   1169 C CA  . GLU A 1 143 ? -0.140  10.518  -12.887 1.00 10.50 ? 165 GLU A CA  1 
ATOM   1170 C C   . GLU A 1 143 ? 0.757   9.344   -12.518 1.00 10.28 ? 165 GLU A C   1 
ATOM   1171 O O   . GLU A 1 143 ? 1.983   9.492   -12.460 1.00 10.55 ? 165 GLU A O   1 
ATOM   1172 C CB  . GLU A 1 143 ? -0.513  10.501  -14.383 1.00 10.73 ? 165 GLU A CB  1 
ATOM   1173 C CG  . GLU A 1 143 ? -1.292  9.270   -14.879 1.00 12.40 ? 165 GLU A CG  1 
ATOM   1174 C CD  . GLU A 1 143 ? -2.578  9.021   -14.108 1.00 13.91 ? 165 GLU A CD  1 
ATOM   1175 O OE1 . GLU A 1 143 ? -3.625  9.595   -14.481 1.00 14.51 ? 165 GLU A OE1 1 
ATOM   1176 O OE2 . GLU A 1 143 ? -2.548  8.239   -13.124 1.00 12.77 ? 165 GLU A OE2 1 
ATOM   1177 N N   . TYR A 1 144 ? 0.151   8.186   -12.268 1.00 10.58 ? 166 TYR A N   1 
ATOM   1178 C CA  . TYR A 1 144 ? 0.920   6.952   -12.056 1.00 10.49 ? 166 TYR A CA  1 
ATOM   1179 C C   . TYR A 1 144 ? 0.349   5.747   -12.809 1.00 11.07 ? 166 TYR A C   1 
ATOM   1180 O O   . TYR A 1 144 ? 1.027   4.735   -12.934 1.00 10.53 ? 166 TYR A O   1 
ATOM   1181 C CB  . TYR A 1 144 ? 1.074   6.611   -10.559 1.00 10.56 ? 166 TYR A CB  1 
ATOM   1182 C CG  . TYR A 1 144 ? -0.247  6.357   -9.867  1.00 10.13 ? 166 TYR A CG  1 
ATOM   1183 C CD1 . TYR A 1 144 ? -0.840  5.088   -9.871  1.00 11.08 ? 166 TYR A CD1 1 
ATOM   1184 C CD2 . TYR A 1 144 ? -0.926  7.392   -9.238  1.00 11.79 ? 166 TYR A CD2 1 
ATOM   1185 C CE1 . TYR A 1 144 ? -2.071  4.864   -9.256  1.00 11.79 ? 166 TYR A CE1 1 
ATOM   1186 C CE2 . TYR A 1 144 ? -2.149  7.180   -8.614  1.00 13.77 ? 166 TYR A CE2 1 
ATOM   1187 C CZ  . TYR A 1 144 ? -2.718  5.915   -8.635  1.00 12.14 ? 166 TYR A CZ  1 
ATOM   1188 O OH  . TYR A 1 144 ? -3.936  5.725   -8.018  1.00 15.06 ? 166 TYR A OH  1 
ATOM   1189 N N   . ARG A 1 145 ? -0.883  5.854   -13.307 1.00 12.21 ? 167 ARG A N   1 
ATOM   1190 C CA  . ARG A 1 145 ? -1.555  4.722   -13.957 1.00 13.18 ? 167 ARG A CA  1 
ATOM   1191 C C   . ARG A 1 145 ? -1.091  4.592   -15.399 1.00 14.60 ? 167 ARG A C   1 
ATOM   1192 O O   . ARG A 1 145 ? -1.088  5.579   -16.138 1.00 15.19 ? 167 ARG A O   1 
ATOM   1193 C CB  . ARG A 1 145 ? -3.074  4.894   -13.885 1.00 13.26 ? 167 ARG A CB  1 
ATOM   1194 C CG  . ARG A 1 145 ? -3.606  4.890   -12.452 1.00 13.26 ? 167 ARG A CG  1 
ATOM   1195 C CD  . ARG A 1 145 ? -4.998  5.462   -12.346 1.00 13.89 ? 167 ARG A CD  1 
ATOM   1196 N NE  . ARG A 1 145 ? -5.027  6.878   -12.703 1.00 14.03 ? 167 ARG A NE  1 
ATOM   1197 C CZ  . ARG A 1 145 ? -6.126  7.626   -12.746 1.00 16.05 ? 167 ARG A CZ  1 
ATOM   1198 N NH1 . ARG A 1 145 ? -7.309  7.103   -12.448 1.00 16.24 ? 167 ARG A NH1 1 
ATOM   1199 N NH2 . ARG A 1 145 ? -6.040  8.904   -13.087 1.00 16.43 ? 167 ARG A NH2 1 
ATOM   1200 N N   . THR A 1 146 ? -0.682  3.387   -15.786 1.00 15.90 ? 168 THR A N   1 
ATOM   1201 C CA  . THR A 1 146 ? -0.177  3.143   -17.135 1.00 17.80 ? 168 THR A CA  1 
ATOM   1202 C C   . THR A 1 146 ? -1.140  2.305   -17.976 1.00 18.93 ? 168 THR A C   1 
ATOM   1203 O O   . THR A 1 146 ? -0.906  2.106   -19.171 1.00 19.59 ? 168 THR A O   1 
ATOM   1204 C CB  . THR A 1 146 ? 1.206   2.455   -17.127 1.00 17.86 ? 168 THR A CB  1 
ATOM   1205 O OG1 . THR A 1 146 ? 1.068   1.116   -16.646 1.00 18.40 ? 168 THR A OG1 1 
ATOM   1206 C CG2 . THR A 1 146 ? 2.207   3.234   -16.266 1.00 17.95 ? 168 THR A CG2 1 
ATOM   1207 N N   . HIS A 1 147 ? -2.210  1.809   -17.359 1.00 19.80 ? 169 HIS A N   1 
ATOM   1208 C CA  . HIS A 1 147 ? -3.213  0.998   -18.058 1.00 21.32 ? 169 HIS A CA  1 
ATOM   1209 C C   . HIS A 1 147 ? -4.497  1.801   -18.229 1.00 22.25 ? 169 HIS A C   1 
ATOM   1210 O O   . HIS A 1 147 ? -5.040  2.321   -17.251 1.00 22.27 ? 169 HIS A O   1 
ATOM   1211 C CB  . HIS A 1 147 ? -3.504  -0.297  -17.290 1.00 21.16 ? 169 HIS A CB  1 
ATOM   1212 C CG  . HIS A 1 147 ? -2.342  -1.235  -17.223 1.00 22.23 ? 169 HIS A CG  1 
ATOM   1213 N ND1 . HIS A 1 147 ? -1.377  -1.158  -16.240 1.00 23.06 ? 169 HIS A ND1 1 
ATOM   1214 C CD2 . HIS A 1 147 ? -1.985  -2.270  -18.020 1.00 23.24 ? 169 HIS A CD2 1 
ATOM   1215 C CE1 . HIS A 1 147 ? -0.479  -2.108  -16.434 1.00 23.18 ? 169 HIS A CE1 1 
ATOM   1216 N NE2 . HIS A 1 147 ? -0.825  -2.796  -17.506 1.00 24.75 ? 169 HIS A NE2 1 
ATOM   1217 N N   . GLN A 1 148 ? -4.972  1.905   -19.471 1.00 23.86 ? 170 GLN A N   1 
ATOM   1218 C CA  . GLN A 1 148 ? -6.175  2.682   -19.798 1.00 25.11 ? 170 GLN A CA  1 
ATOM   1219 C C   . GLN A 1 148 ? -7.415  2.219   -19.029 1.00 25.51 ? 170 GLN A C   1 
ATOM   1220 O O   . GLN A 1 148 ? -8.220  3.041   -18.579 1.00 25.96 ? 170 GLN A O   1 
ATOM   1221 C CB  . GLN A 1 148 ? -6.442  2.654   -21.313 1.00 25.54 ? 170 GLN A CB  1 
ATOM   1222 C CG  . GLN A 1 148 ? -7.546  3.605   -21.792 1.00 27.22 ? 170 GLN A CG  1 
ATOM   1223 C CD  . GLN A 1 148 ? -7.336  5.043   -21.338 1.00 29.22 ? 170 GLN A CD  1 
ATOM   1224 O OE1 . GLN A 1 148 ? -6.277  5.635   -21.562 1.00 31.03 ? 170 GLN A OE1 1 
ATOM   1225 N NE2 . GLN A 1 148 ? -8.352  5.614   -20.698 1.00 30.27 ? 170 GLN A NE2 1 
ATOM   1226 N N   . GLU A 1 149 ? -7.554  0.902   -18.891 1.00 26.07 ? 171 GLU A N   1 
ATOM   1227 C CA  . GLU A 1 149 ? -8.654  0.327   -18.160 1.00 26.73 ? 171 GLU A CA  1 
ATOM   1228 C C   . GLU A 1 149 ? -8.763  0.763   -16.717 1.00 26.36 ? 171 GLU A C   1 
ATOM   1229 O O   . GLU A 1 149 ? -9.785  0.670   -16.164 1.00 26.56 ? 171 GLU A O   1 
ATOM   1230 C CB  . GLU A 1 149 ? -8.620  -1.158  -18.256 1.00 27.12 ? 171 GLU A CB  1 
ATOM   1231 C CG  . GLU A 1 149 ? -8.549  -1.575  -19.709 1.00 29.26 ? 171 GLU A CG  1 
ATOM   1232 C CD  . GLU A 1 149 ? -7.240  -1.289  -20.407 1.00 32.02 ? 171 GLU A CD  1 
ATOM   1233 O OE1 . GLU A 1 149 ? -6.194  -1.089  -19.742 1.00 33.19 ? 171 GLU A OE1 1 
ATOM   1234 O OE2 . GLU A 1 149 ? -7.271  -1.338  -21.648 1.00 33.18 ? 171 GLU A OE2 1 
ATOM   1235 N N   . ASP A 1 150 ? -7.685  1.282   -16.153 1.00 25.79 ? 172 ASP A N   1 
ATOM   1236 C CA  . ASP A 1 150 ? -7.674  1.816   -14.790 1.00 25.42 ? 172 ASP A CA  1 
ATOM   1237 C C   . ASP A 1 150 ? -8.045  3.303   -14.691 1.00 26.16 ? 172 ASP A C   1 
ATOM   1238 O O   . ASP A 1 150 ? -8.419  3.779   -13.616 1.00 26.68 ? 172 ASP A O   1 
ATOM   1239 C CB  . ASP A 1 150 ? -6.310  1.567   -14.131 1.00 24.17 ? 172 ASP A CB  1 
ATOM   1240 C CG  . ASP A 1 150 ? -6.036  0.091   -13.891 1.00 21.43 ? 172 ASP A CG  1 
ATOM   1241 O OD1 . ASP A 1 150 ? -6.987  -0.654  -13.573 1.00 19.19 ? 172 ASP A OD1 1 
ATOM   1242 O OD2 . ASP A 1 150 ? -4.866  -0.322  -14.018 1.00 16.39 ? 172 ASP A OD2 1 
ATOM   1243 N N   A ILE A 1 151 ? -7.942  4.026   -15.804 0.50 26.55 ? 173 ILE A N   1 
ATOM   1244 N N   B ILE A 1 151 ? -7.949  4.013   -15.815 0.50 26.45 ? 173 ILE A N   1 
ATOM   1245 C CA  A ILE A 1 151 ? -8.236  5.458   -15.816 0.50 26.83 ? 173 ILE A CA  1 
ATOM   1246 C CA  B ILE A 1 151 ? -8.177  5.459   -15.855 0.50 26.66 ? 173 ILE A CA  1 
ATOM   1247 C C   A ILE A 1 151 ? -9.679  5.748   -16.221 0.50 27.00 ? 173 ILE A C   1 
ATOM   1248 C C   B ILE A 1 151 ? -9.584  5.825   -16.324 0.50 26.78 ? 173 ILE A C   1 
ATOM   1249 O O   A ILE A 1 151 ? -10.459 6.283   -15.430 0.50 27.20 ? 173 ILE A O   1 
ATOM   1250 O O   B ILE A 1 151 ? -10.409 4.954   -16.603 0.50 26.88 ? 173 ILE A O   1 
ATOM   1251 C CB  A ILE A 1 151 ? -7.278  6.223   -16.743 0.50 26.93 ? 173 ILE A CB  1 
ATOM   1252 C CB  B ILE A 1 151 ? -7.151  6.156   -16.765 0.50 26.73 ? 173 ILE A CB  1 
ATOM   1253 C CG1 A ILE A 1 151 ? -5.829  5.975   -16.319 0.50 26.74 ? 173 ILE A CG1 1 
ATOM   1254 C CG1 B ILE A 1 151 ? -5.733  5.723   -16.389 0.50 26.50 ? 173 ILE A CG1 1 
ATOM   1255 C CG2 A ILE A 1 151 ? -7.602  7.710   -16.723 0.50 26.90 ? 173 ILE A CG2 1 
ATOM   1256 C CG2 B ILE A 1 151 ? -7.304  7.668   -16.676 0.50 26.75 ? 173 ILE A CG2 1 
ATOM   1257 C CD1 A ILE A 1 151 ? -4.807  6.704   -17.162 0.50 26.97 ? 173 ILE A CD1 1 
ATOM   1258 C CD1 B ILE A 1 151 ? -4.655  6.304   -17.275 0.50 26.47 ? 173 ILE A CD1 1 
HETATM 1259 S S   . DMS B 2 .   ? 2.762   9.004   9.777   1.00 15.02 ? 201 DMS A S   1 
HETATM 1260 O O   . DMS B 2 .   ? 1.213   9.114   10.428  1.00 13.18 ? 201 DMS A O   1 
HETATM 1261 C C1  . DMS B 2 .   ? 3.872   9.956   10.836  1.00 13.22 ? 201 DMS A C1  1 
HETATM 1262 C C2  . DMS B 2 .   ? 3.130   7.253   10.113  1.00 12.72 ? 201 DMS A C2  1 
HETATM 1263 S S   . SO4 C 3 .   ? 7.933   4.771   1.231   1.00 30.00 ? 202 SO4 A S   1 
HETATM 1264 O O1  . SO4 C 3 .   ? 8.335   6.109   1.653   1.00 30.00 ? 202 SO4 A O1  1 
HETATM 1265 O O2  . SO4 C 3 .   ? 8.710   3.775   1.964   1.00 30.00 ? 202 SO4 A O2  1 
HETATM 1266 O O3  . SO4 C 3 .   ? 6.512   4.579   1.508   1.00 30.00 ? 202 SO4 A O3  1 
HETATM 1267 O O4  . SO4 C 3 .   ? 8.174   4.619   -0.201  1.00 30.00 ? 202 SO4 A O4  1 
HETATM 1268 C CAD . 68N D 4 .   ? -5.588  7.807   6.519   0.50 20.00 ? 203 68N A CAD 1 
HETATM 1269 C CAB . 68N D 4 .   ? -4.214  7.893   6.454   0.50 20.00 ? 203 68N A CAB 1 
HETATM 1270 C CAC . 68N D 4 .   ? -3.432  6.809   6.589   0.50 20.00 ? 203 68N A CAC 1 
HETATM 1271 C CAE . 68N D 4 .   ? -4.086  5.560   6.757   0.50 20.00 ? 203 68N A CAE 1 
HETATM 1272 C CAK . 68N D 4 .   ? -5.466  5.423   6.809   0.50 20.00 ? 203 68N A CAK 1 
HETATM 1273 C CAJ . 68N D 4 .   ? -6.228  6.576   6.696   0.50 20.00 ? 203 68N A CAJ 1 
HETATM 1274 C CAH . 68N D 4 .   ? -7.760  6.551   6.719   0.50 20.00 ? 203 68N A CAH 1 
HETATM 1275 C CAG . 68N D 4 .   ? -8.237  5.232   7.280   0.50 20.00 ? 203 68N A CAG 1 
HETATM 1276 N NAI . 68N D 4 .   ? -7.494  4.102   6.794   0.50 20.00 ? 203 68N A NAI 1 
HETATM 1277 C CAL . 68N D 4 .   ? -6.067  4.063   7.016   0.50 20.00 ? 203 68N A CAL 1 
HETATM 1278 C CAF . 68N D 4 .   ? -5.649  3.744   8.466   0.50 20.00 ? 203 68N A CAF 1 
HETATM 1279 O OAA . 68N D 4 .   ? -4.535  2.874   8.733   0.50 20.00 ? 203 68N A OAA 1 
HETATM 1280 C CAJ . 6BT E 5 .   ? -7.778  6.591   6.709   0.50 20.00 ? 204 6BT A CAJ 1 
HETATM 1281 C CAG . 6BT E 5 .   ? -5.659  2.935   6.156   0.50 20.00 ? 204 6BT A CAG 1 
HETATM 1282 C CAI . 6BT E 5 .   ? -8.332  5.290   7.245   0.50 20.00 ? 204 6BT A CAI 1 
HETATM 1283 C CAL . 6BT E 5 .   ? -6.244  6.582   6.692   0.50 20.00 ? 204 6BT A CAL 1 
HETATM 1284 O OAA . 6BT E 5 .   ? -6.694  1.928   6.025   0.50 20.00 ? 204 6BT A OAA 1 
HETATM 1285 C CAN . 6BT E 5 .   ? -6.252  4.068   6.990   0.50 20.00 ? 204 6BT A CAN 1 
HETATM 1286 N NAK . 6BT E 5 .   ? -7.656  4.161   6.690   0.50 20.00 ? 204 6BT A NAK 1 
HETATM 1287 C CAM . 6BT E 5 .   ? -5.529  5.403   6.803   0.50 20.00 ? 204 6BT A CAM 1 
HETATM 1288 C CAE . 6BT E 5 .   ? -5.578  7.804   6.523   0.50 20.00 ? 204 6BT A CAE 1 
HETATM 1289 C CAC . 6BT E 5 .   ? -4.201  7.873   6.458   0.50 20.00 ? 204 6BT A CAC 1 
HETATM 1290 C CAD . 6BT E 5 .   ? -3.450  6.766   6.589   0.50 20.00 ? 204 6BT A CAD 1 
HETATM 1291 C CAF . 6BT E 5 .   ? -4.136  5.524   6.750   0.50 20.00 ? 204 6BT A CAF 1 
HETATM 1292 O O   . HOH F 6 .   ? -8.098  4.412   -11.359 1.00 30.00 ? 301 HOH A O   1 
HETATM 1293 O O   . HOH F 6 .   ? -8.393  12.755  2.599   1.00 30.00 ? 302 HOH A O   1 
HETATM 1294 O O   . HOH F 6 .   ? 4.667   2.041   -13.620 1.00 30.00 ? 303 HOH A O   1 
HETATM 1295 O O   . HOH F 6 .   ? 9.632   9.176   5.720   1.00 30.00 ? 304 HOH A O   1 
HETATM 1296 O O   . HOH F 6 .   ? 6.211   5.385   -11.865 1.00 30.00 ? 305 HOH A O   1 
HETATM 1297 O O   . HOH F 6 .   ? 12.899  3.146   11.910  1.00 30.00 ? 306 HOH A O   1 
HETATM 1298 O O   . HOH F 6 .   ? 4.272   13.622  -11.144 1.00 17.33 ? 307 HOH A O   1 
HETATM 1299 O O   . HOH F 6 .   ? 0.885   17.595  -18.933 1.00 27.12 ? 308 HOH A O   1 
HETATM 1300 O O   . HOH F 6 .   ? -13.182 -6.024  -4.638  1.00 9.89  ? 309 HOH A O   1 
HETATM 1301 O O   . HOH F 6 .   ? -8.136  13.141  6.420   1.00 15.77 ? 310 HOH A O   1 
HETATM 1302 O O   . HOH F 6 .   ? 0.669   7.900   12.644  1.00 11.66 ? 311 HOH A O   1 
HETATM 1303 O O   . HOH F 6 .   ? -2.169  -17.594 16.474  1.00 30.00 ? 312 HOH A O   1 
HETATM 1304 O O   . HOH F 6 .   ? 1.192   7.389   7.661   1.00 13.65 ? 313 HOH A O   1 
HETATM 1305 O O   . HOH F 6 .   ? -8.036  0.446   -9.881  1.00 17.80 ? 314 HOH A O   1 
HETATM 1306 O O   . HOH F 6 .   ? 12.485  -11.075 2.727   1.00 26.62 ? 315 HOH A O   1 
HETATM 1307 O O   . HOH F 6 .   ? 6.853   -8.064  -6.749  1.00 19.40 ? 316 HOH A O   1 
HETATM 1308 O O   . HOH F 6 .   ? 15.655  4.650   5.084   1.00 27.12 ? 317 HOH A O   1 
HETATM 1309 O O   . HOH F 6 .   ? 8.910   -7.111  -3.760  1.00 12.57 ? 318 HOH A O   1 
HETATM 1310 O O   . HOH F 6 .   ? -7.477  -11.057 13.312  1.00 11.59 ? 319 HOH A O   1 
HETATM 1311 O O   . HOH F 6 .   ? -12.550 -5.364  4.813   1.00 17.89 ? 320 HOH A O   1 
HETATM 1312 O O   . HOH F 6 .   ? 0.058   -17.271 5.512   1.00 26.38 ? 321 HOH A O   1 
HETATM 1313 O O   . HOH F 6 .   ? -2.791  1.494   -14.305 1.00 15.93 ? 322 HOH A O   1 
HETATM 1314 O O   . HOH F 6 .   ? 3.239   11.997  13.944  1.00 12.41 ? 323 HOH A O   1 
HETATM 1315 O O   . HOH F 6 .   ? 9.156   12.269  7.205   1.00 21.53 ? 324 HOH A O   1 
HETATM 1316 O O   . HOH F 6 .   ? -12.684 -6.011  -12.537 1.00 21.66 ? 325 HOH A O   1 
HETATM 1317 O O   . HOH F 6 .   ? -5.473  18.467  -10.915 1.00 25.40 ? 326 HOH A O   1 
HETATM 1318 O O   . HOH F 6 .   ? -16.148 -11.155 -2.560  1.00 10.30 ? 327 HOH A O   1 
HETATM 1319 O O   . HOH F 6 .   ? 3.472   7.419   7.035   1.00 30.00 ? 328 HOH A O   1 
HETATM 1320 O O   . HOH F 6 .   ? 3.572   4.200   -12.027 1.00 13.02 ? 329 HOH A O   1 
HETATM 1321 O O   . HOH F 6 .   ? 7.908   12.742  -10.176 1.00 21.36 ? 330 HOH A O   1 
HETATM 1322 O O   . HOH F 6 .   ? 1.937   -14.732 -2.445  1.00 15.26 ? 331 HOH A O   1 
HETATM 1323 O O   . HOH F 6 .   ? 11.818  -10.160 13.123  1.00 30.00 ? 332 HOH A O   1 
HETATM 1324 O O   . HOH F 6 .   ? 4.496   14.085  10.307  1.00 13.87 ? 333 HOH A O   1 
HETATM 1325 O O   . HOH F 6 .   ? 10.194  4.484   4.980   1.00 13.06 ? 334 HOH A O   1 
HETATM 1326 O O   . HOH F 6 .   ? -7.970  1.317   -2.044  1.00 8.85  ? 335 HOH A O   1 
HETATM 1327 O O   . HOH F 6 .   ? 10.623  0.189   7.319   1.00 7.22  ? 336 HOH A O   1 
HETATM 1328 O O   . HOH F 6 .   ? 5.200   17.469  -14.508 1.00 16.40 ? 337 HOH A O   1 
HETATM 1329 O O   . HOH F 6 .   ? -12.945 -19.835 1.093   1.00 30.00 ? 338 HOH A O   1 
HETATM 1330 O O   . HOH F 6 .   ? -6.368  -18.540 3.845   1.00 14.73 ? 339 HOH A O   1 
HETATM 1331 O O   . HOH F 6 .   ? 11.171  -12.845 -1.160  1.00 14.77 ? 340 HOH A O   1 
HETATM 1332 O O   . HOH F 6 .   ? -7.547  -7.210  -9.866  1.00 15.26 ? 341 HOH A O   1 
HETATM 1333 O O   . HOH F 6 .   ? 5.529   -2.289  -8.968  1.00 21.36 ? 342 HOH A O   1 
HETATM 1334 O O   . HOH F 6 .   ? -7.686  10.449  3.769   1.00 15.93 ? 343 HOH A O   1 
HETATM 1335 O O   . HOH F 6 .   ? -13.565 -15.289 -8.183  1.00 10.50 ? 344 HOH A O   1 
HETATM 1336 O O   . HOH F 6 .   ? 7.797   -1.524  -9.333  1.00 30.00 ? 345 HOH A O   1 
HETATM 1337 O O   . HOH F 6 .   ? 2.205   13.834  -20.085 1.00 18.72 ? 346 HOH A O   1 
HETATM 1338 O O   . HOH F 6 .   ? 3.615   18.886  2.186   1.00 24.38 ? 347 HOH A O   1 
HETATM 1339 O O   . HOH F 6 .   ? 12.783  7.165   7.142   1.00 24.30 ? 348 HOH A O   1 
HETATM 1340 O O   . HOH F 6 .   ? 12.583  -0.168  -3.572  1.00 20.95 ? 349 HOH A O   1 
HETATM 1341 O O   . HOH F 6 .   ? -14.217 2.379   2.792   1.00 30.00 ? 350 HOH A O   1 
HETATM 1342 O O   . HOH F 6 .   ? -10.018 3.507   -8.552  1.00 20.56 ? 351 HOH A O   1 
HETATM 1343 O O   . HOH F 6 .   ? 6.270   -13.690 10.256  1.00 16.68 ? 352 HOH A O   1 
HETATM 1344 O O   . HOH F 6 .   ? -15.072 -15.353 1.290   1.00 21.12 ? 353 HOH A O   1 
HETATM 1345 O O   . HOH F 6 .   ? 2.083   19.393  -0.580  1.00 31.73 ? 354 HOH A O   1 
HETATM 1346 O O   . HOH F 6 .   ? -11.623 5.238   4.728   1.00 17.42 ? 355 HOH A O   1 
HETATM 1347 O O   . HOH F 6 .   ? 9.553   5.648   13.497  1.00 18.11 ? 356 HOH A O   1 
HETATM 1348 O O   . HOH F 6 .   ? -10.043 9.621   -7.606  1.00 23.15 ? 357 HOH A O   1 
HETATM 1349 O O   . HOH F 6 .   ? -6.107  -1.193  8.604   1.00 14.48 ? 358 HOH A O   1 
HETATM 1350 O O   . HOH F 6 .   ? 1.096   -2.085  12.401  1.00 15.16 ? 359 HOH A O   1 
HETATM 1351 O O   . HOH F 6 .   ? -1.744  -0.413  9.766   1.00 30.00 ? 360 HOH A O   1 
HETATM 1352 O O   . HOH F 6 .   ? -13.991 -11.345 2.317   1.00 30.00 ? 361 HOH A O   1 
HETATM 1353 O O   . HOH F 6 .   ? 0.241   19.746  4.102   1.00 23.56 ? 362 HOH A O   1 
HETATM 1354 O O   . HOH F 6 .   ? -14.872 -12.492 -0.105  1.00 16.55 ? 363 HOH A O   1 
HETATM 1355 O O   . HOH F 6 .   ? 10.131  -3.406  14.920  1.00 22.54 ? 364 HOH A O   1 
HETATM 1356 O O   . HOH F 6 .   ? -11.587 -8.864  7.393   1.00 24.93 ? 365 HOH A O   1 
HETATM 1357 O O   . HOH F 6 .   ? 2.617   16.752  -13.672 1.00 15.56 ? 366 HOH A O   1 
HETATM 1358 O O   . HOH F 6 .   ? 7.906   -15.222 -0.719  1.00 15.37 ? 367 HOH A O   1 
HETATM 1359 O O   . HOH F 6 .   ? 11.777  -2.034  -3.397  1.00 30.00 ? 368 HOH A O   1 
HETATM 1360 O O   . HOH F 6 .   ? 5.634   -4.916  -8.260  1.00 14.35 ? 369 HOH A O   1 
HETATM 1361 O O   . HOH F 6 .   ? 0.080   -18.456 -1.873  1.00 21.27 ? 370 HOH A O   1 
HETATM 1362 O O   . HOH F 6 .   ? -11.159 5.337   -5.511  1.00 22.01 ? 371 HOH A O   1 
HETATM 1363 O O   . HOH F 6 .   ? 12.092  5.962   11.701  1.00 30.00 ? 372 HOH A O   1 
HETATM 1364 O O   . HOH F 6 .   ? -9.302  7.488   -9.587  1.00 23.41 ? 373 HOH A O   1 
HETATM 1365 O O   . HOH F 6 .   ? -5.365  -3.590  12.998  1.00 28.53 ? 374 HOH A O   1 
HETATM 1366 O O   . HOH F 6 .   ? 2.163   -15.769 8.414   1.00 17.40 ? 375 HOH A O   1 
HETATM 1367 O O   . HOH F 6 .   ? -3.454  3.126   4.521   1.00 16.69 ? 376 HOH A O   1 
HETATM 1368 O O   . HOH F 6 .   ? -12.558 -1.635  6.253   1.00 28.18 ? 377 HOH A O   1 
HETATM 1369 O O   . HOH F 6 .   ? -11.002 -2.205  8.169   1.00 30.00 ? 378 HOH A O   1 
HETATM 1370 O O   . HOH F 6 .   ? -10.292 9.870   0.473   1.00 19.09 ? 379 HOH A O   1 
HETATM 1371 O O   . HOH F 6 .   ? -3.878  0.189   7.749   1.00 14.73 ? 380 HOH A O   1 
HETATM 1372 O O   . HOH F 6 .   ? -9.542  -0.114  -12.125 1.00 30.00 ? 381 HOH A O   1 
HETATM 1373 O O   . HOH F 6 .   ? -9.586  8.692   2.784   1.00 15.17 ? 382 HOH A O   1 
HETATM 1374 O O   . HOH F 6 .   ? 14.556  0.605   11.597  1.00 13.83 ? 383 HOH A O   1 
HETATM 1375 O O   . HOH F 6 .   ? 12.209  -6.963  -3.816  1.00 21.62 ? 384 HOH A O   1 
HETATM 1376 O O   . HOH F 6 .   ? -13.781 0.008   1.315   1.00 25.61 ? 385 HOH A O   1 
HETATM 1377 O O   . HOH F 6 .   ? -4.413  -17.719 5.433   1.00 14.30 ? 386 HOH A O   1 
HETATM 1378 O O   . HOH F 6 .   ? -5.812  -5.490  -13.152 1.00 30.00 ? 387 HOH A O   1 
HETATM 1379 O O   . HOH F 6 .   ? 12.044  0.746   14.790  1.00 27.82 ? 388 HOH A O   1 
HETATM 1380 O O   . HOH F 6 .   ? 12.638  -11.817 0.756   1.00 26.46 ? 389 HOH A O   1 
HETATM 1381 O O   . HOH F 6 .   ? 0.445   3.693   10.142  1.00 14.59 ? 390 HOH A O   1 
HETATM 1382 O O   . HOH F 6 .   ? -1.846  -10.370 -6.451  1.00 12.22 ? 391 HOH A O   1 
HETATM 1383 O O   . HOH F 6 .   ? -5.732  -17.871 -2.181  1.00 11.29 ? 392 HOH A O   1 
HETATM 1384 O O   . HOH F 6 .   ? 12.132  -4.462  -4.650  1.00 26.55 ? 393 HOH A O   1 
HETATM 1385 O O   . HOH F 6 .   ? 5.280   -14.118 -3.050  1.00 22.32 ? 394 HOH A O   1 
HETATM 1386 O O   . HOH F 6 .   ? -4.687  -17.999 12.698  1.00 25.36 ? 395 HOH A O   1 
HETATM 1387 O O   . HOH F 6 .   ? 11.139  -1.062  15.461  1.00 30.00 ? 396 HOH A O   1 
HETATM 1388 O O   . HOH F 6 .   ? -11.707 -16.553 2.111   1.00 26.94 ? 397 HOH A O   1 
HETATM 1389 O O   . HOH F 6 .   ? 15.441  0.268   14.163  1.00 27.98 ? 398 HOH A O   1 
HETATM 1390 O O   . HOH F 6 .   ? -7.366  10.687  6.714   1.00 17.23 ? 399 HOH A O   1 
HETATM 1391 O O   . HOH F 6 .   ? 0.980   1.049   10.773  1.00 25.15 ? 400 HOH A O   1 
HETATM 1392 O O   . HOH F 6 .   ? -5.049  -20.188 2.157   1.00 19.49 ? 401 HOH A O   1 
HETATM 1393 O O   . HOH F 6 .   ? -8.038  -21.303 -3.939  1.00 14.35 ? 402 HOH A O   1 
HETATM 1394 O O   . HOH F 6 .   ? 2.923   21.278  -18.289 1.00 30.00 ? 403 HOH A O   1 
HETATM 1395 O O   . HOH F 6 .   ? -10.391 -22.560 -3.307  1.00 23.14 ? 404 HOH A O   1 
HETATM 1396 O O   . HOH F 6 .   ? 3.756   6.482   15.734  1.00 17.38 ? 405 HOH A O   1 
HETATM 1397 O O   . HOH F 6 .   ? 2.173   4.279   14.911  1.00 30.00 ? 406 HOH A O   1 
# 
